data_4KBR
#
_entry.id   4KBR
#
_cell.length_a   81.997
_cell.length_b   83.876
_cell.length_c   268.721
_cell.angle_alpha   90.000
_cell.angle_beta   90.000
_cell.angle_gamma   90.000
#
_symmetry.space_group_name_H-M   'P 21 21 21'
#
loop_
_entity.id
_entity.type
_entity.pdbx_description
1 polymer 'Glycolipid transfer protein domain-containing protein 1'
2 non-polymer 'PHOSPHATE ION'
3 water water
#
_entity_poly.entity_id   1
_entity_poly.type   'polypeptide(L)'
_entity_poly.pdbx_seq_one_letter_code
;SMDDSEKDFNLKVVLVSFKQCLTDKGEVLLDHYIAGWKGLVRFLNSLGAVFSFISKDVVAKLQIMERLRSSPQSEHYTSL
QSMVAYEVSNKLVDMDHRSHPRHPHSGCRTVLRLHRALHWLQLFLDGLRTSSEDARTSTLCSEAYNATLANYHSWIVRQA
VTVAFCALPSRKVFLEAMNMESTEQAVEMLGEALPFIEHVYDISQKLYAEHSLLDLP
;
_entity_poly.pdbx_strand_id   A,B,C,D,E,F,G,H
#
# COMPACT_ATOMS: atom_id res chain seq x y z
N PHE A 9 -32.66 -0.53 29.08
CA PHE A 9 -31.45 -0.64 28.28
C PHE A 9 -30.22 -0.44 29.15
N ASN A 10 -29.15 -1.15 28.83
CA ASN A 10 -27.91 -1.04 29.58
C ASN A 10 -26.78 -1.74 28.82
N LEU A 11 -25.54 -1.38 29.13
CA LEU A 11 -24.43 -1.82 28.30
C LEU A 11 -24.11 -3.28 28.45
N LYS A 12 -24.40 -3.83 29.62
CA LYS A 12 -24.11 -5.23 29.89
C LYS A 12 -24.84 -6.08 28.88
N VAL A 13 -26.14 -5.84 28.74
CA VAL A 13 -26.97 -6.54 27.78
C VAL A 13 -26.45 -6.38 26.36
N VAL A 14 -25.99 -5.18 26.02
CA VAL A 14 -25.41 -4.94 24.70
C VAL A 14 -24.16 -5.77 24.45
N LEU A 15 -23.19 -5.73 25.34
CA LEU A 15 -21.91 -6.39 25.05
C LEU A 15 -22.06 -7.91 25.07
N VAL A 16 -23.14 -8.41 25.69
CA VAL A 16 -23.33 -9.86 25.75
C VAL A 16 -23.65 -10.39 24.35
N SER A 17 -24.12 -9.52 23.44
CA SER A 17 -24.25 -9.91 22.05
C SER A 17 -22.94 -10.50 21.51
N PHE A 18 -21.80 -9.96 21.94
CA PHE A 18 -20.52 -10.47 21.44
C PHE A 18 -20.05 -11.80 22.05
N LYS A 19 -20.57 -12.15 23.22
CA LYS A 19 -20.34 -13.46 23.77
C LYS A 19 -21.18 -14.46 22.98
N GLN A 20 -22.44 -14.06 22.74
CA GLN A 20 -23.43 -14.86 22.03
C GLN A 20 -23.11 -15.13 20.56
N CYS A 21 -22.33 -14.27 19.90
CA CYS A 21 -22.11 -14.44 18.47
C CYS A 21 -21.05 -15.51 18.17
N LEU A 22 -20.36 -15.99 19.20
CA LEU A 22 -19.30 -16.97 19.01
C LEU A 22 -19.77 -18.43 19.08
N THR A 23 -19.41 -19.18 18.04
CA THR A 23 -19.69 -20.60 18.01
C THR A 23 -18.50 -21.36 18.52
N ASP A 24 -18.67 -22.62 18.89
CA ASP A 24 -17.56 -23.39 19.43
C ASP A 24 -16.58 -23.82 18.34
N LYS A 25 -16.88 -23.47 17.09
CA LYS A 25 -15.94 -23.70 15.98
C LYS A 25 -15.11 -22.45 15.68
N GLY A 26 -15.31 -21.40 16.47
CA GLY A 26 -14.59 -20.16 16.24
C GLY A 26 -15.18 -19.25 15.17
N GLU A 27 -16.45 -19.48 14.83
CA GLU A 27 -17.14 -18.59 13.90
C GLU A 27 -17.82 -17.42 14.59
N VAL A 28 -18.00 -16.35 13.82
CA VAL A 28 -18.63 -15.14 14.33
C VAL A 28 -19.97 -15.01 13.65
N LEU A 29 -21.04 -15.15 14.41
CA LEU A 29 -22.39 -15.11 13.83
C LEU A 29 -22.78 -13.69 13.49
N LEU A 30 -23.22 -13.47 12.26
CA LEU A 30 -23.50 -12.12 11.81
C LEU A 30 -24.64 -11.46 12.56
N ASP A 31 -25.68 -12.23 12.89
CA ASP A 31 -26.87 -11.63 13.51
C ASP A 31 -26.63 -10.97 14.87
N HIS A 32 -25.81 -11.61 15.72
CA HIS A 32 -25.49 -11.08 17.04
C HIS A 32 -24.48 -9.96 16.97
N TYR A 33 -23.58 -10.06 16.00
CA TYR A 33 -22.60 -9.03 15.67
C TYR A 33 -23.31 -7.72 15.34
N ILE A 34 -24.31 -7.79 14.47
CA ILE A 34 -25.13 -6.63 14.15
C ILE A 34 -25.80 -6.06 15.39
N ALA A 35 -26.38 -6.95 16.21
CA ALA A 35 -27.14 -6.54 17.40
C ALA A 35 -26.26 -5.87 18.47
N GLY A 36 -25.03 -6.37 18.60
CA GLY A 36 -24.07 -5.77 19.48
C GLY A 36 -23.77 -4.36 18.99
N TRP A 37 -23.52 -4.20 17.70
CA TRP A 37 -23.23 -2.87 17.20
C TRP A 37 -24.45 -1.94 17.30
N LYS A 38 -25.65 -2.45 17.05
CA LYS A 38 -26.84 -1.60 17.20
C LYS A 38 -26.91 -0.99 18.59
N GLY A 39 -26.55 -1.79 19.60
CA GLY A 39 -26.54 -1.36 20.99
C GLY A 39 -25.44 -0.36 21.29
N LEU A 40 -24.24 -0.62 20.76
CA LEU A 40 -23.13 0.30 20.90
C LEU A 40 -23.45 1.67 20.30
N VAL A 41 -24.08 1.68 19.13
CA VAL A 41 -24.54 2.94 18.58
C VAL A 41 -25.53 3.66 19.51
N ARG A 42 -26.47 2.92 20.07
CA ARG A 42 -27.43 3.52 21.00
C ARG A 42 -26.65 4.16 22.17
N PHE A 43 -25.61 3.47 22.64
CA PHE A 43 -24.80 3.98 23.74
C PHE A 43 -24.03 5.25 23.35
N LEU A 44 -23.37 5.21 22.20
CA LEU A 44 -22.60 6.37 21.70
C LEU A 44 -23.53 7.58 21.58
N ASN A 45 -24.73 7.37 21.05
CA ASN A 45 -25.68 8.46 20.90
C ASN A 45 -26.16 9.08 22.22
N SER A 46 -26.16 8.31 23.29
CA SER A 46 -26.59 8.80 24.60
C SER A 46 -25.56 9.73 25.23
N LEU A 47 -24.44 9.94 24.54
CA LEU A 47 -23.35 10.80 24.99
C LEU A 47 -23.20 12.06 24.14
N GLY A 48 -24.26 12.44 23.43
CA GLY A 48 -24.22 13.66 22.64
C GLY A 48 -23.90 13.43 21.17
N ALA A 49 -23.18 14.37 20.57
CA ALA A 49 -22.97 14.35 19.12
C ALA A 49 -21.53 14.18 18.71
N VAL A 50 -20.62 14.14 19.67
CA VAL A 50 -19.19 14.05 19.37
C VAL A 50 -18.86 12.83 18.51
N PHE A 51 -19.66 11.76 18.64
CA PHE A 51 -19.37 10.48 17.98
C PHE A 51 -20.13 10.21 16.68
N SER A 52 -21.01 11.13 16.30
CA SER A 52 -21.86 10.95 15.11
C SER A 52 -21.06 10.74 13.81
N PHE A 53 -19.79 11.12 13.80
CA PHE A 53 -19.00 10.97 12.58
C PHE A 53 -18.60 9.51 12.43
N ILE A 54 -18.73 8.77 13.54
CA ILE A 54 -18.54 7.32 13.55
C ILE A 54 -19.90 6.63 13.55
N SER A 55 -20.75 7.03 14.48
CA SER A 55 -22.08 6.48 14.66
C SER A 55 -22.98 6.51 13.40
N LYS A 56 -23.08 7.66 12.73
CA LYS A 56 -23.93 7.76 11.54
C LYS A 56 -23.46 6.80 10.45
N ASP A 57 -22.14 6.62 10.37
CA ASP A 57 -21.52 5.75 9.39
C ASP A 57 -21.75 4.29 9.75
N VAL A 58 -21.53 3.96 11.02
CA VAL A 58 -21.79 2.61 11.52
C VAL A 58 -23.24 2.18 11.22
N VAL A 59 -24.22 3.03 11.50
CA VAL A 59 -25.62 2.67 11.26
C VAL A 59 -25.91 2.36 9.79
N ALA A 60 -25.37 3.18 8.90
CA ALA A 60 -25.54 2.97 7.47
C ALA A 60 -24.97 1.62 7.01
N LYS A 61 -23.87 1.21 7.62
CA LYS A 61 -23.23 -0.05 7.22
C LYS A 61 -23.99 -1.25 7.77
N LEU A 62 -24.58 -1.05 8.95
CA LEU A 62 -25.39 -2.07 9.54
C LEU A 62 -26.60 -2.33 8.66
N GLN A 63 -27.17 -1.27 8.12
CA GLN A 63 -28.33 -1.44 7.26
C GLN A 63 -27.95 -2.27 6.03
N ILE A 64 -26.74 -2.01 5.52
CA ILE A 64 -26.23 -2.76 4.39
C ILE A 64 -26.17 -4.24 4.73
N MET A 65 -25.69 -4.56 5.92
CA MET A 65 -25.58 -5.95 6.37
C MET A 65 -26.94 -6.64 6.62
N GLU A 66 -27.89 -5.89 7.20
CA GLU A 66 -29.21 -6.41 7.46
C GLU A 66 -29.90 -6.78 6.15
N ARG A 67 -29.69 -5.97 5.12
CA ARG A 67 -30.29 -6.24 3.81
C ARG A 67 -29.63 -7.45 3.17
N LEU A 68 -28.33 -7.59 3.36
CA LEU A 68 -27.70 -8.80 2.85
C LEU A 68 -28.28 -10.02 3.59
N ARG A 69 -28.43 -9.92 4.89
CA ARG A 69 -28.82 -11.06 5.69
C ARG A 69 -30.31 -11.43 5.51
N SER A 70 -31.13 -10.45 5.15
CA SER A 70 -32.53 -10.72 4.89
C SER A 70 -32.74 -11.20 3.46
N SER A 71 -31.73 -11.06 2.63
CA SER A 71 -31.85 -11.33 1.21
C SER A 71 -32.08 -12.82 0.89
N PRO A 72 -32.36 -13.13 -0.37
CA PRO A 72 -32.44 -14.55 -0.76
C PRO A 72 -31.12 -15.27 -0.58
N GLN A 73 -30.05 -14.56 -0.25
CA GLN A 73 -28.77 -15.19 -0.06
C GLN A 73 -28.51 -15.43 1.42
N SER A 74 -29.57 -15.30 2.20
CA SER A 74 -29.46 -15.26 3.65
C SER A 74 -28.56 -16.35 4.23
N GLU A 75 -28.61 -17.56 3.68
CA GLU A 75 -27.84 -18.66 4.24
C GLU A 75 -26.35 -18.40 4.13
N HIS A 76 -25.97 -17.53 3.19
CA HIS A 76 -24.56 -17.30 2.98
C HIS A 76 -24.01 -16.27 3.98
N TYR A 77 -24.87 -15.40 4.50
CA TYR A 77 -24.41 -14.35 5.42
C TYR A 77 -24.68 -14.67 6.87
N THR A 78 -24.64 -15.95 7.17
CA THR A 78 -24.96 -16.45 8.48
C THR A 78 -23.82 -16.13 9.47
N SER A 79 -22.57 -16.24 9.02
CA SER A 79 -21.41 -15.90 9.83
C SER A 79 -20.44 -15.09 8.97
N LEU A 80 -19.51 -14.39 9.62
CA LEU A 80 -18.46 -13.69 8.89
C LEU A 80 -17.70 -14.68 8.03
N GLN A 81 -17.42 -15.85 8.56
CA GLN A 81 -16.74 -16.87 7.78
C GLN A 81 -17.50 -17.27 6.52
N SER A 82 -18.81 -17.47 6.62
CA SER A 82 -19.55 -17.95 5.45
C SER A 82 -19.73 -16.81 4.47
N MET A 83 -19.79 -15.60 4.98
CA MET A 83 -19.86 -14.42 4.14
C MET A 83 -18.64 -14.35 3.24
N VAL A 84 -17.46 -14.35 3.86
CA VAL A 84 -16.20 -14.33 3.14
C VAL A 84 -16.06 -15.47 2.14
N ALA A 85 -16.32 -16.71 2.56
CA ALA A 85 -16.24 -17.86 1.64
C ALA A 85 -17.13 -17.63 0.44
N TYR A 86 -18.35 -17.17 0.68
CA TYR A 86 -19.29 -16.94 -0.40
C TYR A 86 -18.91 -15.74 -1.29
N GLU A 87 -18.65 -14.58 -0.70
CA GLU A 87 -18.43 -13.40 -1.53
C GLU A 87 -17.14 -13.49 -2.35
N VAL A 88 -16.12 -14.09 -1.78
CA VAL A 88 -14.88 -14.27 -2.49
C VAL A 88 -15.04 -15.30 -3.62
N SER A 89 -15.56 -16.49 -3.29
CA SER A 89 -15.67 -17.56 -4.27
C SER A 89 -16.58 -17.21 -5.43
N ASN A 90 -17.55 -16.32 -5.23
CA ASN A 90 -18.40 -15.89 -6.35
C ASN A 90 -17.98 -14.54 -6.91
N LYS A 91 -16.76 -14.13 -6.59
CA LYS A 91 -16.19 -12.86 -7.07
C LYS A 91 -17.15 -11.68 -6.92
N LEU A 92 -17.60 -11.42 -5.69
CA LEU A 92 -18.60 -10.39 -5.43
C LEU A 92 -18.03 -9.24 -4.62
N VAL A 93 -16.72 -9.28 -4.40
CA VAL A 93 -15.98 -8.26 -3.66
C VAL A 93 -14.76 -7.68 -4.40
N ASP A 94 -14.65 -6.35 -4.43
CA ASP A 94 -13.51 -5.65 -5.05
C ASP A 94 -12.23 -5.81 -4.27
N MET A 95 -11.25 -6.56 -4.79
CA MET A 95 -10.03 -6.75 -4.03
C MET A 95 -8.95 -5.67 -4.27
N ASP A 96 -9.03 -4.96 -5.39
CA ASP A 96 -7.99 -3.96 -5.77
C ASP A 96 -8.52 -2.56 -6.05
N HIS A 97 -7.66 -1.72 -6.64
CA HIS A 97 -8.06 -0.38 -7.06
C HIS A 97 -7.85 -0.19 -8.56
N PRO A 101 -13.98 -0.72 -9.45
CA PRO A 101 -14.92 -1.14 -8.40
C PRO A 101 -16.31 -1.43 -8.95
N ARG A 102 -16.76 -2.66 -8.81
CA ARG A 102 -18.05 -3.10 -9.33
C ARG A 102 -19.05 -3.41 -8.19
N HIS A 103 -18.53 -3.75 -7.01
CA HIS A 103 -19.35 -4.09 -5.86
C HIS A 103 -19.07 -3.25 -4.60
N PRO A 104 -19.54 -2.00 -4.60
CA PRO A 104 -19.21 -1.04 -3.54
C PRO A 104 -19.82 -1.32 -2.18
N HIS A 105 -20.80 -2.20 -2.08
CA HIS A 105 -21.47 -2.43 -0.80
C HIS A 105 -21.38 -3.86 -0.34
N SER A 106 -20.34 -4.57 -0.78
CA SER A 106 -20.18 -5.97 -0.41
C SER A 106 -20.08 -6.15 1.09
N GLY A 107 -20.44 -7.35 1.54
CA GLY A 107 -20.34 -7.64 2.96
C GLY A 107 -18.92 -7.54 3.48
N CYS A 108 -17.99 -8.10 2.72
CA CYS A 108 -16.58 -8.12 3.08
C CYS A 108 -16.02 -6.73 3.36
N ARG A 109 -16.28 -5.78 2.47
CA ARG A 109 -15.73 -4.44 2.64
C ARG A 109 -16.52 -3.65 3.66
N THR A 110 -17.78 -3.98 3.86
CA THR A 110 -18.61 -3.26 4.81
C THR A 110 -18.25 -3.64 6.23
N VAL A 111 -18.08 -4.94 6.45
CA VAL A 111 -17.76 -5.44 7.77
C VAL A 111 -16.36 -4.98 8.16
N LEU A 112 -15.46 -4.84 7.18
CA LEU A 112 -14.10 -4.34 7.43
C LEU A 112 -14.13 -2.99 8.17
N ARG A 113 -14.99 -2.08 7.72
CA ARG A 113 -15.15 -0.79 8.41
C ARG A 113 -15.72 -0.96 9.83
N LEU A 114 -16.72 -1.83 9.98
CA LEU A 114 -17.31 -2.10 11.31
C LEU A 114 -16.27 -2.71 12.22
N HIS A 115 -15.48 -3.59 11.65
CA HIS A 115 -14.37 -4.24 12.34
C HIS A 115 -13.33 -3.25 12.86
N ARG A 116 -12.86 -2.36 11.98
CA ARG A 116 -11.91 -1.32 12.37
C ARG A 116 -12.50 -0.40 13.44
N ALA A 117 -13.75 0.03 13.25
CA ALA A 117 -14.39 0.89 14.22
C ALA A 117 -14.58 0.13 15.52
N LEU A 118 -14.74 -1.20 15.44
CA LEU A 118 -14.94 -1.97 16.67
C LEU A 118 -13.63 -2.00 17.49
N HIS A 119 -12.49 -2.08 16.81
CA HIS A 119 -11.20 -2.01 17.46
C HIS A 119 -11.03 -0.71 18.26
N TRP A 120 -11.46 0.40 17.66
CA TRP A 120 -11.41 1.68 18.36
C TRP A 120 -12.29 1.60 19.58
N LEU A 121 -13.52 1.10 19.41
CA LEU A 121 -14.43 1.10 20.52
C LEU A 121 -13.97 0.18 21.66
N GLN A 122 -13.34 -0.94 21.33
CA GLN A 122 -12.83 -1.83 22.37
C GLN A 122 -11.70 -1.18 23.21
N LEU A 123 -10.71 -0.60 22.56
CA LEU A 123 -9.62 0.06 23.27
C LEU A 123 -10.11 1.25 24.11
N PHE A 124 -11.05 2.02 23.58
CA PHE A 124 -11.60 3.13 24.32
C PHE A 124 -12.30 2.70 25.61
N LEU A 125 -13.18 1.72 25.49
CA LEU A 125 -13.90 1.19 26.65
C LEU A 125 -12.94 0.58 27.68
N ASP A 126 -11.88 -0.08 27.19
CA ASP A 126 -10.89 -0.67 28.09
C ASP A 126 -10.04 0.40 28.74
N GLY A 127 -9.83 1.51 28.04
CA GLY A 127 -9.11 2.61 28.62
C GLY A 127 -9.98 3.23 29.70
N LEU A 128 -11.24 3.44 29.39
CA LEU A 128 -12.23 3.97 30.34
C LEU A 128 -12.26 3.14 31.63
N ARG A 129 -12.12 1.84 31.47
CA ARG A 129 -12.17 0.88 32.58
C ARG A 129 -11.00 0.95 33.56
N THR A 130 -9.77 1.02 33.03
CA THR A 130 -8.55 0.94 33.86
C THR A 130 -8.02 2.27 34.33
N SER A 131 -8.74 3.34 34.03
CA SER A 131 -8.23 4.66 34.30
C SER A 131 -8.58 5.15 35.69
N SER A 132 -7.80 6.12 36.17
CA SER A 132 -8.12 6.79 37.41
C SER A 132 -9.51 7.44 37.29
N GLU A 133 -10.04 7.87 38.42
CA GLU A 133 -11.43 8.28 38.48
C GLU A 133 -11.70 9.51 37.63
N ASP A 134 -10.94 10.56 37.85
CA ASP A 134 -11.12 11.83 37.13
C ASP A 134 -10.32 11.89 35.83
N ALA A 135 -9.90 10.73 35.32
CA ALA A 135 -9.09 10.66 34.10
C ALA A 135 -9.68 11.44 32.92
N ARG A 136 -8.84 11.87 32.01
CA ARG A 136 -9.32 12.74 30.96
C ARG A 136 -9.89 11.93 29.79
N THR A 137 -11.18 12.09 29.54
CA THR A 137 -11.91 11.36 28.49
C THR A 137 -11.35 11.64 27.08
N SER A 138 -11.08 12.90 26.78
CA SER A 138 -10.56 13.23 25.47
C SER A 138 -9.25 12.48 25.23
N THR A 139 -8.51 12.24 26.30
CA THR A 139 -7.20 11.62 26.22
C THR A 139 -7.31 10.10 25.99
N LEU A 140 -8.19 9.46 26.77
CA LEU A 140 -8.44 8.02 26.70
C LEU A 140 -8.90 7.69 25.29
N CYS A 141 -9.83 8.51 24.80
CA CYS A 141 -10.39 8.35 23.46
C CYS A 141 -9.33 8.57 22.37
N SER A 142 -8.52 9.61 22.55
CA SER A 142 -7.52 9.97 21.55
C SER A 142 -6.41 8.91 21.41
N GLU A 143 -5.97 8.35 22.53
CA GLU A 143 -5.03 7.24 22.47
C GLU A 143 -5.67 6.05 21.74
N ALA A 144 -6.94 5.76 22.05
CA ALA A 144 -7.62 4.62 21.39
C ALA A 144 -7.75 4.85 19.90
N TYR A 145 -8.17 6.06 19.53
CA TYR A 145 -8.30 6.41 18.14
C TYR A 145 -6.95 6.31 17.39
N ASN A 146 -5.90 6.90 17.96
CA ASN A 146 -4.61 6.94 17.26
C ASN A 146 -4.07 5.54 17.04
N ALA A 147 -4.35 4.64 17.96
CA ALA A 147 -3.94 3.25 17.82
C ALA A 147 -4.73 2.51 16.73
N THR A 148 -5.91 3.01 16.37
CA THR A 148 -6.80 2.27 15.48
C THR A 148 -7.26 3.03 14.23
N LEU A 149 -8.42 3.66 14.35
CA LEU A 149 -9.09 4.34 13.23
C LEU A 149 -8.21 5.40 12.53
N ALA A 150 -7.36 6.08 13.29
CA ALA A 150 -6.47 7.08 12.72
C ALA A 150 -5.67 6.53 11.52
N ASN A 151 -5.35 5.26 11.54
CA ASN A 151 -4.63 4.64 10.42
C ASN A 151 -5.44 4.54 9.14
N TYR A 152 -6.69 4.99 9.15
CA TYR A 152 -7.56 4.85 7.98
C TYR A 152 -8.24 6.15 7.65
N HIS A 153 -7.93 7.18 8.44
CA HIS A 153 -8.47 8.52 8.22
C HIS A 153 -7.42 9.47 7.60
N SER A 154 -7.88 10.59 7.07
CA SER A 154 -6.96 11.61 6.51
C SER A 154 -6.55 12.61 7.55
N TRP A 155 -5.45 13.29 7.26
CA TRP A 155 -4.88 14.28 8.13
C TRP A 155 -5.92 15.24 8.64
N ILE A 156 -6.76 15.71 7.74
CA ILE A 156 -7.77 16.67 8.12
C ILE A 156 -8.75 16.00 9.10
N VAL A 157 -9.20 14.80 8.79
CA VAL A 157 -10.07 14.05 9.70
C VAL A 157 -9.42 13.79 11.06
N ARG A 158 -8.18 13.30 11.09
CA ARG A 158 -7.48 13.02 12.37
C ARG A 158 -7.42 14.29 13.24
N GLN A 159 -7.05 15.41 12.62
CA GLN A 159 -6.93 16.70 13.31
C GLN A 159 -8.27 17.22 13.85
N ALA A 160 -9.30 17.20 13.01
CA ALA A 160 -10.65 17.63 13.39
C ALA A 160 -11.22 16.79 14.53
N VAL A 161 -11.15 15.49 14.34
CA VAL A 161 -11.60 14.51 15.31
C VAL A 161 -10.86 14.65 16.65
N THR A 162 -9.53 14.82 16.62
CA THR A 162 -8.74 14.89 17.86
C THR A 162 -9.16 16.08 18.73
N VAL A 163 -9.57 17.16 18.08
CA VAL A 163 -10.04 18.37 18.77
C VAL A 163 -11.44 18.14 19.36
N ALA A 164 -12.29 17.51 18.56
CA ALA A 164 -13.65 17.12 18.95
C ALA A 164 -13.68 16.35 20.26
N PHE A 165 -12.66 15.53 20.48
CA PHE A 165 -12.62 14.68 21.66
C PHE A 165 -12.63 15.52 22.92
N CYS A 166 -12.16 16.77 22.82
CA CYS A 166 -12.14 17.66 23.98
C CYS A 166 -13.58 18.02 24.47
N ALA A 167 -14.59 17.91 23.60
CA ALA A 167 -15.98 18.16 24.01
C ALA A 167 -16.66 16.95 24.67
N LEU A 168 -15.89 15.91 24.98
CA LEU A 168 -16.44 14.67 25.53
C LEU A 168 -16.69 14.78 27.04
N PRO A 169 -17.80 14.18 27.52
CA PRO A 169 -18.22 14.14 28.92
C PRO A 169 -17.16 13.53 29.84
N SER A 170 -17.34 13.71 31.14
CA SER A 170 -16.45 13.14 32.13
C SER A 170 -16.54 11.61 32.17
N ARG A 171 -15.54 10.99 32.77
CA ARG A 171 -15.59 9.56 32.94
C ARG A 171 -16.86 9.08 33.68
N LYS A 172 -17.25 9.77 34.75
CA LYS A 172 -18.44 9.38 35.50
C LYS A 172 -19.68 9.38 34.59
N VAL A 173 -19.82 10.42 33.76
CA VAL A 173 -20.95 10.51 32.83
C VAL A 173 -20.90 9.36 31.83
N PHE A 174 -19.70 8.91 31.49
CA PHE A 174 -19.58 7.76 30.63
C PHE A 174 -20.09 6.49 31.31
N LEU A 175 -19.50 6.17 32.46
CA LEU A 175 -19.91 4.99 33.20
C LEU A 175 -21.38 5.02 33.56
N GLU A 176 -21.88 6.18 33.97
CA GLU A 176 -23.30 6.29 34.27
C GLU A 176 -24.16 5.99 33.04
N ALA A 177 -23.67 6.35 31.86
CA ALA A 177 -24.43 6.10 30.65
C ALA A 177 -24.56 4.59 30.40
N MET A 178 -23.72 3.80 31.06
CA MET A 178 -23.79 2.35 30.90
C MET A 178 -24.96 1.76 31.67
N ASN A 179 -25.61 2.57 32.51
CA ASN A 179 -26.85 2.22 33.22
C ASN A 179 -26.77 0.99 34.12
N MET A 180 -25.59 0.69 34.63
CA MET A 180 -25.45 -0.33 35.66
C MET A 180 -25.94 0.21 37.00
N GLU A 181 -25.90 -0.63 38.03
CA GLU A 181 -26.38 -0.28 39.37
C GLU A 181 -25.49 0.76 40.01
N SER A 182 -24.23 0.78 39.62
CA SER A 182 -23.28 1.71 40.17
C SER A 182 -22.12 1.88 39.22
N THR A 183 -21.36 2.94 39.44
CA THR A 183 -20.14 3.19 38.72
C THR A 183 -19.18 2.00 38.86
N GLU A 184 -19.00 1.49 40.08
CA GLU A 184 -18.11 0.36 40.25
C GLU A 184 -18.61 -0.87 39.50
N GLN A 185 -19.92 -1.08 39.54
CA GLN A 185 -20.48 -2.25 38.90
C GLN A 185 -20.23 -2.15 37.40
N ALA A 186 -20.39 -0.96 36.84
CA ALA A 186 -20.10 -0.75 35.42
C ALA A 186 -18.66 -1.14 35.07
N VAL A 187 -17.71 -0.78 35.94
CA VAL A 187 -16.32 -1.10 35.72
C VAL A 187 -16.12 -2.60 35.78
N GLU A 188 -16.84 -3.26 36.70
CA GLU A 188 -16.76 -4.71 36.82
C GLU A 188 -17.33 -5.37 35.57
N MET A 189 -18.50 -4.90 35.14
CA MET A 189 -19.13 -5.36 33.91
C MET A 189 -18.17 -5.28 32.69
N LEU A 190 -17.44 -4.17 32.55
CA LEU A 190 -16.51 -4.05 31.41
C LEU A 190 -15.40 -5.10 31.42
N GLY A 191 -14.88 -5.42 32.60
CA GLY A 191 -13.86 -6.45 32.70
C GLY A 191 -14.36 -7.83 32.28
N GLU A 192 -15.66 -8.09 32.50
CA GLU A 192 -16.29 -9.34 32.10
C GLU A 192 -16.57 -9.39 30.61
N ALA A 193 -17.01 -8.26 30.06
CA ALA A 193 -17.46 -8.19 28.67
C ALA A 193 -16.33 -8.06 27.62
N LEU A 194 -15.40 -7.13 27.83
CA LEU A 194 -14.37 -6.84 26.81
C LEU A 194 -13.64 -8.04 26.26
N PRO A 195 -13.33 -9.05 27.10
CA PRO A 195 -12.66 -10.21 26.48
C PRO A 195 -13.43 -10.84 25.32
N PHE A 196 -14.74 -10.77 25.37
CA PHE A 196 -15.56 -11.33 24.30
C PHE A 196 -15.44 -10.47 23.06
N ILE A 197 -15.51 -9.15 23.25
CA ILE A 197 -15.36 -8.21 22.14
C ILE A 197 -14.01 -8.38 21.47
N GLU A 198 -12.99 -8.58 22.28
CA GLU A 198 -11.63 -8.75 21.78
C GLU A 198 -11.52 -10.05 20.98
N HIS A 199 -12.12 -11.11 21.52
CA HIS A 199 -12.03 -12.39 20.85
C HIS A 199 -12.70 -12.32 19.50
N VAL A 200 -13.85 -11.67 19.44
CA VAL A 200 -14.52 -11.46 18.16
C VAL A 200 -13.65 -10.67 17.22
N TYR A 201 -13.01 -9.62 17.73
CA TYR A 201 -12.10 -8.82 16.91
C TYR A 201 -10.93 -9.68 16.41
N ASP A 202 -10.28 -10.43 17.31
CA ASP A 202 -9.12 -11.23 16.91
C ASP A 202 -9.49 -12.23 15.85
N ILE A 203 -10.60 -12.94 16.05
CA ILE A 203 -11.05 -13.89 15.04
C ILE A 203 -11.30 -13.20 13.69
N SER A 204 -11.99 -12.06 13.72
CA SER A 204 -12.27 -11.30 12.50
C SER A 204 -11.00 -10.83 11.77
N GLN A 205 -10.06 -10.29 12.55
CA GLN A 205 -8.80 -9.77 12.03
C GLN A 205 -7.99 -10.88 11.37
N LYS A 206 -7.92 -12.02 12.03
CA LYS A 206 -7.24 -13.18 11.47
C LYS A 206 -7.93 -13.63 10.19
N LEU A 207 -9.25 -13.73 10.23
CA LEU A 207 -10.03 -14.15 9.06
C LEU A 207 -9.77 -13.24 7.87
N TYR A 208 -9.78 -11.94 8.11
CA TYR A 208 -9.53 -10.97 7.05
C TYR A 208 -8.05 -10.99 6.58
N ALA A 209 -7.12 -11.15 7.52
CA ALA A 209 -5.71 -11.23 7.18
C ALA A 209 -5.44 -12.43 6.28
N GLU A 210 -5.94 -13.59 6.68
CA GLU A 210 -5.73 -14.83 5.94
C GLU A 210 -6.35 -14.86 4.56
N HIS A 211 -7.22 -13.90 4.27
CA HIS A 211 -7.85 -13.85 2.97
C HIS A 211 -7.48 -12.60 2.20
N SER A 212 -6.47 -11.89 2.71
CA SER A 212 -6.02 -10.67 2.09
C SER A 212 -7.16 -9.68 1.90
N LEU A 213 -7.90 -9.40 2.97
CA LEU A 213 -9.03 -8.48 2.91
C LEU A 213 -8.80 -7.26 3.81
N LEU A 214 -7.62 -7.15 4.40
CA LEU A 214 -7.37 -6.08 5.36
C LEU A 214 -7.41 -4.69 4.74
N ASP A 215 -7.32 -4.59 3.41
CA ASP A 215 -7.34 -3.28 2.75
C ASP A 215 -8.36 -3.16 1.65
N LEU A 216 -9.45 -3.91 1.76
CA LEU A 216 -10.53 -3.77 0.78
C LEU A 216 -10.91 -2.31 0.58
N PRO A 217 -10.98 -1.88 -0.68
CA PRO A 217 -11.44 -0.52 -0.95
C PRO A 217 -12.89 -0.27 -0.57
N PHE B 9 -8.95 -27.05 9.17
CA PHE B 9 -7.60 -27.12 8.61
C PHE B 9 -6.52 -26.90 9.64
N ASN B 10 -5.43 -27.63 9.48
CA ASN B 10 -4.29 -27.52 10.38
C ASN B 10 -3.13 -28.26 9.73
N LEU B 11 -1.93 -27.92 10.15
CA LEU B 11 -0.75 -28.35 9.41
C LEU B 11 -0.40 -29.82 9.65
N LYS B 12 -0.80 -30.38 10.78
CA LYS B 12 -0.54 -31.80 11.04
C LYS B 12 -1.24 -32.68 10.00
N VAL B 13 -2.53 -32.41 9.76
CA VAL B 13 -3.31 -33.11 8.73
C VAL B 13 -2.69 -32.98 7.34
N VAL B 14 -2.17 -31.78 7.04
CA VAL B 14 -1.49 -31.51 5.76
C VAL B 14 -0.19 -32.29 5.58
N LEU B 15 0.72 -32.19 6.53
CA LEU B 15 2.03 -32.79 6.35
C LEU B 15 2.01 -34.33 6.41
N VAL B 16 0.97 -34.90 7.00
CA VAL B 16 0.91 -36.35 7.13
C VAL B 16 0.72 -37.02 5.77
N SER B 17 0.23 -36.25 4.80
CA SER B 17 0.14 -36.74 3.41
C SER B 17 1.47 -37.31 2.89
N PHE B 18 2.59 -36.72 3.31
CA PHE B 18 3.91 -37.13 2.85
C PHE B 18 4.38 -38.40 3.55
N LYS B 19 3.81 -38.67 4.72
CA LYS B 19 4.04 -39.93 5.38
C LYS B 19 3.28 -41.00 4.57
N GLN B 20 2.04 -40.65 4.21
CA GLN B 20 1.11 -41.50 3.50
C GLN B 20 1.54 -41.82 2.09
N CYS B 21 2.31 -40.94 1.47
CA CYS B 21 2.64 -41.13 0.07
C CYS B 21 3.76 -42.13 -0.14
N LEU B 22 4.40 -42.57 0.95
CA LEU B 22 5.54 -43.47 0.83
C LEU B 22 5.17 -44.96 0.87
N THR B 23 5.63 -45.74 -0.11
CA THR B 23 5.42 -47.20 -0.07
C THR B 23 6.65 -47.96 0.44
N ASP B 24 6.45 -49.21 0.83
CA ASP B 24 7.55 -50.00 1.36
C ASP B 24 8.54 -50.42 0.28
N LYS B 25 8.27 -50.09 -0.97
CA LYS B 25 9.26 -50.25 -2.03
C LYS B 25 10.00 -48.93 -2.30
N GLY B 26 9.72 -47.91 -1.49
CA GLY B 26 10.37 -46.64 -1.67
C GLY B 26 9.80 -45.77 -2.75
N GLU B 27 8.59 -46.08 -3.20
CA GLU B 27 7.94 -45.26 -4.22
C GLU B 27 7.19 -44.10 -3.58
N VAL B 28 7.01 -43.06 -4.37
CA VAL B 28 6.32 -41.87 -3.94
C VAL B 28 5.03 -41.78 -4.71
N LEU B 29 3.92 -41.95 -3.99
CA LEU B 29 2.61 -41.99 -4.61
C LEU B 29 2.18 -40.58 -4.96
N LEU B 30 1.76 -40.38 -6.19
CA LEU B 30 1.43 -39.03 -6.63
C LEU B 30 0.20 -38.41 -5.96
N ASP B 31 -0.84 -39.22 -5.70
CA ASP B 31 -2.07 -38.64 -5.17
C ASP B 31 -1.85 -37.97 -3.83
N HIS B 32 -1.04 -38.59 -2.98
CA HIS B 32 -0.77 -37.99 -1.68
C HIS B 32 0.24 -36.87 -1.78
N TYR B 33 1.20 -37.00 -2.70
CA TYR B 33 2.15 -35.92 -2.96
C TYR B 33 1.35 -34.68 -3.32
N ILE B 34 0.42 -34.84 -4.26
CA ILE B 34 -0.46 -33.74 -4.65
C ILE B 34 -1.23 -33.18 -3.45
N ALA B 35 -1.79 -34.07 -2.62
CA ALA B 35 -2.63 -33.65 -1.50
C ALA B 35 -1.81 -32.91 -0.45
N GLY B 36 -0.58 -33.32 -0.27
CA GLY B 36 0.31 -32.63 0.64
C GLY B 36 0.55 -31.22 0.17
N TRP B 37 0.78 -31.05 -1.13
CA TRP B 37 1.08 -29.74 -1.67
C TRP B 37 -0.14 -28.85 -1.57
N LYS B 38 -1.32 -29.43 -1.83
CA LYS B 38 -2.57 -28.68 -1.71
C LYS B 38 -2.73 -28.09 -0.32
N GLY B 39 -2.33 -28.85 0.70
CA GLY B 39 -2.38 -28.37 2.05
C GLY B 39 -1.36 -27.29 2.33
N LEU B 40 -0.12 -27.52 1.87
CA LEU B 40 0.91 -26.51 2.02
C LEU B 40 0.50 -25.18 1.35
N VAL B 41 -0.08 -25.23 0.15
CA VAL B 41 -0.56 -24.01 -0.50
C VAL B 41 -1.60 -23.28 0.36
N ARG B 42 -2.54 -24.06 0.91
CA ARG B 42 -3.59 -23.51 1.76
C ARG B 42 -2.92 -22.78 2.91
N PHE B 43 -1.85 -23.37 3.44
CA PHE B 43 -1.09 -22.78 4.53
C PHE B 43 -0.35 -21.52 4.09
N LEU B 44 0.34 -21.59 2.96
CA LEU B 44 1.07 -20.44 2.44
C LEU B 44 0.12 -19.25 2.23
N ASN B 45 -1.04 -19.50 1.68
CA ASN B 45 -2.02 -18.46 1.44
C ASN B 45 -2.58 -17.79 2.71
N SER B 46 -2.61 -18.50 3.84
CA SER B 46 -3.14 -17.93 5.08
C SER B 46 -2.21 -16.84 5.64
N LEU B 47 -1.11 -16.56 4.95
CA LEU B 47 -0.15 -15.59 5.42
C LEU B 47 -0.16 -14.30 4.58
N GLY B 48 -1.26 -14.10 3.86
CA GLY B 48 -1.37 -12.90 3.06
C GLY B 48 -0.96 -13.17 1.64
N ALA B 49 -0.23 -12.21 1.06
CA ALA B 49 0.12 -12.24 -0.35
C ALA B 49 1.62 -12.40 -0.55
N VAL B 50 2.35 -12.47 0.56
CA VAL B 50 3.81 -12.57 0.50
C VAL B 50 4.28 -13.77 -0.34
N PHE B 51 3.55 -14.88 -0.29
CA PHE B 51 3.97 -16.10 -0.97
C PHE B 51 3.25 -16.36 -2.29
N SER B 52 2.32 -15.47 -2.65
CA SER B 52 1.51 -15.68 -3.84
C SER B 52 2.35 -15.82 -5.12
N PHE B 53 3.61 -15.38 -5.08
CA PHE B 53 4.50 -15.47 -6.24
C PHE B 53 4.98 -16.91 -6.38
N ILE B 54 4.83 -17.67 -5.31
CA ILE B 54 5.11 -19.10 -5.26
C ILE B 54 3.83 -19.91 -5.35
N SER B 55 2.90 -19.57 -4.46
CA SER B 55 1.62 -20.26 -4.34
C SER B 55 0.85 -20.35 -5.65
N LYS B 56 0.68 -19.23 -6.35
CA LYS B 56 -0.13 -19.25 -7.57
C LYS B 56 0.52 -20.19 -8.59
N ASP B 57 1.84 -20.25 -8.56
CA ASP B 57 2.56 -21.11 -9.47
C ASP B 57 2.40 -22.60 -9.10
N VAL B 58 2.60 -22.93 -7.83
CA VAL B 58 2.43 -24.30 -7.37
C VAL B 58 1.05 -24.79 -7.72
N VAL B 59 0.03 -23.96 -7.50
CA VAL B 59 -1.35 -24.37 -7.78
C VAL B 59 -1.53 -24.74 -9.25
N ALA B 60 -0.93 -23.95 -10.13
CA ALA B 60 -0.99 -24.24 -11.57
C ALA B 60 -0.35 -25.59 -11.92
N LYS B 61 0.73 -25.94 -11.22
CA LYS B 61 1.41 -27.20 -11.48
C LYS B 61 0.65 -28.38 -10.87
N LEU B 62 -0.02 -28.14 -9.74
CA LEU B 62 -0.85 -29.16 -9.10
C LEU B 62 -1.95 -29.55 -10.05
N GLN B 63 -2.53 -28.56 -10.72
CA GLN B 63 -3.58 -28.86 -11.68
C GLN B 63 -3.08 -29.68 -12.86
N ILE B 64 -1.87 -29.38 -13.33
CA ILE B 64 -1.26 -30.13 -14.43
C ILE B 64 -1.15 -31.60 -14.08
N MET B 65 -0.69 -31.88 -12.87
CA MET B 65 -0.52 -33.24 -12.37
C MET B 65 -1.88 -33.90 -12.15
N GLU B 66 -2.83 -33.13 -11.64
CA GLU B 66 -4.17 -33.66 -11.41
C GLU B 66 -4.80 -34.13 -12.70
N ARG B 67 -4.59 -33.38 -13.78
CA ARG B 67 -5.19 -33.74 -15.06
C ARG B 67 -4.52 -34.97 -15.64
N LEU B 68 -3.20 -35.07 -15.48
CA LEU B 68 -2.49 -36.25 -15.94
C LEU B 68 -2.98 -37.48 -15.16
N ARG B 69 -3.18 -37.33 -13.86
CA ARG B 69 -3.57 -38.47 -13.03
C ARG B 69 -5.01 -38.92 -13.33
N SER B 70 -5.87 -37.98 -13.72
CA SER B 70 -7.27 -38.25 -14.03
C SER B 70 -7.46 -38.67 -15.48
N SER B 71 -6.40 -38.54 -16.25
CA SER B 71 -6.43 -38.82 -17.68
C SER B 71 -6.63 -40.31 -17.95
N PRO B 72 -6.83 -40.68 -19.22
CA PRO B 72 -6.85 -42.09 -19.60
C PRO B 72 -5.52 -42.79 -19.33
N GLN B 73 -4.49 -42.03 -18.98
CA GLN B 73 -3.17 -42.59 -18.70
C GLN B 73 -2.94 -42.78 -17.21
N SER B 74 -4.02 -42.72 -16.43
CA SER B 74 -3.97 -42.67 -14.98
C SER B 74 -3.03 -43.72 -14.32
N GLU B 75 -2.98 -44.94 -14.83
CA GLU B 75 -2.16 -45.97 -14.19
C GLU B 75 -0.66 -45.68 -14.24
N HIS B 76 -0.25 -44.83 -15.19
CA HIS B 76 1.17 -44.50 -15.33
C HIS B 76 1.62 -43.39 -14.39
N TYR B 77 0.68 -42.56 -13.94
CA TYR B 77 0.98 -41.45 -13.03
C TYR B 77 0.63 -41.77 -11.56
N THR B 78 0.73 -43.05 -11.23
CA THR B 78 0.39 -43.59 -9.94
C THR B 78 1.44 -43.25 -8.89
N SER B 79 2.69 -43.28 -9.29
CA SER B 79 3.82 -42.91 -8.45
C SER B 79 4.75 -42.03 -9.28
N LEU B 80 5.63 -41.28 -8.61
CA LEU B 80 6.65 -40.54 -9.36
C LEU B 80 7.47 -41.49 -10.20
N GLN B 81 7.83 -42.64 -9.62
CA GLN B 81 8.62 -43.64 -10.31
C GLN B 81 7.93 -44.11 -11.57
N SER B 82 6.63 -44.32 -11.49
CA SER B 82 5.93 -44.84 -12.64
C SER B 82 5.77 -43.75 -13.69
N MET B 83 5.64 -42.51 -13.25
CA MET B 83 5.59 -41.38 -14.15
C MET B 83 6.89 -41.27 -14.99
N VAL B 84 8.01 -41.18 -14.31
CA VAL B 84 9.30 -41.10 -14.97
C VAL B 84 9.50 -42.25 -15.98
N ALA B 85 9.28 -43.50 -15.55
CA ALA B 85 9.47 -44.64 -16.44
C ALA B 85 8.64 -44.47 -17.70
N TYR B 86 7.39 -44.02 -17.53
CA TYR B 86 6.46 -43.88 -18.64
C TYR B 86 6.79 -42.72 -19.59
N GLU B 87 6.95 -41.52 -19.05
CA GLU B 87 7.14 -40.33 -19.86
C GLU B 87 8.46 -40.39 -20.62
N VAL B 88 9.46 -41.01 -20.01
CA VAL B 88 10.74 -41.10 -20.68
C VAL B 88 10.66 -42.14 -21.80
N SER B 89 10.29 -43.35 -21.45
CA SER B 89 10.27 -44.43 -22.41
C SER B 89 9.34 -44.16 -23.59
N ASN B 90 8.28 -43.40 -23.37
CA ASN B 90 7.39 -43.01 -24.46
C ASN B 90 7.75 -41.66 -25.05
N LYS B 91 8.99 -41.20 -24.82
CA LYS B 91 9.49 -39.92 -25.34
C LYS B 91 8.47 -38.79 -25.16
N LEU B 92 8.06 -38.55 -23.93
CA LEU B 92 7.04 -37.53 -23.69
C LEU B 92 7.60 -36.34 -22.90
N VAL B 93 8.91 -36.32 -22.65
CA VAL B 93 9.53 -35.22 -21.91
C VAL B 93 10.76 -34.62 -22.61
N ASP B 94 10.82 -33.28 -22.67
CA ASP B 94 11.97 -32.54 -23.20
C ASP B 94 13.18 -32.73 -22.31
N MET B 95 14.18 -33.44 -22.80
CA MET B 95 15.37 -33.66 -22.00
C MET B 95 16.45 -32.57 -22.20
N ASP B 96 16.40 -31.84 -23.33
CA ASP B 96 17.42 -30.85 -23.74
C ASP B 96 16.91 -29.46 -24.05
N HIS B 97 17.76 -28.69 -24.73
CA HIS B 97 17.37 -27.38 -25.23
C HIS B 97 17.51 -27.32 -26.75
N HIS B 100 14.28 -27.61 -29.31
CA HIS B 100 13.13 -26.76 -28.95
C HIS B 100 12.05 -27.59 -28.27
N PRO B 101 11.44 -27.02 -27.22
CA PRO B 101 10.51 -27.73 -26.33
C PRO B 101 9.20 -28.12 -27.00
N ARG B 102 8.90 -29.40 -26.92
CA ARG B 102 7.71 -30.02 -27.50
C ARG B 102 6.66 -30.42 -26.42
N HIS B 103 7.14 -30.70 -25.20
CA HIS B 103 6.27 -31.09 -24.06
C HIS B 103 6.39 -30.18 -22.81
N PRO B 104 5.89 -28.95 -22.89
CA PRO B 104 6.09 -27.97 -21.83
C PRO B 104 5.37 -28.29 -20.52
N HIS B 105 4.47 -29.26 -20.52
CA HIS B 105 3.72 -29.61 -19.32
C HIS B 105 3.89 -31.06 -18.91
N SER B 106 5.02 -31.66 -19.27
CA SER B 106 5.27 -33.05 -18.92
C SER B 106 5.23 -33.19 -17.40
N GLY B 107 4.84 -34.38 -16.95
CA GLY B 107 4.77 -34.63 -15.53
C GLY B 107 6.12 -34.47 -14.86
N CYS B 108 7.13 -35.02 -15.52
CA CYS B 108 8.50 -34.99 -15.05
C CYS B 108 8.99 -33.58 -14.77
N ARG B 109 8.80 -32.68 -15.72
CA ARG B 109 9.33 -31.33 -15.52
C ARG B 109 8.43 -30.57 -14.58
N THR B 110 7.17 -31.01 -14.44
CA THR B 110 6.26 -30.27 -13.58
C THR B 110 6.57 -30.58 -12.12
N VAL B 111 6.78 -31.86 -11.85
CA VAL B 111 7.10 -32.34 -10.50
C VAL B 111 8.47 -31.84 -10.01
N LEU B 112 9.42 -31.70 -10.94
CA LEU B 112 10.75 -31.11 -10.61
C LEU B 112 10.62 -29.75 -9.93
N ARG B 113 9.76 -28.89 -10.47
CA ARG B 113 9.51 -27.57 -9.86
C ARG B 113 8.86 -27.68 -8.49
N LEU B 114 7.86 -28.54 -8.36
CA LEU B 114 7.23 -28.77 -7.07
C LEU B 114 8.27 -29.34 -6.12
N HIS B 115 9.08 -30.26 -6.65
CA HIS B 115 10.16 -30.87 -5.87
C HIS B 115 11.14 -29.82 -5.32
N ARG B 116 11.60 -28.92 -6.17
CA ARG B 116 12.48 -27.86 -5.71
C ARG B 116 11.79 -26.98 -4.68
N ALA B 117 10.54 -26.63 -4.94
CA ALA B 117 9.85 -25.74 -4.02
C ALA B 117 9.60 -26.43 -2.67
N LEU B 118 9.46 -27.74 -2.67
CA LEU B 118 9.27 -28.49 -1.42
C LEU B 118 10.51 -28.50 -0.54
N HIS B 119 11.68 -28.63 -1.16
CA HIS B 119 12.95 -28.56 -0.46
C HIS B 119 13.06 -27.26 0.29
N TRP B 120 12.66 -26.18 -0.36
CA TRP B 120 12.69 -24.89 0.31
C TRP B 120 11.79 -24.89 1.50
N LEU B 121 10.55 -25.31 1.28
CA LEU B 121 9.55 -25.26 2.33
C LEU B 121 9.98 -26.19 3.46
N GLN B 122 10.63 -27.29 3.11
CA GLN B 122 11.14 -28.18 4.13
C GLN B 122 12.21 -27.49 4.98
N LEU B 123 13.23 -26.89 4.36
CA LEU B 123 14.29 -26.24 5.13
C LEU B 123 13.76 -25.05 5.95
N PHE B 124 12.87 -24.27 5.37
CA PHE B 124 12.22 -23.17 6.06
C PHE B 124 11.47 -23.66 7.31
N LEU B 125 10.62 -24.67 7.16
CA LEU B 125 9.83 -25.14 8.30
C LEU B 125 10.72 -25.69 9.38
N ASP B 126 11.79 -26.37 8.99
CA ASP B 126 12.74 -26.93 9.94
C ASP B 126 13.56 -25.84 10.64
N GLY B 127 13.80 -24.76 9.93
CA GLY B 127 14.56 -23.68 10.50
C GLY B 127 13.70 -23.02 11.56
N LEU B 128 12.44 -22.79 11.20
CA LEU B 128 11.47 -22.25 12.13
C LEU B 128 11.41 -23.07 13.40
N ARG B 129 11.56 -24.38 13.24
CA ARG B 129 11.43 -25.30 14.35
C ARG B 129 12.59 -25.22 15.33
N THR B 130 13.80 -25.21 14.80
CA THR B 130 15.00 -25.27 15.65
C THR B 130 15.49 -23.88 16.06
N SER B 131 14.68 -22.87 15.76
CA SER B 131 15.09 -21.50 16.00
C SER B 131 14.67 -21.02 17.38
N SER B 132 15.40 -20.01 17.91
CA SER B 132 15.05 -19.32 19.14
C SER B 132 13.66 -18.68 19.01
N GLU B 133 13.09 -18.23 20.11
CA GLU B 133 11.71 -17.76 20.11
C GLU B 133 11.50 -16.51 19.26
N ASP B 134 12.30 -15.47 19.52
CA ASP B 134 12.13 -14.21 18.80
C ASP B 134 12.90 -14.10 17.50
N ALA B 135 13.42 -15.22 16.98
CA ALA B 135 14.19 -15.22 15.73
C ALA B 135 13.39 -14.58 14.56
N ARG B 136 14.10 -14.00 13.60
CA ARG B 136 13.47 -13.19 12.56
C ARG B 136 13.00 -14.07 11.40
N THR B 137 11.69 -14.08 11.18
CA THR B 137 11.08 -14.95 10.18
C THR B 137 11.64 -14.76 8.77
N SER B 138 11.72 -13.50 8.31
CA SER B 138 12.20 -13.20 6.97
C SER B 138 13.61 -13.76 6.73
N THR B 139 14.38 -13.93 7.81
CA THR B 139 15.74 -14.41 7.70
C THR B 139 15.75 -15.93 7.47
N LEU B 140 14.98 -16.62 8.29
CA LEU B 140 14.87 -18.07 8.20
C LEU B 140 14.40 -18.45 6.80
N CYS B 141 13.36 -17.77 6.32
CA CYS B 141 12.84 -18.07 5.01
C CYS B 141 13.94 -17.80 3.99
N SER B 142 14.60 -16.66 4.15
CA SER B 142 15.63 -16.24 3.23
C SER B 142 16.85 -17.16 3.19
N GLU B 143 17.31 -17.63 4.36
CA GLU B 143 18.42 -18.58 4.40
C GLU B 143 18.05 -19.92 3.76
N ALA B 144 16.85 -20.39 4.01
CA ALA B 144 16.39 -21.63 3.40
C ALA B 144 16.28 -21.43 1.90
N TYR B 145 15.75 -20.26 1.51
CA TYR B 145 15.59 -19.96 0.08
C TYR B 145 16.94 -19.94 -0.64
N ASN B 146 17.93 -19.27 -0.05
CA ASN B 146 19.24 -19.19 -0.70
C ASN B 146 19.86 -20.56 -0.84
N ALA B 147 19.56 -21.45 0.10
CA ALA B 147 20.07 -22.81 0.10
C ALA B 147 19.46 -23.72 -0.95
N THR B 148 18.25 -23.37 -1.40
CA THR B 148 17.50 -24.26 -2.28
C THR B 148 17.01 -23.59 -3.56
N LEU B 149 15.79 -23.05 -3.56
CA LEU B 149 15.17 -22.46 -4.76
C LEU B 149 15.97 -21.37 -5.50
N ALA B 150 16.70 -20.52 -4.75
CA ALA B 150 17.44 -19.41 -5.37
C ALA B 150 18.38 -19.89 -6.50
N ASN B 151 18.94 -21.08 -6.33
CA ASN B 151 19.82 -21.66 -7.33
C ASN B 151 19.18 -21.95 -8.68
N TYR B 152 17.91 -21.60 -8.85
CA TYR B 152 17.22 -21.86 -10.10
C TYR B 152 16.54 -20.60 -10.57
N HIS B 153 16.69 -19.54 -9.79
CA HIS B 153 16.13 -18.26 -10.19
C HIS B 153 17.20 -17.37 -10.77
N SER B 154 16.78 -16.29 -11.42
CA SER B 154 17.71 -15.32 -11.99
C SER B 154 18.00 -14.30 -10.92
N TRP B 155 19.10 -13.59 -11.10
CA TRP B 155 19.53 -12.59 -10.16
C TRP B 155 18.38 -11.66 -9.73
N ILE B 156 17.59 -11.21 -10.69
CA ILE B 156 16.50 -10.28 -10.41
C ILE B 156 15.36 -10.95 -9.58
N VAL B 157 14.99 -12.18 -9.94
CA VAL B 157 13.98 -12.90 -9.16
C VAL B 157 14.46 -13.04 -7.72
N ARG B 158 15.70 -13.51 -7.54
CA ARG B 158 16.25 -13.67 -6.19
C ARG B 158 16.18 -12.40 -5.38
N GLN B 159 16.57 -11.29 -6.01
CA GLN B 159 16.53 -9.99 -5.35
C GLN B 159 15.09 -9.58 -5.03
N ALA B 160 14.19 -9.79 -5.98
CA ALA B 160 12.76 -9.53 -5.77
C ALA B 160 12.16 -10.38 -4.62
N VAL B 161 12.40 -11.69 -4.72
CA VAL B 161 11.95 -12.67 -3.74
C VAL B 161 12.46 -12.40 -2.33
N THR B 162 13.75 -12.08 -2.23
CA THR B 162 14.40 -11.87 -0.96
C THR B 162 13.81 -10.67 -0.24
N VAL B 163 13.42 -9.67 -1.01
CA VAL B 163 12.84 -8.46 -0.43
C VAL B 163 11.40 -8.71 0.01
N ALA B 164 10.66 -9.41 -0.83
CA ALA B 164 9.30 -9.82 -0.48
C ALA B 164 9.27 -10.53 0.86
N PHE B 165 10.30 -11.33 1.17
CA PHE B 165 10.29 -12.11 2.43
C PHE B 165 10.24 -11.23 3.67
N CYS B 166 10.62 -9.96 3.55
CA CYS B 166 10.66 -9.07 4.69
C CYS B 166 9.27 -8.84 5.29
N ALA B 167 8.24 -9.03 4.46
CA ALA B 167 6.84 -8.83 4.85
C ALA B 167 6.24 -9.99 5.62
N LEU B 168 7.10 -10.89 6.08
CA LEU B 168 6.61 -12.07 6.78
C LEU B 168 6.29 -11.75 8.23
N PRO B 169 5.16 -12.28 8.71
CA PRO B 169 4.71 -12.18 10.09
C PRO B 169 5.74 -12.74 11.04
N SER B 170 5.61 -12.47 12.34
CA SER B 170 6.55 -12.98 13.34
C SER B 170 6.51 -14.51 13.48
N ARG B 171 7.54 -15.08 14.11
CA ARG B 171 7.57 -16.51 14.35
C ARG B 171 6.32 -17.01 15.10
N LYS B 172 5.91 -16.26 16.12
CA LYS B 172 4.72 -16.64 16.86
C LYS B 172 3.52 -16.67 15.91
N VAL B 173 3.37 -15.64 15.07
CA VAL B 173 2.25 -15.62 14.12
C VAL B 173 2.34 -16.78 13.14
N PHE B 174 3.57 -17.20 12.82
CA PHE B 174 3.75 -18.36 11.97
C PHE B 174 3.27 -19.65 12.61
N LEU B 175 3.79 -19.96 13.79
CA LEU B 175 3.37 -21.17 14.50
C LEU B 175 1.86 -21.20 14.71
N GLU B 176 1.29 -20.08 15.12
CA GLU B 176 -0.14 -19.99 15.32
C GLU B 176 -0.93 -20.28 14.06
N ALA B 177 -0.41 -19.88 12.90
CA ALA B 177 -1.08 -20.15 11.64
C ALA B 177 -1.11 -21.65 11.34
N MET B 178 -0.30 -22.42 12.07
CA MET B 178 -0.33 -23.87 11.90
C MET B 178 -1.55 -24.48 12.59
N ASN B 179 -2.27 -23.65 13.34
CA ASN B 179 -3.56 -24.03 13.93
C ASN B 179 -3.45 -25.26 14.85
N MET B 180 -2.27 -25.47 15.44
CA MET B 180 -2.11 -26.44 16.51
C MET B 180 -2.71 -25.91 17.81
N GLU B 181 -2.70 -26.72 18.86
CA GLU B 181 -3.25 -26.28 20.14
C GLU B 181 -2.33 -25.24 20.80
N SER B 182 -1.04 -25.31 20.49
CA SER B 182 -0.06 -24.39 21.07
C SER B 182 1.20 -24.23 20.21
N THR B 183 1.96 -23.18 20.50
CA THR B 183 3.26 -22.94 19.89
C THR B 183 4.22 -24.10 20.14
N GLU B 184 4.29 -24.57 21.38
CA GLU B 184 5.19 -25.66 21.75
C GLU B 184 4.80 -26.94 21.03
N GLN B 185 3.49 -27.15 20.89
CA GLN B 185 2.95 -28.31 20.18
C GLN B 185 3.24 -28.25 18.67
N ALA B 186 3.04 -27.08 18.07
CA ALA B 186 3.33 -26.87 16.65
C ALA B 186 4.77 -27.29 16.36
N VAL B 187 5.66 -26.95 17.28
CA VAL B 187 7.07 -27.31 17.15
C VAL B 187 7.26 -28.84 17.28
N GLU B 188 6.48 -29.46 18.16
CA GLU B 188 6.57 -30.90 18.33
C GLU B 188 6.09 -31.58 17.06
N MET B 189 4.97 -31.08 16.56
CA MET B 189 4.36 -31.53 15.30
C MET B 189 5.34 -31.44 14.12
N LEU B 190 6.07 -30.33 14.04
CA LEU B 190 7.07 -30.15 12.98
C LEU B 190 8.19 -31.19 13.11
N GLY B 191 8.59 -31.47 14.34
CA GLY B 191 9.60 -32.48 14.56
C GLY B 191 9.14 -33.87 14.14
N GLU B 192 7.84 -34.11 14.27
CA GLU B 192 7.27 -35.39 13.86
C GLU B 192 7.12 -35.49 12.35
N ALA B 193 6.63 -34.41 11.75
CA ALA B 193 6.24 -34.39 10.34
C ALA B 193 7.43 -34.26 9.35
N LEU B 194 8.33 -33.34 9.62
CA LEU B 194 9.42 -33.04 8.68
C LEU B 194 10.27 -34.24 8.19
N PRO B 195 10.60 -35.21 9.06
CA PRO B 195 11.40 -36.33 8.56
C PRO B 195 10.76 -37.10 7.40
N PHE B 196 9.43 -37.07 7.31
CA PHE B 196 8.74 -37.72 6.20
C PHE B 196 8.94 -36.96 4.91
N ILE B 197 8.77 -35.65 5.00
CA ILE B 197 8.95 -34.76 3.86
C ILE B 197 10.35 -34.91 3.31
N GLU B 198 11.32 -34.99 4.21
CA GLU B 198 12.71 -35.15 3.82
C GLU B 198 12.92 -36.47 3.12
N HIS B 199 12.33 -37.53 3.66
CA HIS B 199 12.44 -38.84 3.04
C HIS B 199 11.82 -38.77 1.63
N VAL B 200 10.68 -38.10 1.51
CA VAL B 200 10.07 -37.89 0.20
C VAL B 200 11.02 -37.13 -0.70
N TYR B 201 11.61 -36.07 -0.15
CA TYR B 201 12.53 -35.27 -0.91
C TYR B 201 13.72 -36.08 -1.40
N ASP B 202 14.34 -36.86 -0.51
CA ASP B 202 15.53 -37.63 -0.89
C ASP B 202 15.27 -38.62 -2.00
N ILE B 203 14.17 -39.35 -1.86
CA ILE B 203 13.81 -40.34 -2.86
C ILE B 203 13.61 -39.69 -4.21
N SER B 204 12.89 -38.57 -4.20
CA SER B 204 12.62 -37.86 -5.43
C SER B 204 13.89 -37.38 -6.08
N GLN B 205 14.78 -36.80 -5.28
CA GLN B 205 16.02 -36.24 -5.78
C GLN B 205 16.86 -37.32 -6.42
N LYS B 206 16.95 -38.47 -5.74
CA LYS B 206 17.71 -39.59 -6.29
C LYS B 206 17.07 -40.13 -7.57
N LEU B 207 15.74 -40.28 -7.57
CA LEU B 207 15.01 -40.69 -8.76
C LEU B 207 15.28 -39.77 -9.94
N TYR B 208 15.25 -38.47 -9.70
CA TYR B 208 15.58 -37.52 -10.75
C TYR B 208 17.05 -37.56 -11.13
N ALA B 209 17.92 -37.69 -10.13
CA ALA B 209 19.36 -37.75 -10.41
C ALA B 209 19.69 -38.94 -11.29
N GLU B 210 19.18 -40.11 -10.93
CA GLU B 210 19.48 -41.34 -11.66
C GLU B 210 18.93 -41.39 -13.06
N HIS B 211 18.07 -40.45 -13.42
CA HIS B 211 17.56 -40.46 -14.77
C HIS B 211 17.96 -39.18 -15.48
N SER B 212 18.86 -38.42 -14.86
CA SER B 212 19.34 -37.16 -15.43
C SER B 212 18.16 -36.22 -15.75
N LEU B 213 17.32 -35.95 -14.76
CA LEU B 213 16.14 -35.12 -14.95
C LEU B 213 16.22 -33.84 -14.11
N LEU B 214 17.34 -33.65 -13.40
CA LEU B 214 17.43 -32.56 -12.43
C LEU B 214 17.42 -31.18 -13.05
N ASP B 215 17.67 -31.08 -14.34
CA ASP B 215 17.65 -29.75 -14.95
C ASP B 215 16.76 -29.69 -16.20
N LEU B 216 15.74 -30.54 -16.25
CA LEU B 216 14.76 -30.45 -17.33
C LEU B 216 14.26 -29.02 -17.55
N PRO B 217 14.22 -28.60 -18.81
CA PRO B 217 13.66 -27.30 -19.18
C PRO B 217 12.16 -27.17 -18.96
N PHE C 9 0.34 42.75 19.50
CA PHE C 9 -0.57 42.17 18.51
C PHE C 9 -2.05 42.39 18.87
N ASN C 10 -2.89 42.59 17.85
CA ASN C 10 -4.33 42.75 18.00
C ASN C 10 -4.99 42.68 16.62
N LEU C 11 -6.29 42.41 16.58
CA LEU C 11 -6.92 42.08 15.30
C LEU C 11 -7.09 43.24 14.34
N LYS C 12 -7.20 44.46 14.85
CA LYS C 12 -7.36 45.61 13.97
C LYS C 12 -6.14 45.72 13.08
N VAL C 13 -4.97 45.60 13.70
CA VAL C 13 -3.72 45.63 12.96
C VAL C 13 -3.70 44.55 11.88
N VAL C 14 -4.20 43.36 12.20
CA VAL C 14 -4.25 42.28 11.22
C VAL C 14 -5.19 42.64 10.05
N LEU C 15 -6.40 43.12 10.36
CA LEU C 15 -7.39 43.34 9.31
C LEU C 15 -7.08 44.49 8.37
N VAL C 16 -6.29 45.45 8.82
CA VAL C 16 -5.98 46.59 7.97
C VAL C 16 -5.05 46.21 6.81
N SER C 17 -4.29 45.13 6.98
CA SER C 17 -3.46 44.58 5.92
C SER C 17 -4.25 44.40 4.64
N PHE C 18 -5.52 44.04 4.80
CA PHE C 18 -6.41 43.82 3.67
C PHE C 18 -6.87 45.15 3.11
N LYS C 19 -6.81 46.20 3.92
CA LYS C 19 -7.11 47.53 3.39
C LYS C 19 -5.95 47.95 2.49
N GLN C 20 -4.75 47.79 3.06
CA GLN C 20 -3.48 48.17 2.48
C GLN C 20 -3.09 47.43 1.19
N CYS C 21 -3.62 46.23 0.99
CA CYS C 21 -3.23 45.43 -0.17
C CYS C 21 -3.94 45.91 -1.44
N LEU C 22 -4.86 46.86 -1.30
CA LEU C 22 -5.62 47.37 -2.44
C LEU C 22 -4.91 48.54 -3.14
N THR C 23 -4.75 48.43 -4.45
CA THR C 23 -4.24 49.52 -5.28
C THR C 23 -5.42 50.26 -5.91
N ASP C 24 -5.17 51.46 -6.43
CA ASP C 24 -6.25 52.25 -7.01
C ASP C 24 -6.70 51.70 -8.35
N LYS C 25 -6.07 50.64 -8.83
CA LYS C 25 -6.53 49.95 -10.02
C LYS C 25 -7.44 48.79 -9.67
N GLY C 26 -7.71 48.62 -8.37
CA GLY C 26 -8.56 47.53 -7.94
C GLY C 26 -7.83 46.21 -7.85
N GLU C 27 -6.50 46.28 -7.79
CA GLU C 27 -5.65 45.09 -7.64
C GLU C 27 -5.41 44.68 -6.19
N VAL C 28 -5.07 43.40 -6.02
CA VAL C 28 -4.82 42.83 -4.71
C VAL C 28 -3.37 42.40 -4.58
N LEU C 29 -2.63 43.08 -3.73
CA LEU C 29 -1.21 42.81 -3.57
C LEU C 29 -1.00 41.58 -2.71
N LEU C 30 -0.19 40.65 -3.18
CA LEU C 30 0.01 39.38 -2.50
C LEU C 30 0.70 39.51 -1.15
N ASP C 31 1.69 40.40 -1.05
CA ASP C 31 2.48 40.50 0.16
C ASP C 31 1.60 40.87 1.35
N HIS C 32 0.65 41.76 1.14
CA HIS C 32 -0.21 42.19 2.23
C HIS C 32 -1.29 41.17 2.51
N TYR C 33 -1.71 40.49 1.44
CA TYR C 33 -2.63 39.38 1.54
C TYR C 33 -2.03 38.31 2.47
N ILE C 34 -0.78 37.95 2.20
CA ILE C 34 -0.07 37.00 3.01
C ILE C 34 0.03 37.46 4.46
N ALA C 35 0.39 38.72 4.63
CA ALA C 35 0.60 39.25 5.97
C ALA C 35 -0.71 39.30 6.72
N GLY C 36 -1.78 39.57 5.97
CA GLY C 36 -3.13 39.59 6.51
C GLY C 36 -3.48 38.21 7.03
N TRP C 37 -3.19 37.18 6.24
CA TRP C 37 -3.46 35.81 6.65
C TRP C 37 -2.59 35.34 7.80
N LYS C 38 -1.30 35.71 7.79
CA LYS C 38 -0.39 35.37 8.90
C LYS C 38 -0.96 35.92 10.18
N GLY C 39 -1.57 37.11 10.10
CA GLY C 39 -2.20 37.71 11.24
C GLY C 39 -3.44 36.99 11.71
N LEU C 40 -4.30 36.62 10.75
CA LEU C 40 -5.50 35.88 11.05
C LEU C 40 -5.11 34.54 11.70
N VAL C 41 -4.08 33.91 11.15
CA VAL C 41 -3.59 32.65 11.70
C VAL C 41 -3.13 32.80 13.14
N ARG C 42 -2.40 33.87 13.42
CA ARG C 42 -1.91 34.19 14.77
C ARG C 42 -3.08 34.32 15.75
N PHE C 43 -4.17 34.86 15.25
CA PHE C 43 -5.40 35.01 16.00
C PHE C 43 -6.07 33.67 16.33
N LEU C 44 -6.25 32.84 15.30
CA LEU C 44 -6.89 31.53 15.43
C LEU C 44 -6.15 30.68 16.42
N ASN C 45 -4.84 30.72 16.31
CA ASN C 45 -3.96 29.97 17.17
C ASN C 45 -4.02 30.43 18.62
N SER C 46 -4.35 31.71 18.84
CA SER C 46 -4.46 32.20 20.22
C SER C 46 -5.68 31.64 20.92
N LEU C 47 -6.47 30.82 20.23
CA LEU C 47 -7.66 30.18 20.80
C LEU C 47 -7.49 28.67 20.99
N GLY C 48 -6.24 28.23 21.04
CA GLY C 48 -5.95 26.82 21.24
C GLY C 48 -5.66 26.03 19.99
N ALA C 49 -6.16 24.80 19.94
CA ALA C 49 -5.82 23.91 18.86
C ALA C 49 -7.05 23.61 18.05
N VAL C 50 -8.16 24.17 18.49
CA VAL C 50 -9.46 23.83 17.92
C VAL C 50 -9.50 24.08 16.42
N PHE C 51 -8.71 25.05 15.97
CA PHE C 51 -8.67 25.44 14.57
C PHE C 51 -7.49 24.85 13.81
N SER C 52 -6.67 24.04 14.46
CA SER C 52 -5.45 23.53 13.80
C SER C 52 -5.70 22.76 12.50
N PHE C 53 -6.93 22.29 12.28
CA PHE C 53 -7.23 21.56 11.04
C PHE C 53 -7.42 22.47 9.83
N ILE C 54 -7.62 23.77 10.10
CA ILE C 54 -7.61 24.85 9.10
C ILE C 54 -6.29 25.61 9.14
N SER C 55 -5.95 26.05 10.35
CA SER C 55 -4.78 26.86 10.64
C SER C 55 -3.49 26.24 10.06
N LYS C 56 -3.24 24.96 10.34
CA LYS C 56 -2.01 24.32 9.85
C LYS C 56 -1.92 24.24 8.32
N ASP C 57 -3.07 24.11 7.68
CA ASP C 57 -3.14 24.02 6.23
C ASP C 57 -2.93 25.39 5.59
N VAL C 58 -3.56 26.41 6.15
CA VAL C 58 -3.42 27.78 5.67
C VAL C 58 -1.94 28.15 5.66
N VAL C 59 -1.24 27.81 6.72
CA VAL C 59 0.16 28.15 6.83
C VAL C 59 1.03 27.53 5.73
N ALA C 60 0.77 26.26 5.39
CA ALA C 60 1.55 25.63 4.32
C ALA C 60 1.33 26.33 3.00
N LYS C 61 0.11 26.78 2.76
CA LYS C 61 -0.23 27.42 1.50
C LYS C 61 0.33 28.82 1.41
N LEU C 62 0.41 29.51 2.55
CA LEU C 62 1.08 30.80 2.63
C LEU C 62 2.57 30.62 2.35
N GLN C 63 3.15 29.56 2.91
CA GLN C 63 4.55 29.33 2.70
C GLN C 63 4.84 29.10 1.23
N ILE C 64 3.95 28.35 0.56
CA ILE C 64 4.06 28.13 -0.86
C ILE C 64 4.04 29.45 -1.64
N MET C 65 3.14 30.36 -1.25
CA MET C 65 3.03 31.67 -1.90
C MET C 65 4.23 32.56 -1.63
N GLU C 66 4.75 32.52 -0.40
CA GLU C 66 5.93 33.30 -0.05
C GLU C 66 7.10 32.88 -0.91
N ARG C 67 7.20 31.57 -1.20
CA ARG C 67 8.32 31.08 -1.98
C ARG C 67 8.18 31.47 -3.45
N LEU C 68 6.96 31.38 -3.97
CA LEU C 68 6.71 31.84 -5.33
C LEU C 68 7.06 33.32 -5.40
N ARG C 69 6.72 34.05 -4.36
CA ARG C 69 6.93 35.49 -4.36
C ARG C 69 8.43 35.83 -4.24
N SER C 70 9.20 34.99 -3.56
CA SER C 70 10.63 35.18 -3.43
C SER C 70 11.39 34.57 -4.59
N SER C 71 10.72 33.80 -5.43
CA SER C 71 11.38 33.04 -6.49
C SER C 71 11.98 33.96 -7.59
N PRO C 72 12.67 33.39 -8.58
CA PRO C 72 13.05 34.37 -9.62
C PRO C 72 11.86 34.96 -10.37
N GLN C 73 10.66 34.44 -10.17
CA GLN C 73 9.52 34.99 -10.91
C GLN C 73 8.79 36.03 -10.12
N SER C 74 9.46 36.56 -9.11
CA SER C 74 8.88 37.45 -8.11
C SER C 74 8.01 38.54 -8.71
N GLU C 75 8.42 39.12 -9.83
CA GLU C 75 7.69 40.26 -10.38
C GLU C 75 6.27 39.91 -10.85
N HIS C 76 6.03 38.63 -11.14
CA HIS C 76 4.74 38.17 -11.62
C HIS C 76 3.75 37.91 -10.50
N TYR C 77 4.26 37.69 -9.29
CA TYR C 77 3.38 37.38 -8.17
C TYR C 77 3.14 38.59 -7.28
N THR C 78 3.18 39.74 -7.91
CA THR C 78 3.07 40.98 -7.18
C THR C 78 1.64 41.18 -6.71
N SER C 79 0.72 40.80 -7.58
CA SER C 79 -0.68 40.87 -7.27
C SER C 79 -1.38 39.58 -7.73
N LEU C 80 -2.56 39.31 -7.17
CA LEU C 80 -3.35 38.17 -7.61
C LEU C 80 -3.58 38.29 -9.11
N GLN C 81 -3.85 39.52 -9.55
CA GLN C 81 -4.07 39.79 -10.97
C GLN C 81 -2.86 39.41 -11.82
N SER C 82 -1.63 39.75 -11.41
CA SER C 82 -0.51 39.43 -12.28
C SER C 82 -0.21 37.94 -12.17
N MET C 83 -0.49 37.37 -11.01
CA MET C 83 -0.35 35.94 -10.82
C MET C 83 -1.24 35.19 -11.80
N VAL C 84 -2.53 35.51 -11.79
CA VAL C 84 -3.47 34.88 -12.71
C VAL C 84 -3.03 35.02 -14.16
N ALA C 85 -2.69 36.25 -14.55
CA ALA C 85 -2.24 36.53 -15.91
C ALA C 85 -1.00 35.73 -16.29
N TYR C 86 -0.03 35.67 -15.39
CA TYR C 86 1.21 34.96 -15.68
C TYR C 86 0.97 33.46 -15.73
N GLU C 87 0.33 32.92 -14.69
CA GLU C 87 0.17 31.48 -14.59
C GLU C 87 -0.74 30.92 -15.67
N VAL C 88 -1.76 31.68 -16.05
CA VAL C 88 -2.67 31.23 -17.09
C VAL C 88 -1.99 31.23 -18.45
N SER C 89 -1.42 32.37 -18.84
CA SER C 89 -0.81 32.50 -20.16
C SER C 89 0.39 31.57 -20.41
N ASN C 90 1.11 31.18 -19.35
CA ASN C 90 2.24 30.26 -19.52
C ASN C 90 1.81 28.83 -19.20
N LYS C 91 0.50 28.62 -19.19
CA LYS C 91 -0.08 27.31 -18.92
C LYS C 91 0.58 26.64 -17.72
N LEU C 92 0.50 27.31 -16.57
CA LEU C 92 1.18 26.85 -15.36
C LEU C 92 0.19 26.39 -14.31
N VAL C 93 -1.09 26.38 -14.67
CA VAL C 93 -2.13 25.95 -13.74
C VAL C 93 -2.98 24.86 -14.34
N ASP C 94 -3.15 23.77 -13.59
CA ASP C 94 -3.99 22.64 -14.01
C ASP C 94 -5.46 23.04 -14.01
N MET C 95 -6.08 23.09 -15.19
CA MET C 95 -7.49 23.48 -15.28
C MET C 95 -8.45 22.29 -15.23
N ASP C 96 -7.95 21.09 -15.50
CA ASP C 96 -8.79 19.86 -15.56
C ASP C 96 -8.28 18.79 -14.59
N HIS C 97 -8.74 17.56 -14.77
CA HIS C 97 -8.25 16.46 -13.94
C HIS C 97 -7.61 15.37 -14.80
N ARG C 102 -0.20 18.39 -13.23
CA ARG C 102 1.22 18.68 -13.48
C ARG C 102 1.79 19.81 -12.60
N HIS C 103 0.92 20.73 -12.19
CA HIS C 103 1.32 21.86 -11.33
C HIS C 103 0.49 21.96 -10.04
N PRO C 104 0.71 21.02 -9.09
CA PRO C 104 -0.11 20.91 -7.88
C PRO C 104 0.07 22.05 -6.88
N HIS C 105 1.08 22.90 -7.11
CA HIS C 105 1.34 23.99 -6.18
C HIS C 105 1.30 25.34 -6.88
N SER C 106 0.50 25.44 -7.95
CA SER C 106 0.41 26.71 -8.66
C SER C 106 -0.14 27.75 -7.70
N GLY C 107 0.20 29.02 -7.95
CA GLY C 107 -0.29 30.11 -7.15
C GLY C 107 -1.80 30.21 -7.23
N CYS C 108 -2.32 30.05 -8.44
CA CYS C 108 -3.75 30.11 -8.68
C CYS C 108 -4.52 29.12 -7.82
N ARG C 109 -4.08 27.86 -7.79
CA ARG C 109 -4.85 26.83 -7.07
C ARG C 109 -4.60 26.97 -5.56
N THR C 110 -3.48 27.57 -5.19
CA THR C 110 -3.13 27.78 -3.79
C THR C 110 -3.94 28.92 -3.18
N VAL C 111 -4.05 30.01 -3.92
CA VAL C 111 -4.80 31.16 -3.43
C VAL C 111 -6.28 30.82 -3.39
N LEU C 112 -6.73 29.99 -4.33
CA LEU C 112 -8.14 29.61 -4.33
C LEU C 112 -8.50 29.08 -2.93
N ARG C 113 -7.65 28.23 -2.37
CA ARG C 113 -7.93 27.71 -1.04
C ARG C 113 -7.86 28.79 0.04
N LEU C 114 -6.83 29.64 -0.03
CA LEU C 114 -6.73 30.73 0.93
C LEU C 114 -7.96 31.62 0.81
N HIS C 115 -8.39 31.85 -0.43
CA HIS C 115 -9.59 32.62 -0.76
C HIS C 115 -10.88 32.01 -0.16
N ARG C 116 -11.12 30.72 -0.41
CA ARG C 116 -12.29 30.07 0.15
C ARG C 116 -12.25 30.12 1.67
N ALA C 117 -11.09 29.81 2.25
CA ALA C 117 -10.97 29.82 3.71
C ALA C 117 -11.16 31.23 4.27
N LEU C 118 -10.79 32.26 3.50
CA LEU C 118 -10.95 33.64 3.99
C LEU C 118 -12.44 34.01 4.09
N HIS C 119 -13.22 33.55 3.11
CA HIS C 119 -14.65 33.74 3.13
C HIS C 119 -15.28 33.15 4.37
N TRP C 120 -14.80 31.96 4.73
CA TRP C 120 -15.28 31.29 5.94
C TRP C 120 -15.01 32.16 7.15
N LEU C 121 -13.77 32.61 7.28
CA LEU C 121 -13.37 33.40 8.44
C LEU C 121 -14.11 34.74 8.49
N GLN C 122 -14.34 35.32 7.33
CA GLN C 122 -15.10 36.57 7.26
C GLN C 122 -16.54 36.35 7.74
N LEU C 123 -17.21 35.33 7.21
CA LEU C 123 -18.59 35.05 7.61
C LEU C 123 -18.67 34.71 9.09
N PHE C 124 -17.72 33.92 9.58
CA PHE C 124 -17.67 33.62 11.01
C PHE C 124 -17.51 34.91 11.85
N LEU C 125 -16.52 35.75 11.51
CA LEU C 125 -16.27 36.99 12.26
C LEU C 125 -17.48 37.90 12.19
N ASP C 126 -18.16 37.90 11.05
CA ASP C 126 -19.34 38.74 10.90
C ASP C 126 -20.50 38.17 11.72
N GLY C 127 -20.55 36.85 11.87
CA GLY C 127 -21.60 36.24 12.67
C GLY C 127 -21.35 36.60 14.12
N LEU C 128 -20.10 36.47 14.54
CA LEU C 128 -19.65 36.83 15.87
C LEU C 128 -20.00 38.30 16.20
N ARG C 129 -19.89 39.15 15.20
CA ARG C 129 -20.10 40.58 15.36
C ARG C 129 -21.57 40.89 15.67
N THR C 130 -22.47 40.33 14.87
CA THR C 130 -23.89 40.63 14.91
C THR C 130 -24.75 39.73 15.82
N SER C 131 -24.14 38.81 16.53
CA SER C 131 -24.92 37.83 17.30
C SER C 131 -25.28 38.32 18.69
N SER C 132 -26.20 37.62 19.35
CA SER C 132 -26.48 37.87 20.76
C SER C 132 -25.20 37.61 21.55
N GLU C 133 -25.15 38.04 22.80
CA GLU C 133 -23.88 38.03 23.56
C GLU C 133 -23.37 36.64 23.87
N ASP C 134 -24.24 35.82 24.40
CA ASP C 134 -23.93 34.45 24.74
C ASP C 134 -24.27 33.46 23.60
N ALA C 135 -24.48 33.99 22.39
CA ALA C 135 -24.79 33.13 21.25
C ALA C 135 -23.74 32.07 21.16
N ARG C 136 -24.13 30.92 20.64
CA ARG C 136 -23.28 29.77 20.74
C ARG C 136 -22.28 29.73 19.62
N THR C 137 -21.01 29.78 20.01
CA THR C 137 -19.90 29.86 19.08
C THR C 137 -19.89 28.75 18.03
N SER C 138 -20.08 27.51 18.50
CA SER C 138 -20.07 26.34 17.65
C SER C 138 -21.07 26.44 16.51
N THR C 139 -22.20 27.10 16.76
CA THR C 139 -23.21 27.22 15.72
C THR C 139 -22.77 28.29 14.72
N LEU C 140 -22.29 29.42 15.24
CA LEU C 140 -21.83 30.52 14.39
C LEU C 140 -20.76 30.03 13.44
N CYS C 141 -19.78 29.31 13.97
CA CYS C 141 -18.70 28.79 13.16
C CYS C 141 -19.25 27.82 12.13
N SER C 142 -20.19 27.01 12.59
CA SER C 142 -20.80 25.97 11.78
C SER C 142 -21.61 26.54 10.63
N GLU C 143 -22.40 27.59 10.87
CA GLU C 143 -23.17 28.20 9.78
C GLU C 143 -22.25 28.79 8.71
N ALA C 144 -21.20 29.46 9.14
CA ALA C 144 -20.24 30.05 8.22
C ALA C 144 -19.50 28.94 7.44
N TYR C 145 -19.15 27.87 8.14
CA TYR C 145 -18.52 26.71 7.49
C TYR C 145 -19.42 26.09 6.45
N ASN C 146 -20.70 25.91 6.78
CA ASN C 146 -21.62 25.25 5.87
C ASN C 146 -21.82 26.08 4.61
N ALA C 147 -21.77 27.39 4.74
CA ALA C 147 -21.90 28.30 3.59
C ALA C 147 -20.67 28.32 2.68
N THR C 148 -19.52 27.89 3.21
CA THR C 148 -18.30 28.05 2.45
C THR C 148 -17.51 26.75 2.24
N LEU C 149 -16.55 26.50 3.11
CA LEU C 149 -15.62 25.40 2.92
C LEU C 149 -16.31 24.00 2.78
N ALA C 150 -17.42 23.80 3.47
CA ALA C 150 -18.13 22.52 3.43
C ALA C 150 -18.45 22.03 2.02
N ASN C 151 -18.68 22.97 1.11
CA ASN C 151 -18.98 22.68 -0.30
C ASN C 151 -17.82 22.06 -1.09
N TYR C 152 -16.68 21.84 -0.45
CA TYR C 152 -15.50 21.30 -1.13
C TYR C 152 -14.95 20.17 -0.26
N HIS C 153 -15.63 19.89 0.86
CA HIS C 153 -15.22 18.79 1.71
C HIS C 153 -16.07 17.51 1.57
N SER C 154 -15.53 16.42 2.07
CA SER C 154 -16.21 15.13 2.03
C SER C 154 -17.08 14.97 3.25
N TRP C 155 -18.02 14.04 3.19
CA TRP C 155 -18.92 13.76 4.29
C TRP C 155 -18.22 13.55 5.62
N ILE C 156 -17.18 12.71 5.63
CA ILE C 156 -16.50 12.39 6.87
C ILE C 156 -15.82 13.65 7.42
N VAL C 157 -15.14 14.41 6.55
CA VAL C 157 -14.57 15.70 6.97
C VAL C 157 -15.63 16.68 7.53
N ARG C 158 -16.71 16.89 6.79
CA ARG C 158 -17.75 17.81 7.23
C ARG C 158 -18.24 17.43 8.61
N GLN C 159 -18.42 16.13 8.82
CA GLN C 159 -18.87 15.64 10.12
C GLN C 159 -17.79 15.86 11.18
N ALA C 160 -16.54 15.52 10.85
CA ALA C 160 -15.41 15.70 11.74
C ALA C 160 -15.19 17.19 12.11
N VAL C 161 -15.19 18.06 11.10
CA VAL C 161 -15.07 19.49 11.33
C VAL C 161 -16.23 20.04 12.15
N THR C 162 -17.44 19.60 11.83
CA THR C 162 -18.63 20.11 12.50
C THR C 162 -18.59 19.74 13.95
N VAL C 163 -18.05 18.56 14.24
CA VAL C 163 -17.97 18.09 15.60
C VAL C 163 -16.86 18.81 16.36
N ALA C 164 -15.72 18.99 15.70
CA ALA C 164 -14.60 19.75 16.23
C ALA C 164 -15.06 21.11 16.75
N PHE C 165 -16.05 21.69 16.06
CA PHE C 165 -16.56 23.01 16.41
C PHE C 165 -17.17 23.11 17.79
N CYS C 166 -17.58 21.98 18.35
CA CYS C 166 -18.20 21.97 19.68
C CYS C 166 -17.22 22.38 20.79
N ALA C 167 -15.93 22.22 20.51
CA ALA C 167 -14.86 22.59 21.44
C ALA C 167 -14.47 24.06 21.45
N LEU C 168 -15.26 24.92 20.81
CA LEU C 168 -14.89 26.34 20.68
C LEU C 168 -15.24 27.09 21.94
N PRO C 169 -14.38 28.03 22.34
CA PRO C 169 -14.49 28.96 23.46
C PRO C 169 -15.77 29.78 23.39
N SER C 170 -16.14 30.46 24.46
CA SER C 170 -17.32 31.32 24.43
C SER C 170 -17.12 32.52 23.51
N ARG C 171 -18.22 33.18 23.13
CA ARG C 171 -18.12 34.42 22.36
C ARG C 171 -17.23 35.46 23.05
N LYS C 172 -17.36 35.56 24.37
CA LYS C 172 -16.58 36.53 25.14
C LYS C 172 -15.08 36.29 24.93
N VAL C 173 -14.66 35.03 25.01
CA VAL C 173 -13.26 34.67 24.83
C VAL C 173 -12.76 35.03 23.43
N PHE C 174 -13.65 34.91 22.45
CA PHE C 174 -13.34 35.23 21.07
C PHE C 174 -13.04 36.72 20.93
N LEU C 175 -13.99 37.56 21.33
CA LEU C 175 -13.76 39.01 21.32
C LEU C 175 -12.53 39.43 22.11
N GLU C 176 -12.38 38.89 23.31
CA GLU C 176 -11.23 39.22 24.14
C GLU C 176 -9.90 38.87 23.46
N ALA C 177 -9.89 37.78 22.69
CA ALA C 177 -8.69 37.38 21.97
C ALA C 177 -8.35 38.39 20.89
N MET C 178 -9.29 39.27 20.55
CA MET C 178 -9.00 40.27 19.56
C MET C 178 -8.13 41.43 20.14
N ASN C 179 -7.95 41.44 21.46
CA ASN C 179 -7.05 42.39 22.14
C ASN C 179 -7.37 43.87 21.94
N MET C 180 -8.64 44.20 21.69
CA MET C 180 -9.07 45.60 21.72
C MET C 180 -9.15 46.09 23.15
N GLU C 181 -9.50 47.36 23.33
CA GLU C 181 -9.61 47.92 24.66
C GLU C 181 -10.83 47.36 25.37
N SER C 182 -11.81 46.90 24.59
CA SER C 182 -13.02 46.35 25.17
C SER C 182 -13.73 45.41 24.22
N THR C 183 -14.65 44.62 24.79
CA THR C 183 -15.54 43.76 24.03
C THR C 183 -16.31 44.60 23.02
N GLU C 184 -16.84 45.72 23.50
CA GLU C 184 -17.64 46.61 22.68
C GLU C 184 -16.82 47.23 21.55
N GLN C 185 -15.57 47.58 21.85
CA GLN C 185 -14.70 48.17 20.83
C GLN C 185 -14.46 47.14 19.74
N ALA C 186 -14.19 45.91 20.16
CA ALA C 186 -13.93 44.81 19.23
C ALA C 186 -15.07 44.63 18.25
N VAL C 187 -16.31 44.75 18.76
CA VAL C 187 -17.50 44.61 17.94
C VAL C 187 -17.64 45.78 16.96
N GLU C 188 -17.32 46.98 17.41
CA GLU C 188 -17.39 48.13 16.54
C GLU C 188 -16.31 48.04 15.47
N MET C 189 -15.10 47.69 15.91
CA MET C 189 -13.97 47.49 15.01
C MET C 189 -14.31 46.53 13.86
N LEU C 190 -14.94 45.39 14.18
CA LEU C 190 -15.21 44.38 13.17
C LEU C 190 -16.07 45.00 12.10
N GLY C 191 -17.03 45.83 12.52
CA GLY C 191 -17.90 46.51 11.59
C GLY C 191 -17.14 47.45 10.68
N GLU C 192 -16.06 48.03 11.19
CA GLU C 192 -15.24 48.92 10.38
C GLU C 192 -14.35 48.11 9.43
N ALA C 193 -13.68 47.11 9.99
CA ALA C 193 -12.60 46.34 9.33
C ALA C 193 -13.03 45.22 8.36
N LEU C 194 -14.03 44.42 8.74
CA LEU C 194 -14.46 43.32 7.91
C LEU C 194 -14.74 43.72 6.45
N PRO C 195 -15.34 44.90 6.21
CA PRO C 195 -15.54 45.30 4.80
C PRO C 195 -14.27 45.26 3.95
N PHE C 196 -13.11 45.37 4.57
CA PHE C 196 -11.88 45.27 3.80
C PHE C 196 -11.66 43.85 3.31
N ILE C 197 -11.86 42.88 4.20
CA ILE C 197 -11.75 41.48 3.81
C ILE C 197 -12.75 41.15 2.71
N GLU C 198 -13.96 41.69 2.88
CA GLU C 198 -15.04 41.42 1.95
C GLU C 198 -14.73 41.99 0.58
N HIS C 199 -14.21 43.21 0.55
CA HIS C 199 -13.85 43.87 -0.70
C HIS C 199 -12.79 43.06 -1.42
N VAL C 200 -11.77 42.64 -0.66
CA VAL C 200 -10.73 41.79 -1.22
C VAL C 200 -11.34 40.49 -1.75
N TYR C 201 -12.23 39.90 -0.96
CA TYR C 201 -12.89 38.65 -1.35
C TYR C 201 -13.67 38.85 -2.66
N ASP C 202 -14.43 39.95 -2.75
CA ASP C 202 -15.23 40.21 -3.95
C ASP C 202 -14.35 40.35 -5.17
N ILE C 203 -13.29 41.14 -5.04
CA ILE C 203 -12.34 41.31 -6.13
C ILE C 203 -11.71 39.99 -6.52
N SER C 204 -11.26 39.26 -5.52
CA SER C 204 -10.67 37.96 -5.77
C SER C 204 -11.69 37.03 -6.43
N GLN C 205 -12.93 37.01 -5.91
CA GLN C 205 -13.96 36.12 -6.45
C GLN C 205 -14.24 36.40 -7.92
N LYS C 206 -14.36 37.68 -8.28
CA LYS C 206 -14.62 38.09 -9.67
C LYS C 206 -13.45 37.74 -10.57
N LEU C 207 -12.25 38.06 -10.11
CA LEU C 207 -11.06 37.76 -10.88
C LEU C 207 -11.02 36.26 -11.15
N TYR C 208 -11.23 35.44 -10.12
CA TYR C 208 -11.20 34.00 -10.35
C TYR C 208 -12.36 33.51 -11.20
N ALA C 209 -13.56 34.06 -10.97
CA ALA C 209 -14.75 33.72 -11.79
C ALA C 209 -14.51 34.10 -13.26
N GLU C 210 -14.00 35.29 -13.50
CA GLU C 210 -13.76 35.73 -14.87
C GLU C 210 -12.73 34.90 -15.61
N HIS C 211 -12.01 34.01 -14.92
CA HIS C 211 -11.04 33.16 -15.60
C HIS C 211 -11.36 31.68 -15.50
N SER C 212 -12.57 31.36 -15.06
CA SER C 212 -12.99 29.98 -14.90
C SER C 212 -12.02 29.20 -14.03
N LEU C 213 -11.71 29.78 -12.87
CA LEU C 213 -10.76 29.20 -11.93
C LEU C 213 -11.40 28.82 -10.59
N LEU C 214 -12.71 28.98 -10.47
CA LEU C 214 -13.37 28.78 -9.19
C LEU C 214 -13.31 27.33 -8.72
N ASP C 215 -12.98 26.41 -9.62
CA ASP C 215 -12.90 25.00 -9.19
C ASP C 215 -11.61 24.25 -9.53
N LEU C 216 -10.50 24.97 -9.63
CA LEU C 216 -9.18 24.37 -9.87
C LEU C 216 -8.88 23.17 -8.97
N PRO C 217 -8.41 22.07 -9.57
CA PRO C 217 -8.00 20.88 -8.82
C PRO C 217 -6.79 21.19 -7.94
N PHE D 9 -44.50 7.33 -7.93
CA PHE D 9 -43.45 7.11 -8.92
C PHE D 9 -42.09 7.02 -8.24
N ASN D 10 -41.20 6.21 -8.80
CA ASN D 10 -39.85 6.04 -8.28
C ASN D 10 -39.00 5.25 -9.26
N LEU D 11 -37.69 5.29 -9.08
CA LEU D 11 -36.83 4.73 -10.10
C LEU D 11 -36.79 3.19 -10.09
N LYS D 12 -37.01 2.57 -8.94
CA LYS D 12 -36.96 1.10 -8.87
C LYS D 12 -38.03 0.53 -9.80
N VAL D 13 -39.24 1.03 -9.63
CA VAL D 13 -40.38 0.65 -10.44
C VAL D 13 -40.14 0.83 -11.93
N VAL D 14 -39.44 1.90 -12.28
CA VAL D 14 -39.11 2.14 -13.67
C VAL D 14 -38.21 1.03 -14.19
N LEU D 15 -37.13 0.77 -13.45
CA LEU D 15 -36.08 -0.10 -13.97
C LEU D 15 -36.49 -1.58 -14.03
N VAL D 16 -37.57 -1.96 -13.31
CA VAL D 16 -37.97 -3.36 -13.31
C VAL D 16 -38.56 -3.76 -14.65
N SER D 17 -39.06 -2.76 -15.39
CA SER D 17 -39.54 -2.98 -16.74
C SER D 17 -38.50 -3.75 -17.56
N PHE D 18 -37.22 -3.46 -17.30
CA PHE D 18 -36.19 -4.15 -18.05
C PHE D 18 -35.96 -5.58 -17.53
N LYS D 19 -36.35 -5.84 -16.28
CA LYS D 19 -36.31 -7.21 -15.78
C LYS D 19 -37.47 -7.95 -16.45
N GLN D 20 -38.63 -7.30 -16.47
CA GLN D 20 -39.84 -7.88 -17.03
C GLN D 20 -39.76 -8.16 -18.53
N CYS D 21 -38.96 -7.41 -19.28
CA CYS D 21 -39.02 -7.55 -20.73
C CYS D 21 -38.26 -8.77 -21.19
N LEU D 22 -37.53 -9.42 -20.30
CA LEU D 22 -36.73 -10.58 -20.67
C LEU D 22 -37.52 -11.89 -20.60
N THR D 23 -37.53 -12.65 -21.69
CA THR D 23 -38.14 -13.98 -21.69
C THR D 23 -37.04 -15.01 -21.49
N ASP D 24 -37.43 -16.21 -21.07
CA ASP D 24 -36.45 -17.25 -20.80
C ASP D 24 -35.86 -17.86 -22.06
N LYS D 25 -36.30 -17.39 -23.23
CA LYS D 25 -35.64 -17.75 -24.48
C LYS D 25 -34.60 -16.67 -24.86
N GLY D 26 -34.43 -15.67 -23.98
CA GLY D 26 -33.48 -14.61 -24.23
C GLY D 26 -33.99 -13.52 -25.15
N GLU D 27 -35.30 -13.45 -25.34
CA GLU D 27 -35.85 -12.38 -26.16
C GLU D 27 -36.11 -11.14 -25.33
N VAL D 28 -36.19 -10.01 -26.02
CA VAL D 28 -36.48 -8.73 -25.38
C VAL D 28 -37.84 -8.23 -25.83
N LEU D 29 -38.78 -8.20 -24.89
CA LEU D 29 -40.15 -7.79 -25.21
C LEU D 29 -40.25 -6.26 -25.34
N LEU D 30 -40.82 -5.81 -26.45
CA LEU D 30 -40.88 -4.39 -26.77
C LEU D 30 -41.74 -3.59 -25.80
N ASP D 31 -42.85 -4.17 -25.35
CA ASP D 31 -43.82 -3.42 -24.54
C ASP D 31 -43.19 -2.93 -23.24
N HIS D 32 -42.36 -3.76 -22.62
CA HIS D 32 -41.68 -3.35 -21.40
C HIS D 32 -40.47 -2.46 -21.70
N TYR D 33 -39.86 -2.69 -22.85
CA TYR D 33 -38.79 -1.83 -23.29
C TYR D 33 -39.34 -0.39 -23.42
N ILE D 34 -40.45 -0.23 -24.10
CA ILE D 34 -41.07 1.10 -24.24
C ILE D 34 -41.40 1.67 -22.86
N ALA D 35 -41.96 0.83 -22.01
CA ALA D 35 -42.44 1.29 -20.71
C ALA D 35 -41.30 1.74 -19.81
N GLY D 36 -40.17 1.05 -19.91
CA GLY D 36 -38.98 1.41 -19.17
C GLY D 36 -38.48 2.77 -19.61
N TRP D 37 -38.41 2.99 -20.92
CA TRP D 37 -37.91 4.26 -21.44
C TRP D 37 -38.88 5.39 -21.08
N LYS D 38 -40.18 5.13 -21.13
CA LYS D 38 -41.18 6.11 -20.68
C LYS D 38 -40.90 6.49 -19.22
N GLY D 39 -40.47 5.53 -18.41
CA GLY D 39 -40.13 5.80 -17.04
C GLY D 39 -38.84 6.59 -16.88
N LEU D 40 -37.83 6.20 -17.64
CA LEU D 40 -36.57 6.91 -17.65
C LEU D 40 -36.73 8.40 -18.09
N VAL D 41 -37.53 8.64 -19.12
CA VAL D 41 -37.83 10.00 -19.56
C VAL D 41 -38.47 10.80 -18.42
N ARG D 42 -39.47 10.22 -17.75
CA ARG D 42 -40.12 10.85 -16.59
C ARG D 42 -39.13 11.19 -15.49
N PHE D 43 -38.15 10.32 -15.28
CA PHE D 43 -37.11 10.56 -14.29
C PHE D 43 -36.15 11.68 -14.71
N LEU D 44 -35.64 11.60 -15.94
CA LEU D 44 -34.73 12.59 -16.47
C LEU D 44 -35.35 13.98 -16.41
N ASN D 45 -36.63 14.06 -16.77
CA ASN D 45 -37.35 15.33 -16.76
C ASN D 45 -37.47 15.90 -15.35
N SER D 46 -37.49 15.04 -14.35
CA SER D 46 -37.62 15.52 -12.96
C SER D 46 -36.35 16.24 -12.50
N LEU D 47 -35.34 16.31 -13.36
CA LEU D 47 -34.09 17.00 -13.04
C LEU D 47 -34.00 18.29 -13.86
N GLY D 48 -35.13 18.78 -14.34
CA GLY D 48 -35.12 20.01 -15.09
C GLY D 48 -35.09 19.80 -16.59
N ALA D 49 -34.32 20.62 -17.29
CA ALA D 49 -34.33 20.62 -18.76
C ALA D 49 -33.02 20.15 -19.36
N VAL D 50 -32.04 19.88 -18.51
CA VAL D 50 -30.69 19.57 -18.98
C VAL D 50 -30.66 18.41 -19.97
N PHE D 51 -31.57 17.44 -19.82
CA PHE D 51 -31.53 16.22 -20.62
C PHE D 51 -32.48 16.25 -21.82
N SER D 52 -33.19 17.36 -21.98
CA SER D 52 -34.22 17.47 -23.01
C SER D 52 -33.69 17.22 -24.43
N PHE D 53 -32.39 17.33 -24.65
CA PHE D 53 -31.85 17.10 -25.98
C PHE D 53 -31.80 15.59 -26.23
N ILE D 54 -31.93 14.82 -25.16
CA ILE D 54 -32.03 13.37 -25.26
C ILE D 54 -33.49 12.97 -25.13
N SER D 55 -34.08 13.42 -24.02
CA SER D 55 -35.44 13.10 -23.64
C SER D 55 -36.44 13.39 -24.76
N LYS D 56 -36.41 14.60 -25.33
CA LYS D 56 -37.39 14.95 -26.35
C LYS D 56 -37.30 14.04 -27.55
N ASP D 57 -36.10 13.58 -27.83
CA ASP D 57 -35.82 12.71 -28.96
C ASP D 57 -36.31 11.28 -28.72
N VAL D 58 -36.05 10.78 -27.53
CA VAL D 58 -36.53 9.48 -27.10
C VAL D 58 -38.06 9.41 -27.18
N VAL D 59 -38.71 10.47 -26.72
CA VAL D 59 -40.15 10.52 -26.70
C VAL D 59 -40.71 10.38 -28.12
N ALA D 60 -40.11 11.08 -29.08
CA ALA D 60 -40.56 10.97 -30.47
C ALA D 60 -40.37 9.55 -30.99
N LYS D 61 -39.28 8.93 -30.59
CA LYS D 61 -38.95 7.60 -31.06
C LYS D 61 -39.79 6.50 -30.36
N LEU D 62 -40.20 6.75 -29.11
CA LEU D 62 -41.15 5.85 -28.47
C LEU D 62 -42.50 5.87 -29.20
N GLN D 63 -42.96 7.05 -29.61
CA GLN D 63 -44.21 7.16 -30.33
C GLN D 63 -44.18 6.41 -31.66
N ILE D 64 -43.05 6.44 -32.35
CA ILE D 64 -42.92 5.65 -33.56
C ILE D 64 -43.09 4.17 -33.21
N MET D 65 -42.52 3.75 -32.08
CA MET D 65 -42.58 2.33 -31.72
C MET D 65 -43.96 1.92 -31.22
N GLU D 66 -44.59 2.79 -30.45
CA GLU D 66 -45.92 2.55 -29.93
C GLU D 66 -46.92 2.40 -31.08
N ARG D 67 -46.75 3.21 -32.11
CA ARG D 67 -47.66 3.15 -33.23
C ARG D 67 -47.44 1.86 -34.03
N LEU D 68 -46.19 1.46 -34.24
CA LEU D 68 -45.96 0.19 -34.94
C LEU D 68 -46.54 -0.98 -34.16
N ARG D 69 -46.41 -0.92 -32.85
CA ARG D 69 -46.88 -1.98 -32.00
C ARG D 69 -48.43 -2.02 -31.96
N SER D 70 -49.07 -0.87 -32.16
CA SER D 70 -50.53 -0.77 -32.19
C SER D 70 -51.12 -1.01 -33.58
N SER D 71 -50.27 -1.03 -34.60
CA SER D 71 -50.72 -1.19 -35.97
C SER D 71 -51.24 -2.62 -36.22
N PRO D 72 -51.84 -2.86 -37.40
CA PRO D 72 -52.25 -4.22 -37.77
C PRO D 72 -51.08 -5.20 -37.88
N GLN D 73 -49.87 -4.67 -37.82
CA GLN D 73 -48.70 -5.53 -37.95
C GLN D 73 -48.13 -5.88 -36.57
N SER D 74 -48.95 -5.61 -35.55
CA SER D 74 -48.59 -5.70 -34.14
C SER D 74 -47.90 -6.98 -33.66
N GLU D 75 -48.30 -8.14 -34.18
CA GLU D 75 -47.75 -9.42 -33.74
C GLU D 75 -46.25 -9.48 -34.04
N HIS D 76 -45.81 -8.64 -34.98
CA HIS D 76 -44.40 -8.62 -35.36
C HIS D 76 -43.53 -7.75 -34.46
N TYR D 77 -44.16 -6.79 -33.77
CA TYR D 77 -43.40 -5.90 -32.92
C TYR D 77 -43.52 -6.34 -31.47
N THR D 78 -43.63 -7.65 -31.30
CA THR D 78 -43.80 -8.25 -29.99
C THR D 78 -42.45 -8.20 -29.24
N SER D 79 -41.37 -8.49 -29.95
CA SER D 79 -40.03 -8.46 -29.36
C SER D 79 -39.10 -7.82 -30.35
N LEU D 80 -37.94 -7.37 -29.88
CA LEU D 80 -36.93 -6.85 -30.79
C LEU D 80 -36.57 -7.90 -31.82
N GLN D 81 -36.47 -9.14 -31.36
CA GLN D 81 -36.19 -10.26 -32.24
C GLN D 81 -37.24 -10.44 -33.33
N SER D 82 -38.51 -10.34 -32.97
CA SER D 82 -39.53 -10.58 -33.97
C SER D 82 -39.56 -9.38 -34.89
N MET D 83 -39.25 -8.22 -34.33
CA MET D 83 -39.14 -6.98 -35.12
C MET D 83 -38.05 -7.08 -36.19
N VAL D 84 -36.84 -7.41 -35.77
CA VAL D 84 -35.71 -7.58 -36.68
C VAL D 84 -36.04 -8.63 -37.76
N ALA D 85 -36.54 -9.78 -37.33
CA ALA D 85 -36.88 -10.83 -38.28
C ALA D 85 -37.86 -10.37 -39.36
N TYR D 86 -38.90 -9.66 -38.94
CA TYR D 86 -39.94 -9.21 -39.85
C TYR D 86 -39.46 -8.12 -40.78
N GLU D 87 -38.88 -7.06 -40.21
CA GLU D 87 -38.50 -5.91 -40.99
C GLU D 87 -37.39 -6.20 -41.99
N VAL D 88 -36.48 -7.10 -41.61
CA VAL D 88 -35.37 -7.44 -42.49
C VAL D 88 -35.85 -8.27 -43.66
N SER D 89 -36.52 -9.39 -43.36
CA SER D 89 -36.98 -10.30 -44.40
C SER D 89 -37.95 -9.66 -45.37
N ASN D 90 -38.66 -8.61 -44.92
CA ASN D 90 -39.58 -7.87 -45.78
C ASN D 90 -38.98 -6.61 -46.38
N LYS D 91 -37.66 -6.53 -46.39
CA LYS D 91 -36.93 -5.38 -46.95
C LYS D 91 -37.57 -4.06 -46.51
N LEU D 92 -37.73 -3.90 -45.20
CA LEU D 92 -38.45 -2.76 -44.64
C LEU D 92 -37.53 -1.82 -43.88
N VAL D 93 -36.23 -2.07 -43.99
CA VAL D 93 -35.25 -1.21 -43.34
C VAL D 93 -34.15 -0.75 -44.30
N ASP D 94 -33.84 0.54 -44.27
CA ASP D 94 -32.74 1.12 -45.04
C ASP D 94 -31.38 0.71 -44.48
N MET D 95 -30.64 -0.12 -45.21
CA MET D 95 -29.31 -0.56 -44.78
C MET D 95 -28.14 0.30 -45.27
N ASP D 96 -28.32 1.01 -46.37
CA ASP D 96 -27.22 1.74 -46.99
C ASP D 96 -27.54 3.20 -47.10
N HIS D 97 -26.73 3.93 -47.87
CA HIS D 97 -27.02 5.34 -48.12
C HIS D 97 -27.14 5.62 -49.63
N PRO D 101 -33.54 6.76 -49.13
CA PRO D 101 -34.13 6.47 -47.80
C PRO D 101 -35.65 6.29 -47.88
N ARG D 102 -36.11 5.06 -47.68
CA ARG D 102 -37.50 4.72 -47.92
C ARG D 102 -38.30 4.38 -46.66
N HIS D 103 -37.61 3.85 -45.65
CA HIS D 103 -38.23 3.56 -44.37
C HIS D 103 -37.45 4.28 -43.27
N PRO D 104 -37.56 5.61 -43.23
CA PRO D 104 -36.79 6.47 -42.32
C PRO D 104 -37.24 6.32 -40.88
N HIS D 105 -38.33 5.60 -40.68
CA HIS D 105 -38.89 5.48 -39.35
C HIS D 105 -39.10 4.02 -38.93
N SER D 106 -38.29 3.12 -39.49
CA SER D 106 -38.39 1.69 -39.17
C SER D 106 -38.13 1.41 -37.70
N GLY D 107 -38.72 0.32 -37.21
CA GLY D 107 -38.51 -0.09 -35.83
C GLY D 107 -37.03 -0.38 -35.61
N CYS D 108 -36.43 -1.06 -36.57
CA CYS D 108 -35.01 -1.39 -36.48
C CYS D 108 -34.15 -0.15 -36.27
N ARG D 109 -34.31 0.89 -37.08
CA ARG D 109 -33.41 2.02 -36.92
C ARG D 109 -33.81 2.87 -35.72
N THR D 110 -35.08 2.85 -35.34
CA THR D 110 -35.56 3.62 -34.19
C THR D 110 -35.10 3.02 -32.86
N VAL D 111 -35.18 1.71 -32.77
CA VAL D 111 -34.78 1.04 -31.55
C VAL D 111 -33.26 1.19 -31.38
N LEU D 112 -32.52 1.19 -32.51
CA LEU D 112 -31.07 1.36 -32.52
C LEU D 112 -30.69 2.63 -31.74
N ARG D 113 -31.42 3.71 -32.00
CA ARG D 113 -31.22 4.95 -31.27
C ARG D 113 -31.60 4.84 -29.81
N LEU D 114 -32.71 4.18 -29.49
CA LEU D 114 -33.07 3.98 -28.08
C LEU D 114 -32.01 3.13 -27.38
N HIS D 115 -31.54 2.14 -28.11
CA HIS D 115 -30.48 1.24 -27.66
C HIS D 115 -29.22 2.02 -27.29
N ARG D 116 -28.72 2.86 -28.21
CA ARG D 116 -27.52 3.68 -27.95
C ARG D 116 -27.74 4.61 -26.78
N ALA D 117 -28.92 5.21 -26.71
CA ALA D 117 -29.24 6.10 -25.61
C ALA D 117 -29.26 5.32 -24.31
N LEU D 118 -29.66 4.04 -24.37
CA LEU D 118 -29.73 3.21 -23.18
C LEU D 118 -28.33 2.82 -22.65
N HIS D 119 -27.39 2.52 -23.55
CA HIS D 119 -26.02 2.27 -23.12
C HIS D 119 -25.45 3.48 -22.35
N TRP D 120 -25.74 4.69 -22.84
CA TRP D 120 -25.32 5.90 -22.14
C TRP D 120 -25.92 5.98 -20.76
N LEU D 121 -27.23 5.76 -20.69
CA LEU D 121 -27.94 5.87 -19.42
C LEU D 121 -27.52 4.80 -18.43
N GLN D 122 -27.20 3.63 -18.95
CA GLN D 122 -26.73 2.54 -18.12
C GLN D 122 -25.37 2.87 -17.50
N LEU D 123 -24.39 3.23 -18.33
CA LEU D 123 -23.04 3.58 -17.88
C LEU D 123 -23.06 4.80 -16.98
N PHE D 124 -23.95 5.73 -17.29
CA PHE D 124 -24.11 6.88 -16.42
C PHE D 124 -24.51 6.36 -15.05
N LEU D 125 -25.56 5.57 -15.01
CA LEU D 125 -26.07 5.06 -13.74
C LEU D 125 -25.07 4.16 -13.01
N ASP D 126 -24.31 3.36 -13.74
CA ASP D 126 -23.38 2.46 -13.07
C ASP D 126 -22.17 3.19 -12.49
N GLY D 127 -21.78 4.30 -13.11
CA GLY D 127 -20.70 5.14 -12.59
C GLY D 127 -21.16 5.90 -11.36
N LEU D 128 -22.36 6.48 -11.44
CA LEU D 128 -22.99 7.13 -10.28
C LEU D 128 -23.03 6.19 -9.09
N ARG D 129 -23.27 4.91 -9.38
CA ARG D 129 -23.41 3.90 -8.33
C ARG D 129 -22.07 3.60 -7.65
N THR D 130 -21.03 3.42 -8.45
CA THR D 130 -19.72 3.05 -7.92
C THR D 130 -18.78 4.23 -7.59
N SER D 131 -19.29 5.47 -7.66
CA SER D 131 -18.49 6.68 -7.42
C SER D 131 -18.53 7.11 -5.94
N SER D 132 -17.59 7.95 -5.51
CA SER D 132 -17.58 8.49 -4.14
C SER D 132 -18.89 9.19 -3.77
N THR D 137 -20.70 15.02 -10.62
CA THR D 137 -21.85 14.54 -11.39
C THR D 137 -21.69 14.73 -12.89
N SER D 138 -21.41 15.97 -13.29
CA SER D 138 -21.30 16.31 -14.70
C SER D 138 -20.22 15.49 -15.38
N THR D 139 -19.21 15.10 -14.60
CA THR D 139 -18.09 14.35 -15.15
C THR D 139 -18.52 12.91 -15.37
N LEU D 140 -19.26 12.35 -14.43
CA LEU D 140 -19.76 10.97 -14.59
C LEU D 140 -20.57 10.84 -15.90
N CYS D 141 -21.53 11.74 -16.07
CA CYS D 141 -22.36 11.77 -17.27
C CYS D 141 -21.52 11.98 -18.53
N SER D 142 -20.56 12.89 -18.45
CA SER D 142 -19.73 13.22 -19.59
C SER D 142 -18.86 12.01 -19.92
N GLU D 143 -18.33 11.37 -18.89
CA GLU D 143 -17.54 10.16 -19.10
C GLU D 143 -18.41 9.10 -19.79
N ALA D 144 -19.66 9.01 -19.36
CA ALA D 144 -20.58 8.04 -19.95
C ALA D 144 -20.89 8.37 -21.39
N TYR D 145 -21.18 9.66 -21.61
CA TYR D 145 -21.50 10.17 -22.94
C TYR D 145 -20.38 9.93 -23.97
N ASN D 146 -19.15 10.25 -23.60
CA ASN D 146 -18.01 10.10 -24.48
C ASN D 146 -17.79 8.59 -24.81
N ALA D 147 -18.14 7.74 -23.86
CA ALA D 147 -18.03 6.29 -24.05
C ALA D 147 -19.05 5.73 -25.04
N THR D 148 -20.17 6.42 -25.21
CA THR D 148 -21.32 5.89 -25.96
C THR D 148 -21.86 6.75 -27.11
N LEU D 149 -22.85 7.58 -26.77
CA LEU D 149 -23.58 8.41 -27.73
C LEU D 149 -22.67 9.35 -28.54
N ALA D 150 -21.62 9.86 -27.89
CA ALA D 150 -20.68 10.79 -28.52
C ALA D 150 -20.12 10.23 -29.83
N ASN D 151 -19.95 8.91 -29.91
CA ASN D 151 -19.46 8.28 -31.14
C ASN D 151 -20.46 8.40 -32.28
N TYR D 152 -21.58 9.07 -32.03
CA TYR D 152 -22.65 9.15 -32.99
C TYR D 152 -23.08 10.60 -33.15
N HIS D 153 -22.43 11.49 -32.42
CA HIS D 153 -22.71 12.90 -32.59
C HIS D 153 -21.62 13.61 -33.38
N SER D 154 -21.91 14.84 -33.77
CA SER D 154 -20.94 15.65 -34.49
C SER D 154 -20.13 16.41 -33.46
N TRP D 155 -18.96 16.88 -33.86
CA TRP D 155 -18.08 17.62 -32.97
C TRP D 155 -18.83 18.72 -32.22
N ILE D 156 -19.63 19.49 -32.93
CA ILE D 156 -20.35 20.62 -32.32
C ILE D 156 -21.38 20.15 -31.30
N VAL D 157 -22.12 19.09 -31.63
CA VAL D 157 -23.09 18.53 -30.68
C VAL D 157 -22.37 18.18 -29.38
N ARG D 158 -21.26 17.43 -29.52
CA ARG D 158 -20.46 17.00 -28.37
C ARG D 158 -20.08 18.18 -27.46
N GLN D 159 -19.63 19.27 -28.07
CA GLN D 159 -19.22 20.43 -27.33
C GLN D 159 -20.39 21.09 -26.63
N ALA D 160 -21.46 21.31 -27.40
CA ALA D 160 -22.67 21.93 -26.89
C ALA D 160 -23.26 21.08 -25.77
N VAL D 161 -23.37 19.78 -26.02
CA VAL D 161 -23.85 18.84 -25.01
C VAL D 161 -23.01 18.81 -23.72
N THR D 162 -21.68 18.73 -23.87
CA THR D 162 -20.77 18.62 -22.72
C THR D 162 -20.84 19.85 -21.83
N VAL D 163 -21.11 20.99 -22.44
CA VAL D 163 -21.23 22.22 -21.68
C VAL D 163 -22.52 22.18 -20.89
N ALA D 164 -23.58 21.74 -21.56
CA ALA D 164 -24.88 21.54 -20.92
C ALA D 164 -24.79 20.66 -19.67
N PHE D 165 -23.91 19.65 -19.70
CA PHE D 165 -23.79 18.71 -18.59
C PHE D 165 -23.38 19.35 -17.26
N CYS D 166 -22.70 20.49 -17.33
CA CYS D 166 -22.27 21.18 -16.11
C CYS D 166 -23.48 21.70 -15.34
N ALA D 167 -24.62 21.79 -16.02
CA ALA D 167 -25.86 22.23 -15.40
C ALA D 167 -26.54 21.15 -14.56
N LEU D 168 -25.84 20.04 -14.34
CA LEU D 168 -26.39 18.91 -13.61
C LEU D 168 -26.27 19.04 -12.09
N PRO D 169 -27.34 18.69 -11.36
CA PRO D 169 -27.39 18.67 -9.88
C PRO D 169 -26.35 17.76 -9.22
N SER D 170 -26.17 17.91 -7.91
CA SER D 170 -25.18 17.12 -7.18
C SER D 170 -25.56 15.65 -7.15
N ARG D 171 -24.58 14.81 -6.79
CA ARG D 171 -24.79 13.37 -6.66
C ARG D 171 -25.92 13.06 -5.70
N LYS D 172 -25.97 13.79 -4.59
CA LYS D 172 -27.02 13.62 -3.60
C LYS D 172 -28.40 13.89 -4.16
N VAL D 173 -28.54 15.00 -4.89
CA VAL D 173 -29.83 15.38 -5.46
C VAL D 173 -30.29 14.37 -6.52
N PHE D 174 -29.33 13.77 -7.22
CA PHE D 174 -29.59 12.72 -8.21
C PHE D 174 -30.20 11.47 -7.60
N LEU D 175 -29.49 10.90 -6.63
CA LEU D 175 -29.95 9.72 -5.92
C LEU D 175 -31.31 10.00 -5.25
N GLU D 176 -31.45 11.18 -4.67
CA GLU D 176 -32.71 11.62 -4.07
C GLU D 176 -33.84 11.63 -5.09
N ALA D 177 -33.52 11.97 -6.33
CA ALA D 177 -34.52 12.05 -7.39
C ALA D 177 -35.14 10.68 -7.71
N MET D 178 -34.46 9.63 -7.26
CA MET D 178 -34.92 8.26 -7.46
C MET D 178 -36.07 7.88 -6.52
N ASN D 179 -36.37 8.74 -5.56
CA ASN D 179 -37.51 8.60 -4.64
C ASN D 179 -37.47 7.32 -3.82
N MET D 180 -36.27 6.78 -3.64
CA MET D 180 -36.07 5.65 -2.75
C MET D 180 -36.18 6.13 -1.32
N GLU D 181 -36.13 5.21 -0.37
CA GLU D 181 -36.21 5.58 1.03
C GLU D 181 -34.94 6.25 1.51
N SER D 182 -33.82 5.96 0.86
CA SER D 182 -32.55 6.53 1.29
C SER D 182 -31.52 6.58 0.19
N THR D 183 -30.45 7.35 0.43
CA THR D 183 -29.29 7.43 -0.46
C THR D 183 -28.59 6.08 -0.67
N GLU D 184 -28.31 5.38 0.43
CA GLU D 184 -27.63 4.09 0.37
C GLU D 184 -28.49 3.05 -0.33
N GLN D 185 -29.81 3.15 -0.11
CA GLN D 185 -30.78 2.25 -0.73
C GLN D 185 -30.83 2.43 -2.25
N ALA D 186 -30.87 3.68 -2.69
CA ALA D 186 -30.88 4.02 -4.10
C ALA D 186 -29.68 3.38 -4.80
N VAL D 187 -28.56 3.42 -4.11
CA VAL D 187 -27.32 2.84 -4.64
C VAL D 187 -27.40 1.31 -4.71
N GLU D 188 -28.04 0.71 -3.72
CA GLU D 188 -28.27 -0.73 -3.70
C GLU D 188 -29.25 -1.07 -4.82
N MET D 189 -30.30 -0.26 -4.88
CA MET D 189 -31.32 -0.37 -5.92
C MET D 189 -30.69 -0.38 -7.30
N LEU D 190 -29.77 0.54 -7.55
CA LEU D 190 -29.10 0.60 -8.84
C LEU D 190 -28.30 -0.68 -9.06
N GLY D 191 -27.69 -1.17 -8.00
CA GLY D 191 -26.90 -2.39 -8.08
C GLY D 191 -27.75 -3.59 -8.44
N GLU D 192 -29.02 -3.56 -8.02
CA GLU D 192 -29.95 -4.65 -8.32
C GLU D 192 -30.44 -4.61 -9.75
N ALA D 193 -30.75 -3.41 -10.24
CA ALA D 193 -31.43 -3.19 -11.53
C ALA D 193 -30.50 -3.31 -12.73
N LEU D 194 -29.35 -2.64 -12.65
CA LEU D 194 -28.45 -2.52 -13.78
C LEU D 194 -28.09 -3.82 -14.50
N PRO D 195 -27.92 -4.94 -13.78
CA PRO D 195 -27.65 -6.16 -14.56
C PRO D 195 -28.75 -6.51 -15.57
N PHE D 196 -29.99 -6.11 -15.29
CA PHE D 196 -31.07 -6.39 -16.23
C PHE D 196 -30.97 -5.52 -17.46
N ILE D 197 -30.79 -4.23 -17.21
CA ILE D 197 -30.59 -3.26 -18.26
C ILE D 197 -29.35 -3.67 -19.05
N GLU D 198 -28.35 -4.17 -18.35
CA GLU D 198 -27.14 -4.60 -19.01
C GLU D 198 -27.43 -5.83 -19.84
N HIS D 199 -28.20 -6.75 -19.26
CA HIS D 199 -28.55 -7.97 -19.95
C HIS D 199 -29.36 -7.63 -21.23
N VAL D 200 -30.31 -6.71 -21.11
CA VAL D 200 -31.03 -6.22 -22.26
C VAL D 200 -30.12 -5.54 -23.28
N TYR D 201 -29.22 -4.67 -22.81
CA TYR D 201 -28.32 -4.02 -23.75
C TYR D 201 -27.50 -5.07 -24.50
N ASP D 202 -26.94 -6.02 -23.78
CA ASP D 202 -26.08 -7.02 -24.41
C ASP D 202 -26.81 -7.83 -25.44
N ILE D 203 -28.02 -8.30 -25.10
CA ILE D 203 -28.82 -9.06 -26.07
C ILE D 203 -29.13 -8.22 -27.28
N SER D 204 -29.56 -7.00 -27.03
CA SER D 204 -29.88 -6.07 -28.10
C SER D 204 -28.65 -5.83 -28.97
N GLN D 205 -27.52 -5.53 -28.34
CA GLN D 205 -26.29 -5.26 -29.09
C GLN D 205 -25.91 -6.50 -29.93
N LYS D 206 -25.97 -7.69 -29.32
CA LYS D 206 -25.63 -8.88 -30.09
C LYS D 206 -26.62 -9.11 -31.20
N LEU D 207 -27.91 -8.94 -30.91
CA LEU D 207 -28.93 -9.12 -31.94
C LEU D 207 -28.70 -8.23 -33.16
N TYR D 208 -28.44 -6.95 -32.93
CA TYR D 208 -28.21 -6.01 -34.02
C TYR D 208 -26.91 -6.28 -34.78
N ALA D 209 -25.85 -6.65 -34.07
CA ALA D 209 -24.56 -6.97 -34.70
C ALA D 209 -24.66 -8.12 -35.72
N GLU D 210 -25.33 -9.21 -35.31
CA GLU D 210 -25.47 -10.43 -36.12
C GLU D 210 -26.24 -10.22 -37.41
N HIS D 211 -26.97 -9.11 -37.49
CA HIS D 211 -27.79 -8.84 -38.66
C HIS D 211 -27.31 -7.57 -39.34
N SER D 212 -26.15 -7.10 -38.89
CA SER D 212 -25.51 -5.92 -39.45
C SER D 212 -26.39 -4.67 -39.44
N LEU D 213 -26.88 -4.33 -38.26
CA LEU D 213 -27.79 -3.21 -38.10
C LEU D 213 -27.16 -2.12 -37.23
N LEU D 214 -25.90 -2.32 -36.86
CA LEU D 214 -25.26 -1.44 -35.89
C LEU D 214 -25.08 -0.02 -36.39
N ASP D 215 -25.16 0.19 -37.71
CA ASP D 215 -24.97 1.54 -38.25
C ASP D 215 -26.06 1.99 -39.19
N LEU D 216 -27.24 1.43 -39.03
CA LEU D 216 -28.41 1.84 -39.78
C LEU D 216 -28.57 3.33 -39.77
N PRO D 217 -28.78 3.91 -40.95
CA PRO D 217 -29.07 5.34 -41.16
C PRO D 217 -30.42 5.76 -40.54
N PHE E 9 24.71 15.62 1.78
CA PHE E 9 24.06 14.93 0.67
C PHE E 9 22.54 15.13 0.74
N ASN E 10 21.91 15.21 -0.43
CA ASN E 10 20.47 15.41 -0.53
C ASN E 10 20.00 15.23 -1.97
N LEU E 11 18.70 15.06 -2.17
CA LEU E 11 18.23 14.67 -3.50
C LEU E 11 18.31 15.79 -4.51
N LYS E 12 18.23 17.04 -4.06
CA LYS E 12 18.31 18.17 -4.98
C LYS E 12 19.66 18.17 -5.70
N VAL E 13 20.71 18.03 -4.91
CA VAL E 13 22.05 17.94 -5.43
C VAL E 13 22.21 16.79 -6.41
N VAL E 14 21.56 15.66 -6.12
CA VAL E 14 21.57 14.53 -7.04
C VAL E 14 20.88 14.81 -8.39
N LEU E 15 19.66 15.30 -8.33
CA LEU E 15 18.85 15.41 -9.52
C LEU E 15 19.33 16.51 -10.48
N VAL E 16 20.14 17.45 -9.98
CA VAL E 16 20.60 18.54 -10.82
C VAL E 16 21.57 18.02 -11.90
N SER E 17 22.19 16.87 -11.65
CA SER E 17 23.02 16.19 -12.66
C SER E 17 22.31 16.09 -14.00
N PHE E 18 20.99 15.91 -13.96
CA PHE E 18 20.26 15.77 -15.19
C PHE E 18 19.99 17.08 -15.92
N LYS E 19 20.01 18.18 -15.18
CA LYS E 19 19.92 19.51 -15.78
C LYS E 19 21.24 19.79 -16.47
N GLN E 20 22.32 19.43 -15.78
CA GLN E 20 23.68 19.63 -16.27
C GLN E 20 24.03 18.79 -17.50
N CYS E 21 23.40 17.63 -17.68
CA CYS E 21 23.87 16.77 -18.75
C CYS E 21 23.40 17.26 -20.11
N LEU E 22 22.48 18.22 -20.12
CA LEU E 22 21.89 18.71 -21.37
C LEU E 22 22.76 19.82 -21.98
N THR E 23 23.11 19.68 -23.25
CA THR E 23 23.80 20.71 -24.02
C THR E 23 22.75 21.54 -24.77
N ASP E 24 23.14 22.73 -25.24
CA ASP E 24 22.19 23.58 -25.96
C ASP E 24 21.96 23.03 -27.37
N LYS E 25 22.71 21.99 -27.72
CA LYS E 25 22.51 21.26 -28.96
C LYS E 25 21.59 20.06 -28.73
N GLY E 26 21.06 19.95 -27.51
CA GLY E 26 20.14 18.87 -27.17
C GLY E 26 20.75 17.51 -26.85
N GLU E 27 22.04 17.49 -26.56
CA GLU E 27 22.74 16.25 -26.24
C GLU E 27 22.67 15.90 -24.76
N VAL E 28 22.80 14.61 -24.46
CA VAL E 28 22.80 14.15 -23.08
C VAL E 28 24.24 13.71 -22.78
N LEU E 29 24.92 14.45 -21.91
CA LEU E 29 26.32 14.17 -21.63
C LEU E 29 26.36 12.95 -20.70
N LEU E 30 27.15 11.95 -21.06
CA LEU E 30 27.15 10.67 -20.33
C LEU E 30 27.64 10.80 -18.90
N ASP E 31 28.64 11.65 -18.69
CA ASP E 31 29.28 11.77 -17.39
C ASP E 31 28.30 12.24 -16.30
N HIS E 32 27.45 13.18 -16.67
CA HIS E 32 26.46 13.70 -15.74
C HIS E 32 25.29 12.76 -15.63
N TYR E 33 24.98 12.07 -16.72
CA TYR E 33 23.97 11.02 -16.69
C TYR E 33 24.34 9.99 -15.65
N ILE E 34 25.59 9.52 -15.70
CA ILE E 34 26.14 8.59 -14.75
C ILE E 34 26.10 9.11 -13.30
N ALA E 35 26.48 10.35 -13.11
CA ALA E 35 26.55 10.92 -11.77
C ALA E 35 25.17 11.03 -11.18
N GLY E 36 24.20 11.33 -12.03
CA GLY E 36 22.82 11.37 -11.61
C GLY E 36 22.38 9.99 -11.15
N TRP E 37 22.72 8.96 -11.92
CA TRP E 37 22.34 7.61 -11.52
C TRP E 37 23.10 7.16 -10.26
N LYS E 38 24.38 7.50 -10.13
CA LYS E 38 25.10 7.15 -8.90
C LYS E 38 24.39 7.77 -7.69
N GLY E 39 23.91 9.00 -7.83
CA GLY E 39 23.21 9.65 -6.73
C GLY E 39 21.84 9.03 -6.38
N LEU E 40 21.05 8.73 -7.39
CA LEU E 40 19.77 8.07 -7.18
C LEU E 40 19.95 6.71 -6.46
N VAL E 41 20.97 5.99 -6.88
CA VAL E 41 21.31 4.71 -6.24
C VAL E 41 21.54 4.91 -4.76
N ARG E 42 22.33 5.93 -4.41
CA ARG E 42 22.56 6.28 -3.01
C ARG E 42 21.24 6.59 -2.28
N PHE E 43 20.35 7.28 -2.98
CA PHE E 43 19.08 7.63 -2.39
C PHE E 43 18.22 6.40 -2.19
N LEU E 44 18.09 5.59 -3.24
CA LEU E 44 17.28 4.36 -3.17
C LEU E 44 17.78 3.48 -2.03
N ASN E 45 19.10 3.34 -1.93
CA ASN E 45 19.69 2.54 -0.86
C ASN E 45 19.38 3.05 0.53
N SER E 46 19.19 4.37 0.67
CA SER E 46 18.90 4.95 1.98
C SER E 46 17.49 4.59 2.48
N LEU E 47 16.73 3.88 1.67
CA LEU E 47 15.38 3.48 2.07
C LEU E 47 15.33 1.99 2.39
N GLY E 48 16.50 1.40 2.63
CA GLY E 48 16.59 -0.02 2.93
C GLY E 48 16.98 -0.91 1.75
N ALA E 49 16.34 -2.06 1.62
CA ALA E 49 16.75 -3.06 0.64
C ALA E 49 15.69 -3.32 -0.43
N VAL E 50 14.55 -2.66 -0.31
CA VAL E 50 13.44 -2.89 -1.20
C VAL E 50 13.78 -2.66 -2.68
N PHE E 51 14.66 -1.70 -2.96
CA PHE E 51 14.95 -1.30 -4.33
C PHE E 51 16.20 -1.95 -4.87
N SER E 52 16.86 -2.77 -4.06
CA SER E 52 18.13 -3.35 -4.48
C SER E 52 18.04 -4.15 -5.79
N PHE E 53 16.84 -4.55 -6.19
CA PHE E 53 16.70 -5.35 -7.41
C PHE E 53 16.85 -4.44 -8.60
N ILE E 54 16.73 -3.14 -8.35
CA ILE E 54 16.99 -2.11 -9.35
C ILE E 54 18.37 -1.50 -9.10
N SER E 55 18.56 -1.06 -7.86
CA SER E 55 19.78 -0.41 -7.45
C SER E 55 21.05 -1.26 -7.75
N LYS E 56 21.10 -2.51 -7.31
CA LYS E 56 22.29 -3.33 -7.58
C LYS E 56 22.55 -3.51 -9.08
N ASP E 57 21.48 -3.56 -9.86
CA ASP E 57 21.63 -3.76 -11.30
C ASP E 57 22.13 -2.45 -11.97
N VAL E 58 21.54 -1.31 -11.58
CA VAL E 58 22.01 -0.02 -12.07
C VAL E 58 23.50 0.16 -11.77
N VAL E 59 23.92 -0.24 -10.57
CA VAL E 59 25.32 -0.10 -10.20
C VAL E 59 26.26 -0.88 -11.14
N ALA E 60 25.91 -2.11 -11.47
CA ALA E 60 26.73 -2.92 -12.38
C ALA E 60 26.81 -2.28 -13.77
N LYS E 61 25.71 -1.66 -14.20
CA LYS E 61 25.66 -1.06 -15.53
C LYS E 61 26.42 0.24 -15.62
N LEU E 62 26.48 0.97 -14.51
CA LEU E 62 27.31 2.18 -14.46
C LEU E 62 28.76 1.77 -14.60
N GLN E 63 29.13 0.69 -13.93
CA GLN E 63 30.50 0.23 -13.98
C GLN E 63 30.88 -0.09 -15.40
N ILE E 64 29.95 -0.69 -16.15
CA ILE E 64 30.22 -0.94 -17.56
C ILE E 64 30.46 0.38 -18.29
N MET E 65 29.62 1.38 -18.03
CA MET E 65 29.72 2.68 -18.73
C MET E 65 30.95 3.47 -18.31
N GLU E 66 31.29 3.42 -17.03
CA GLU E 66 32.48 4.13 -16.55
C GLU E 66 33.73 3.54 -17.21
N ARG E 67 33.76 2.22 -17.41
CA ARG E 67 34.90 1.60 -18.07
C ARG E 67 34.98 2.01 -19.54
N LEU E 68 33.84 2.03 -20.23
CA LEU E 68 33.87 2.46 -21.62
C LEU E 68 34.34 3.89 -21.70
N ARG E 69 33.85 4.71 -20.77
CA ARG E 69 34.16 6.14 -20.78
C ARG E 69 35.61 6.46 -20.38
N SER E 70 36.22 5.63 -19.54
CA SER E 70 37.63 5.83 -19.15
C SER E 70 38.59 5.17 -20.14
N SER E 71 38.06 4.37 -21.05
CA SER E 71 38.90 3.61 -21.98
C SER E 71 39.59 4.57 -22.98
N PRO E 72 40.55 4.07 -23.78
CA PRO E 72 41.18 4.92 -24.83
C PRO E 72 40.18 5.45 -25.85
N GLN E 73 38.95 4.96 -25.78
CA GLN E 73 37.88 5.38 -26.69
C GLN E 73 37.00 6.44 -26.06
N SER E 74 37.51 7.03 -24.99
CA SER E 74 36.78 7.96 -24.16
C SER E 74 36.05 9.05 -24.94
N GLU E 75 36.68 9.56 -26.00
CA GLU E 75 36.11 10.66 -26.78
C GLU E 75 34.80 10.29 -27.50
N HIS E 76 34.55 8.98 -27.69
CA HIS E 76 33.31 8.56 -28.35
C HIS E 76 32.13 8.44 -27.38
N TYR E 77 32.39 8.27 -26.10
CA TYR E 77 31.31 8.08 -25.11
C TYR E 77 31.02 9.35 -24.33
N THR E 78 31.19 10.47 -25.00
CA THR E 78 31.04 11.77 -24.42
C THR E 78 29.56 12.05 -24.19
N SER E 79 28.73 11.63 -25.13
CA SER E 79 27.30 11.79 -25.01
C SER E 79 26.61 10.52 -25.47
N LEU E 80 25.33 10.36 -25.12
CA LEU E 80 24.55 9.25 -25.64
C LEU E 80 24.64 9.28 -27.17
N GLN E 81 24.54 10.47 -27.74
CA GLN E 81 24.64 10.65 -29.18
C GLN E 81 25.96 10.16 -29.78
N SER E 82 27.08 10.54 -29.17
CA SER E 82 28.36 10.16 -29.77
C SER E 82 28.59 8.65 -29.63
N MET E 83 28.06 8.07 -28.56
CA MET E 83 28.11 6.64 -28.31
C MET E 83 27.39 5.83 -29.40
N VAL E 84 26.10 6.13 -29.56
CA VAL E 84 25.27 5.49 -30.56
C VAL E 84 25.91 5.59 -31.93
N ALA E 85 26.29 6.80 -32.31
CA ALA E 85 26.92 7.00 -33.59
C ALA E 85 28.17 6.13 -33.72
N TYR E 86 29.00 6.12 -32.69
CA TYR E 86 30.27 5.37 -32.75
C TYR E 86 30.07 3.85 -32.74
N GLU E 87 29.32 3.34 -31.77
CA GLU E 87 29.17 1.90 -31.61
C GLU E 87 28.41 1.26 -32.79
N VAL E 88 27.42 1.96 -33.31
CA VAL E 88 26.64 1.43 -34.42
C VAL E 88 27.48 1.44 -35.68
N SER E 89 28.02 2.59 -36.05
CA SER E 89 28.76 2.65 -37.31
C SER E 89 29.96 1.72 -37.34
N ASN E 90 30.54 1.41 -36.17
CA ASN E 90 31.65 0.47 -36.13
C ASN E 90 31.17 -0.93 -35.84
N LYS E 91 29.88 -1.15 -36.00
CA LYS E 91 29.25 -2.47 -35.77
C LYS E 91 29.63 -3.13 -34.44
N LEU E 92 29.41 -2.39 -33.36
CA LEU E 92 29.82 -2.81 -32.03
C LEU E 92 28.66 -3.12 -31.10
N VAL E 93 27.46 -3.14 -31.64
CA VAL E 93 26.27 -3.48 -30.87
C VAL E 93 25.38 -4.55 -31.52
N ASP E 94 24.97 -5.54 -30.74
CA ASP E 94 24.08 -6.58 -31.24
C ASP E 94 22.70 -6.01 -31.46
N MET E 95 22.27 -5.93 -32.71
CA MET E 95 20.95 -5.38 -32.99
C MET E 95 19.83 -6.43 -32.95
N ASP E 96 20.18 -7.71 -33.13
CA ASP E 96 19.20 -8.80 -33.27
C ASP E 96 19.38 -9.99 -32.34
N HIS E 97 18.67 -11.07 -32.65
CA HIS E 97 18.83 -12.34 -31.95
C HIS E 97 19.25 -13.45 -32.92
N HIS E 100 23.53 -14.27 -33.13
CA HIS E 100 24.25 -14.66 -31.91
C HIS E 100 24.99 -13.47 -31.31
N PRO E 101 24.90 -13.32 -29.98
CA PRO E 101 25.38 -12.11 -29.28
C PRO E 101 26.89 -12.03 -29.18
N ARG E 102 27.52 -10.98 -29.73
CA ARG E 102 28.98 -10.86 -29.69
C ARG E 102 29.41 -9.71 -28.77
N HIS E 103 28.52 -8.74 -28.61
CA HIS E 103 28.76 -7.61 -27.72
C HIS E 103 27.69 -7.44 -26.65
N PRO E 104 27.60 -8.38 -25.70
CA PRO E 104 26.51 -8.36 -24.73
C PRO E 104 26.58 -7.20 -23.71
N HIS E 105 27.66 -6.43 -23.70
CA HIS E 105 27.82 -5.33 -22.76
C HIS E 105 28.05 -3.99 -23.45
N SER E 106 27.55 -3.83 -24.67
CA SER E 106 27.72 -2.57 -25.42
C SER E 106 27.17 -1.36 -24.68
N GLY E 107 27.69 -0.19 -25.01
CA GLY E 107 27.19 1.02 -24.38
C GLY E 107 25.71 1.19 -24.66
N CYS E 108 25.34 1.01 -25.93
CA CYS E 108 23.96 1.15 -26.36
C CYS E 108 22.99 0.29 -25.57
N ARG E 109 23.28 -1.00 -25.42
CA ARG E 109 22.28 -1.85 -24.79
C ARG E 109 22.31 -1.61 -23.29
N THR E 110 23.44 -1.12 -22.79
CA THR E 110 23.53 -0.87 -21.36
C THR E 110 22.76 0.39 -20.97
N VAL E 111 22.93 1.45 -21.76
CA VAL E 111 22.26 2.72 -21.46
C VAL E 111 20.75 2.55 -21.61
N LEU E 112 20.34 1.70 -22.56
CA LEU E 112 18.92 1.35 -22.72
C LEU E 112 18.27 0.86 -21.44
N ARG E 113 18.96 0.00 -20.70
CA ARG E 113 18.43 -0.48 -19.41
C ARG E 113 18.38 0.62 -18.37
N LEU E 114 19.42 1.45 -18.32
CA LEU E 114 19.45 2.60 -17.42
C LEU E 114 18.30 3.56 -17.76
N HIS E 115 18.11 3.77 -19.05
CA HIS E 115 17.04 4.62 -19.57
C HIS E 115 15.63 4.13 -19.10
N ARG E 116 15.34 2.85 -19.31
CA ARG E 116 14.05 2.30 -18.86
C ARG E 116 13.87 2.49 -17.36
N ALA E 117 14.93 2.25 -16.58
CA ALA E 117 14.82 2.39 -15.14
C ALA E 117 14.57 3.84 -14.76
N LEU E 118 15.14 4.75 -15.55
CA LEU E 118 15.00 6.19 -15.30
C LEU E 118 13.55 6.61 -15.49
N HIS E 119 12.90 6.02 -16.49
CA HIS E 119 11.48 6.24 -16.69
C HIS E 119 10.66 5.81 -15.49
N TRP E 120 10.99 4.67 -14.92
CA TRP E 120 10.30 4.21 -13.74
C TRP E 120 10.50 5.21 -12.60
N LEU E 121 11.75 5.63 -12.40
CA LEU E 121 12.06 6.55 -11.31
C LEU E 121 11.45 7.94 -11.47
N GLN E 122 11.37 8.42 -12.70
CA GLN E 122 10.78 9.70 -13.02
C GLN E 122 9.28 9.68 -12.68
N LEU E 123 8.57 8.67 -13.18
CA LEU E 123 7.14 8.56 -12.93
C LEU E 123 6.83 8.31 -11.45
N PHE E 124 7.63 7.48 -10.81
CA PHE E 124 7.45 7.26 -9.39
C PHE E 124 7.56 8.60 -8.66
N LEU E 125 8.65 9.32 -8.89
CA LEU E 125 8.89 10.62 -8.25
C LEU E 125 7.83 11.64 -8.62
N ASP E 126 7.34 11.60 -9.86
CA ASP E 126 6.33 12.56 -10.28
C ASP E 126 5.00 12.30 -9.58
N GLY E 127 4.72 11.03 -9.30
CA GLY E 127 3.52 10.64 -8.59
C GLY E 127 3.62 11.04 -7.13
N LEU E 128 4.76 10.76 -6.52
CA LEU E 128 5.04 11.18 -5.15
C LEU E 128 4.84 12.69 -5.01
N ARG E 129 5.19 13.41 -6.06
CA ARG E 129 5.12 14.86 -6.05
C ARG E 129 3.70 15.40 -6.06
N THR E 130 2.90 14.88 -6.99
CA THR E 130 1.57 15.41 -7.20
C THR E 130 0.53 14.71 -6.33
N SER E 131 0.97 13.80 -5.46
CA SER E 131 0.03 12.99 -4.68
C SER E 131 -0.38 13.65 -3.37
N SER E 132 -1.54 13.22 -2.86
CA SER E 132 -2.05 13.64 -1.55
C SER E 132 -1.11 13.30 -0.40
N GLU E 133 -1.37 13.83 0.78
CA GLU E 133 -0.47 13.61 1.90
C GLU E 133 -0.46 12.13 2.34
N ASP E 134 -1.65 11.56 2.53
CA ASP E 134 -1.82 10.19 3.03
C ASP E 134 -1.79 9.14 1.94
N ALA E 135 -1.39 9.53 0.73
CA ALA E 135 -1.29 8.58 -0.37
C ALA E 135 -0.34 7.44 0.00
N ARG E 136 -0.61 6.28 -0.57
CA ARG E 136 0.10 5.05 -0.22
C ARG E 136 1.34 4.90 -1.08
N THR E 137 2.50 4.90 -0.45
CA THR E 137 3.74 4.85 -1.20
C THR E 137 3.79 3.64 -2.14
N SER E 138 3.44 2.46 -1.61
CA SER E 138 3.53 1.22 -2.39
C SER E 138 2.72 1.29 -3.68
N THR E 139 1.61 2.03 -3.64
CA THR E 139 0.72 2.15 -4.80
C THR E 139 1.35 3.04 -5.85
N LEU E 140 1.89 4.18 -5.40
CA LEU E 140 2.55 5.14 -6.28
C LEU E 140 3.68 4.42 -7.02
N CYS E 141 4.49 3.70 -6.27
CA CYS E 141 5.60 2.94 -6.86
C CYS E 141 5.11 1.89 -7.84
N SER E 142 4.05 1.18 -7.46
CA SER E 142 3.50 0.11 -8.29
C SER E 142 2.88 0.60 -9.58
N GLU E 143 2.14 1.68 -9.51
CA GLU E 143 1.55 2.27 -10.71
C GLU E 143 2.65 2.66 -11.69
N ALA E 144 3.72 3.26 -11.17
CA ALA E 144 4.85 3.66 -12.01
C ALA E 144 5.54 2.42 -12.55
N TYR E 145 5.71 1.42 -11.67
CA TYR E 145 6.37 0.19 -12.07
C TYR E 145 5.65 -0.46 -13.27
N ASN E 146 4.33 -0.59 -13.16
CA ASN E 146 3.49 -1.21 -14.20
C ASN E 146 3.47 -0.43 -15.50
N ALA E 147 3.52 0.90 -15.38
CA ALA E 147 3.53 1.77 -16.55
C ALA E 147 4.85 1.64 -17.29
N THR E 148 5.88 1.21 -16.57
CA THR E 148 7.23 1.19 -17.10
C THR E 148 7.92 -0.17 -17.04
N LEU E 149 8.64 -0.44 -15.96
CA LEU E 149 9.49 -1.62 -15.80
C LEU E 149 8.82 -3.00 -15.95
N ALA E 150 7.57 -3.09 -15.49
CA ALA E 150 6.80 -4.34 -15.55
C ALA E 150 6.77 -4.92 -16.97
N ASN E 151 6.82 -4.05 -17.98
CA ASN E 151 6.86 -4.45 -19.40
C ASN E 151 8.12 -5.16 -19.84
N TYR E 152 9.06 -5.35 -18.94
CA TYR E 152 10.32 -5.95 -19.31
C TYR E 152 10.65 -7.04 -18.31
N HIS E 153 9.78 -7.22 -17.34
CA HIS E 153 9.98 -8.26 -16.35
C HIS E 153 9.07 -9.47 -16.59
N SER E 154 9.42 -10.57 -15.93
CA SER E 154 8.66 -11.81 -16.02
C SER E 154 7.58 -11.78 -14.99
N TRP E 155 6.56 -12.60 -15.20
CA TRP E 155 5.43 -12.67 -14.30
C TRP E 155 5.88 -12.78 -12.84
N ILE E 156 6.82 -13.68 -12.58
CA ILE E 156 7.33 -13.94 -11.24
C ILE E 156 8.01 -12.68 -10.67
N VAL E 157 8.83 -12.03 -11.48
CA VAL E 157 9.45 -10.79 -11.05
C VAL E 157 8.39 -9.75 -10.70
N ARG E 158 7.43 -9.53 -11.61
CA ARG E 158 6.39 -8.54 -11.39
C ARG E 158 5.67 -8.78 -10.07
N GLN E 159 5.31 -10.03 -9.82
CA GLN E 159 4.60 -10.39 -8.60
C GLN E 159 5.45 -10.24 -7.35
N ALA E 160 6.66 -10.77 -7.39
CA ALA E 160 7.56 -10.73 -6.22
C ALA E 160 7.83 -9.30 -5.84
N VAL E 161 8.20 -8.53 -6.85
CA VAL E 161 8.46 -7.12 -6.70
C VAL E 161 7.23 -6.38 -6.17
N THR E 162 6.04 -6.69 -6.71
CA THR E 162 4.85 -5.96 -6.29
C THR E 162 4.59 -6.15 -4.81
N VAL E 163 4.94 -7.32 -4.30
CA VAL E 163 4.76 -7.61 -2.89
C VAL E 163 5.80 -6.85 -2.09
N ALA E 164 7.02 -6.85 -2.60
CA ALA E 164 8.13 -6.13 -2.00
C ALA E 164 7.79 -4.66 -1.73
N PHE E 165 7.03 -4.07 -2.65
CA PHE E 165 6.72 -2.65 -2.58
C PHE E 165 5.95 -2.26 -1.32
N CYS E 166 5.25 -3.20 -0.71
CA CYS E 166 4.48 -2.91 0.49
C CYS E 166 5.39 -2.57 1.68
N ALA E 167 6.64 -2.99 1.60
CA ALA E 167 7.60 -2.69 2.68
C ALA E 167 8.14 -1.27 2.57
N LEU E 168 7.55 -0.46 1.69
CA LEU E 168 8.04 0.91 1.50
C LEU E 168 7.54 1.83 2.61
N PRO E 169 8.44 2.70 3.10
CA PRO E 169 8.15 3.70 4.13
C PRO E 169 7.02 4.65 3.72
N SER E 170 6.49 5.40 4.69
CA SER E 170 5.38 6.31 4.44
C SER E 170 5.78 7.45 3.51
N ARG E 171 4.80 8.17 2.95
CA ARG E 171 5.11 9.31 2.09
C ARG E 171 5.99 10.32 2.81
N LYS E 172 5.68 10.57 4.08
CA LYS E 172 6.45 11.52 4.87
C LYS E 172 7.90 11.09 4.93
N VAL E 173 8.13 9.81 5.20
CA VAL E 173 9.48 9.25 5.35
C VAL E 173 10.31 9.31 4.06
N PHE E 174 9.65 9.18 2.92
CA PHE E 174 10.30 9.30 1.61
C PHE E 174 10.84 10.70 1.41
N LEU E 175 9.91 11.64 1.54
CA LEU E 175 10.23 13.04 1.41
C LEU E 175 11.33 13.41 2.38
N GLU E 176 11.22 12.94 3.62
CA GLU E 176 12.26 13.16 4.62
C GLU E 176 13.62 12.59 4.18
N ALA E 177 13.60 11.47 3.47
CA ALA E 177 14.85 10.86 3.01
C ALA E 177 15.55 11.75 1.99
N MET E 178 14.79 12.66 1.40
CA MET E 178 15.34 13.57 0.41
C MET E 178 16.19 14.67 1.02
N ASN E 179 16.25 14.71 2.35
CA ASN E 179 17.16 15.57 3.12
C ASN E 179 17.06 17.07 2.84
N MET E 180 15.88 17.50 2.37
CA MET E 180 15.54 18.91 2.24
C MET E 180 15.29 19.50 3.65
N GLU E 181 15.03 20.80 3.72
CA GLU E 181 14.73 21.43 5.00
C GLU E 181 13.35 21.04 5.49
N SER E 182 12.46 20.74 4.54
CA SER E 182 11.11 20.40 4.90
C SER E 182 10.44 19.55 3.81
N THR E 183 9.33 18.92 4.20
CA THR E 183 8.48 18.16 3.29
C THR E 183 7.98 18.96 2.10
N GLU E 184 7.44 20.15 2.36
CA GLU E 184 6.86 20.97 1.30
C GLU E 184 7.95 21.41 0.32
N GLN E 185 9.14 21.67 0.87
CA GLN E 185 10.30 22.06 0.06
C GLN E 185 10.68 20.95 -0.91
N ALA E 186 10.74 19.73 -0.37
CA ALA E 186 11.07 18.51 -1.12
C ALA E 186 10.17 18.37 -2.31
N VAL E 187 8.91 18.71 -2.14
CA VAL E 187 7.94 18.58 -3.20
C VAL E 187 8.16 19.64 -4.25
N GLU E 188 8.48 20.84 -3.77
CA GLU E 188 8.78 21.97 -4.63
C GLU E 188 10.02 21.65 -5.43
N MET E 189 11.00 21.12 -4.72
CA MET E 189 12.24 20.63 -5.33
C MET E 189 11.98 19.69 -6.51
N LEU E 190 11.05 18.75 -6.33
CA LEU E 190 10.74 17.77 -7.36
C LEU E 190 10.14 18.42 -8.61
N GLY E 191 9.31 19.42 -8.38
CA GLY E 191 8.69 20.14 -9.48
C GLY E 191 9.72 20.85 -10.33
N GLU E 192 10.82 21.25 -9.69
CA GLU E 192 11.91 21.88 -10.41
C GLU E 192 12.79 20.86 -11.15
N ALA E 193 13.04 19.73 -10.49
CA ALA E 193 13.99 18.72 -10.96
C ALA E 193 13.44 17.86 -12.10
N LEU E 194 12.24 17.34 -11.92
CA LEU E 194 11.64 16.42 -12.90
C LEU E 194 11.59 16.86 -14.36
N PRO E 195 11.32 18.14 -14.65
CA PRO E 195 11.31 18.47 -16.08
C PRO E 195 12.60 18.17 -16.79
N PHE E 196 13.70 18.25 -16.06
CA PHE E 196 15.00 17.95 -16.65
C PHE E 196 15.15 16.46 -16.90
N ILE E 197 14.79 15.69 -15.89
CA ILE E 197 14.80 14.25 -15.97
C ILE E 197 13.88 13.85 -17.12
N GLU E 198 12.77 14.57 -17.27
CA GLU E 198 11.86 14.29 -18.36
C GLU E 198 12.46 14.62 -19.73
N HIS E 199 13.08 15.78 -19.84
CA HIS E 199 13.69 16.18 -21.11
C HIS E 199 14.76 15.18 -21.51
N VAL E 200 15.58 14.79 -20.54
CA VAL E 200 16.59 13.78 -20.75
C VAL E 200 15.98 12.45 -21.24
N TYR E 201 14.92 11.99 -20.58
CA TYR E 201 14.27 10.76 -21.03
C TYR E 201 13.75 10.89 -22.46
N ASP E 202 13.11 12.01 -22.78
CA ASP E 202 12.53 12.23 -24.12
C ASP E 202 13.59 12.25 -25.21
N ILE E 203 14.70 12.96 -24.99
CA ILE E 203 15.77 13.00 -25.97
C ILE E 203 16.31 11.61 -26.20
N SER E 204 16.58 10.91 -25.10
CA SER E 204 17.11 9.55 -25.14
C SER E 204 16.15 8.61 -25.87
N GLN E 205 14.87 8.67 -25.49
CA GLN E 205 13.87 7.81 -26.11
C GLN E 205 13.80 8.06 -27.61
N LYS E 206 13.82 9.33 -28.01
CA LYS E 206 13.80 9.66 -29.42
C LYS E 206 15.06 9.18 -30.11
N LEU E 207 16.20 9.41 -29.47
CA LEU E 207 17.48 9.00 -30.02
C LEU E 207 17.55 7.49 -30.25
N TYR E 208 17.09 6.71 -29.27
CA TYR E 208 17.04 5.26 -29.40
C TYR E 208 15.99 4.77 -30.40
N ALA E 209 14.83 5.44 -30.42
CA ALA E 209 13.77 5.11 -31.37
C ALA E 209 14.25 5.29 -32.82
N GLU E 210 14.90 6.41 -33.10
CA GLU E 210 15.33 6.68 -34.47
C GLU E 210 16.39 5.74 -34.98
N HIS E 211 17.01 4.98 -34.08
CA HIS E 211 18.09 4.08 -34.51
C HIS E 211 17.70 2.63 -34.28
N SER E 212 16.42 2.40 -34.00
CA SER E 212 15.89 1.07 -33.76
C SER E 212 16.64 0.33 -32.66
N LEU E 213 16.74 0.95 -31.50
CA LEU E 213 17.47 0.38 -30.39
C LEU E 213 16.58 0.08 -29.19
N LEU E 214 15.27 0.25 -29.34
CA LEU E 214 14.38 0.13 -28.19
C LEU E 214 14.29 -1.31 -27.64
N ASP E 215 14.74 -2.30 -28.40
CA ASP E 215 14.66 -3.67 -27.92
C ASP E 215 16.00 -4.41 -28.06
N LEU E 216 17.12 -3.69 -27.99
CA LEU E 216 18.40 -4.35 -27.96
C LEU E 216 18.43 -5.44 -26.90
N PRO E 217 18.84 -6.64 -27.29
CA PRO E 217 19.00 -7.76 -26.35
C PRO E 217 20.15 -7.55 -25.33
N PHE F 9 42.21 -0.50 37.13
CA PHE F 9 41.39 -1.02 36.05
C PHE F 9 39.92 -0.79 36.34
N ASN F 10 39.14 -0.57 35.28
CA ASN F 10 37.68 -0.34 35.37
C ASN F 10 37.05 -0.37 33.97
N LEU F 11 35.73 -0.53 33.91
CA LEU F 11 35.08 -0.75 32.62
C LEU F 11 35.04 0.50 31.73
N LYS F 12 35.06 1.69 32.32
CA LYS F 12 35.08 2.93 31.54
C LYS F 12 36.35 2.99 30.67
N VAL F 13 37.50 2.78 31.31
CA VAL F 13 38.77 2.73 30.60
C VAL F 13 38.78 1.64 29.53
N VAL F 14 38.18 0.50 29.84
CA VAL F 14 38.14 -0.62 28.89
C VAL F 14 37.34 -0.21 27.66
N LEU F 15 36.15 0.31 27.88
CA LEU F 15 35.23 0.61 26.81
C LEU F 15 35.59 1.82 25.93
N VAL F 16 36.44 2.73 26.41
CA VAL F 16 36.80 3.89 25.60
C VAL F 16 37.63 3.52 24.36
N SER F 17 38.30 2.36 24.42
CA SER F 17 39.01 1.84 23.26
C SER F 17 38.14 1.83 22.02
N PHE F 18 36.84 1.58 22.18
CA PHE F 18 35.98 1.51 21.01
C PHE F 18 35.63 2.90 20.50
N LYS F 19 35.72 3.90 21.36
CA LYS F 19 35.57 5.28 20.93
C LYS F 19 36.84 5.64 20.15
N GLN F 20 37.97 5.22 20.71
CA GLN F 20 39.27 5.50 20.12
C GLN F 20 39.54 4.84 18.77
N CYS F 21 38.94 3.66 18.51
CA CYS F 21 39.27 2.89 17.32
C CYS F 21 38.62 3.47 16.08
N LEU F 22 37.73 4.44 16.26
CA LEU F 22 37.02 5.03 15.13
C LEU F 22 37.78 6.21 14.54
N THR F 23 37.98 6.19 13.22
CA THR F 23 38.61 7.31 12.50
C THR F 23 37.52 8.19 11.87
N ASP F 24 37.86 9.41 11.46
CA ASP F 24 36.85 10.27 10.84
C ASP F 24 36.50 9.85 9.41
N LYS F 25 37.18 8.83 8.90
CA LYS F 25 36.83 8.25 7.60
C LYS F 25 35.87 7.04 7.80
N GLY F 26 35.46 6.83 9.05
CA GLY F 26 34.55 5.76 9.41
C GLY F 26 35.22 4.39 9.53
N GLU F 27 36.54 4.39 9.63
CA GLU F 27 37.27 3.14 9.76
C GLU F 27 37.40 2.71 11.21
N VAL F 28 37.66 1.43 11.40
CA VAL F 28 37.81 0.85 12.72
C VAL F 28 39.24 0.38 12.86
N LEU F 29 39.99 1.00 13.76
CA LEU F 29 41.41 0.67 13.96
C LEU F 29 41.56 -0.64 14.72
N LEU F 30 42.37 -1.54 14.20
CA LEU F 30 42.48 -2.86 14.79
C LEU F 30 43.10 -2.84 16.18
N ASP F 31 44.11 -2.01 16.37
CA ASP F 31 44.86 -2.04 17.61
C ASP F 31 43.98 -1.73 18.82
N HIS F 32 43.10 -0.75 18.66
CA HIS F 32 42.20 -0.37 19.76
C HIS F 32 41.08 -1.37 19.89
N TYR F 33 40.66 -1.94 18.77
CA TYR F 33 39.63 -2.99 18.76
C TYR F 33 40.08 -4.15 19.65
N ILE F 34 41.32 -4.60 19.42
CA ILE F 34 41.96 -5.63 20.22
C ILE F 34 42.06 -5.23 21.69
N ALA F 35 42.47 -3.98 21.90
CA ALA F 35 42.75 -3.48 23.23
C ALA F 35 41.51 -3.44 24.08
N GLY F 36 40.39 -3.11 23.47
CA GLY F 36 39.12 -3.12 24.16
C GLY F 36 38.75 -4.54 24.55
N TRP F 37 38.91 -5.46 23.60
CA TRP F 37 38.56 -6.86 23.82
C TRP F 37 39.43 -7.47 24.90
N LYS F 38 40.72 -7.13 24.90
CA LYS F 38 41.63 -7.61 25.94
C LYS F 38 41.08 -7.23 27.31
N GLY F 39 40.53 -6.04 27.40
CA GLY F 39 39.94 -5.52 28.62
C GLY F 39 38.64 -6.18 29.01
N LEU F 40 37.77 -6.37 28.02
CA LEU F 40 36.50 -7.05 28.25
C LEU F 40 36.73 -8.45 28.85
N VAL F 41 37.71 -9.16 28.29
CA VAL F 41 38.13 -10.45 28.82
C VAL F 41 38.56 -10.32 30.28
N ARG F 42 39.40 -9.33 30.57
CA ARG F 42 39.84 -9.08 31.94
C ARG F 42 38.64 -8.87 32.87
N PHE F 43 37.63 -8.17 32.38
CA PHE F 43 36.40 -7.92 33.13
C PHE F 43 35.59 -9.19 33.33
N LEU F 44 35.41 -9.95 32.25
CA LEU F 44 34.64 -11.20 32.31
C LEU F 44 35.22 -12.19 33.32
N ASN F 45 36.54 -12.34 33.28
CA ASN F 45 37.24 -13.25 34.15
C ASN F 45 37.13 -12.89 35.62
N SER F 46 36.91 -11.61 35.89
CA SER F 46 36.75 -11.14 37.26
C SER F 46 35.41 -11.58 37.86
N LEU F 47 34.59 -12.26 37.07
CA LEU F 47 33.29 -12.73 37.51
C LEU F 47 33.27 -14.26 37.66
N GLY F 48 34.45 -14.86 37.77
CA GLY F 48 34.56 -16.30 37.93
C GLY F 48 34.84 -17.02 36.64
N ALA F 49 34.23 -18.19 36.47
CA ALA F 49 34.56 -19.04 35.33
C ALA F 49 33.38 -19.18 34.39
N VAL F 50 32.28 -18.53 34.73
CA VAL F 50 31.05 -18.64 33.96
C VAL F 50 31.24 -18.32 32.48
N PHE F 51 32.12 -17.38 32.18
CA PHE F 51 32.27 -16.89 30.82
C PHE F 51 33.46 -17.46 30.06
N SER F 52 34.27 -18.28 30.74
CA SER F 52 35.52 -18.78 30.16
C SER F 52 35.31 -19.57 28.86
N PHE F 53 34.08 -20.00 28.59
CA PHE F 53 33.80 -20.73 27.36
C PHE F 53 33.76 -19.72 26.20
N ILE F 54 33.61 -18.44 26.56
CA ILE F 54 33.68 -17.32 25.63
C ILE F 54 35.05 -16.68 25.74
N SER F 55 35.40 -16.37 26.99
CA SER F 55 36.64 -15.71 27.34
C SER F 55 37.86 -16.39 26.72
N LYS F 56 37.97 -17.69 26.92
CA LYS F 56 39.12 -18.45 26.41
C LYS F 56 39.17 -18.45 24.88
N ASP F 57 38.01 -18.42 24.22
CA ASP F 57 38.00 -18.45 22.76
C ASP F 57 38.43 -17.12 22.16
N VAL F 58 37.90 -16.03 22.72
CA VAL F 58 38.25 -14.67 22.28
C VAL F 58 39.75 -14.45 22.36
N VAL F 59 40.35 -14.86 23.47
CA VAL F 59 41.79 -14.66 23.71
C VAL F 59 42.69 -15.32 22.67
N ALA F 60 42.37 -16.54 22.27
CA ALA F 60 43.14 -17.23 21.24
C ALA F 60 43.03 -16.50 19.91
N LYS F 61 41.86 -15.93 19.67
CA LYS F 61 41.63 -15.21 18.42
C LYS F 61 42.28 -13.82 18.43
N LEU F 62 42.37 -13.22 19.62
CA LEU F 62 43.08 -11.94 19.76
C LEU F 62 44.53 -12.20 19.38
N GLN F 63 45.08 -13.33 19.87
CA GLN F 63 46.46 -13.66 19.56
C GLN F 63 46.67 -13.84 18.06
N ILE F 64 45.69 -14.43 17.39
CA ILE F 64 45.77 -14.54 15.94
C ILE F 64 45.91 -13.16 15.31
N MET F 65 45.08 -12.23 15.79
CA MET F 65 45.07 -10.89 15.26
C MET F 65 46.35 -10.12 15.65
N GLU F 66 46.83 -10.29 16.88
CA GLU F 66 48.06 -9.62 17.31
C GLU F 66 49.22 -10.05 16.41
N ARG F 67 49.23 -11.33 16.03
CA ARG F 67 50.32 -11.82 15.21
C ARG F 67 50.24 -11.29 13.78
N LEU F 68 49.04 -11.22 13.22
CA LEU F 68 48.85 -10.62 11.88
C LEU F 68 49.27 -9.15 11.87
N ARG F 69 48.95 -8.46 12.95
CA ARG F 69 49.24 -7.05 13.05
C ARG F 69 50.75 -6.85 13.28
N SER F 70 51.37 -7.80 13.96
CA SER F 70 52.81 -7.77 14.21
C SER F 70 53.60 -8.39 13.05
N SER F 71 52.91 -9.01 12.10
CA SER F 71 53.56 -9.68 10.98
C SER F 71 54.18 -8.66 10.03
N PRO F 72 54.96 -9.13 9.04
CA PRO F 72 55.44 -8.26 7.96
C PRO F 72 54.33 -7.66 7.10
N GLN F 73 53.09 -8.09 7.28
CA GLN F 73 51.99 -7.52 6.49
C GLN F 73 51.25 -6.44 7.29
N SER F 74 51.89 -5.96 8.37
CA SER F 74 51.32 -5.03 9.36
C SER F 74 50.57 -3.79 8.84
N GLU F 75 51.07 -3.16 7.77
CA GLU F 75 50.44 -1.95 7.23
C GLU F 75 49.05 -2.22 6.61
N HIS F 76 48.77 -3.48 6.25
CA HIS F 76 47.47 -3.83 5.68
C HIS F 76 46.40 -4.12 6.77
N TYR F 77 46.85 -4.51 7.96
CA TYR F 77 45.98 -4.89 9.07
C TYR F 77 45.84 -3.73 10.04
N THR F 78 45.87 -2.54 9.47
CA THR F 78 45.82 -1.35 10.26
C THR F 78 44.39 -1.11 10.72
N SER F 79 43.45 -1.34 9.81
CA SER F 79 42.05 -1.19 10.12
C SER F 79 41.27 -2.36 9.52
N LEU F 80 40.08 -2.61 10.06
CA LEU F 80 39.22 -3.66 9.53
C LEU F 80 39.01 -3.43 8.04
N GLN F 81 38.75 -2.18 7.66
CA GLN F 81 38.54 -1.84 6.27
C GLN F 81 39.73 -2.22 5.43
N SER F 82 40.95 -1.92 5.90
CA SER F 82 42.12 -2.23 5.08
C SER F 82 42.38 -3.74 5.08
N MET F 83 42.03 -4.40 6.18
CA MET F 83 42.16 -5.84 6.25
C MET F 83 41.31 -6.49 5.17
N VAL F 84 40.03 -6.17 5.15
CA VAL F 84 39.12 -6.73 4.14
C VAL F 84 39.63 -6.50 2.72
N ALA F 85 39.99 -5.28 2.36
CA ALA F 85 40.48 -5.03 1.02
C ALA F 85 41.68 -5.93 0.69
N TYR F 86 42.59 -6.10 1.65
CA TYR F 86 43.82 -6.87 1.40
C TYR F 86 43.57 -8.38 1.30
N GLU F 87 42.92 -8.95 2.30
CA GLU F 87 42.71 -10.39 2.35
C GLU F 87 41.76 -10.90 1.25
N VAL F 88 40.80 -10.07 0.85
CA VAL F 88 39.87 -10.45 -0.21
C VAL F 88 40.57 -10.48 -1.58
N SER F 89 41.13 -9.33 -1.98
CA SER F 89 41.80 -9.21 -3.28
C SER F 89 43.06 -10.06 -3.43
N ASN F 90 43.72 -10.38 -2.32
CA ASN F 90 44.89 -11.27 -2.39
C ASN F 90 44.54 -12.73 -2.10
N LYS F 91 43.25 -13.07 -2.25
CA LYS F 91 42.72 -14.44 -2.07
C LYS F 91 43.27 -15.15 -0.82
N LEU F 92 43.10 -14.50 0.33
CA LEU F 92 43.63 -14.99 1.60
C LEU F 92 42.51 -15.36 2.58
N VAL F 93 41.27 -15.37 2.09
CA VAL F 93 40.14 -15.76 2.93
C VAL F 93 39.24 -16.85 2.31
N ASP F 94 38.97 -17.90 3.09
CA ASP F 94 38.06 -18.99 2.69
C ASP F 94 36.63 -18.49 2.66
N MET F 95 36.06 -18.40 1.47
CA MET F 95 34.68 -17.93 1.33
C MET F 95 33.62 -19.03 1.38
N ASP F 96 34.01 -20.26 1.07
CA ASP F 96 33.08 -21.37 0.96
C ASP F 96 33.47 -22.54 1.85
N HIS F 97 32.88 -23.70 1.58
CA HIS F 97 33.21 -24.89 2.34
C HIS F 97 33.78 -25.96 1.42
N HIS F 103 42.77 -21.23 4.59
CA HIS F 103 43.09 -20.13 5.52
C HIS F 103 42.24 -20.13 6.79
N PRO F 104 42.45 -21.12 7.68
CA PRO F 104 41.55 -21.25 8.83
C PRO F 104 41.70 -20.14 9.86
N HIS F 105 42.77 -19.34 9.75
CA HIS F 105 42.97 -18.32 10.75
C HIS F 105 43.09 -16.94 10.12
N SER F 106 42.48 -16.77 8.96
CA SER F 106 42.53 -15.49 8.26
C SER F 106 41.95 -14.38 9.14
N GLY F 107 42.42 -13.17 8.90
CA GLY F 107 41.95 -12.02 9.66
C GLY F 107 40.47 -11.78 9.47
N CYS F 108 40.00 -11.86 8.23
CA CYS F 108 38.58 -11.67 7.96
C CYS F 108 37.70 -12.59 8.81
N ARG F 109 38.06 -13.87 8.87
CA ARG F 109 37.21 -14.82 9.58
C ARG F 109 37.39 -14.77 11.09
N THR F 110 38.57 -14.32 11.55
CA THR F 110 38.83 -14.31 12.99
C THR F 110 38.07 -13.16 13.67
N VAL F 111 38.05 -12.01 12.98
CA VAL F 111 37.36 -10.84 13.49
C VAL F 111 35.85 -11.07 13.49
N LEU F 112 35.36 -11.83 12.52
CA LEU F 112 33.93 -12.16 12.44
C LEU F 112 33.48 -12.76 13.78
N ARG F 113 34.28 -13.67 14.30
CA ARG F 113 33.99 -14.29 15.58
C ARG F 113 34.03 -13.27 16.70
N LEU F 114 35.04 -12.40 16.67
CA LEU F 114 35.17 -11.32 17.66
C LEU F 114 33.98 -10.36 17.61
N HIS F 115 33.59 -10.03 16.38
CA HIS F 115 32.48 -9.15 16.07
C HIS F 115 31.15 -9.66 16.65
N ARG F 116 30.84 -10.93 16.37
CA ARG F 116 29.61 -11.56 16.90
C ARG F 116 29.60 -11.56 18.41
N ALA F 117 30.71 -11.95 19.01
CA ALA F 117 30.81 -12.02 20.45
C ALA F 117 30.68 -10.62 21.01
N LEU F 118 31.08 -9.61 20.23
CA LEU F 118 30.96 -8.23 20.70
C LEU F 118 29.48 -7.77 20.70
N HIS F 119 28.73 -8.13 19.66
CA HIS F 119 27.31 -7.79 19.61
C HIS F 119 26.58 -8.31 20.84
N TRP F 120 26.93 -9.53 21.25
CA TRP F 120 26.38 -10.12 22.47
C TRP F 120 26.74 -9.32 23.70
N LEU F 121 28.01 -8.97 23.81
CA LEU F 121 28.47 -8.24 24.97
C LEU F 121 27.81 -6.85 24.99
N GLN F 122 27.57 -6.29 23.81
CA GLN F 122 26.86 -5.00 23.70
C GLN F 122 25.39 -5.07 24.14
N LEU F 123 24.61 -6.01 23.59
CA LEU F 123 23.20 -6.13 23.97
C LEU F 123 23.05 -6.46 25.43
N PHE F 124 23.95 -7.29 25.93
CA PHE F 124 24.01 -7.63 27.35
C PHE F 124 24.24 -6.39 28.19
N LEU F 125 25.29 -5.64 27.87
CA LEU F 125 25.63 -4.45 28.64
C LEU F 125 24.52 -3.43 28.53
N ASP F 126 23.91 -3.36 27.34
CA ASP F 126 22.83 -2.40 27.12
C ASP F 126 21.57 -2.80 27.86
N GLY F 127 21.39 -4.12 28.03
CA GLY F 127 20.28 -4.66 28.80
C GLY F 127 20.46 -4.42 30.29
N LEU F 128 21.68 -4.68 30.78
CA LEU F 128 22.09 -4.38 32.16
C LEU F 128 21.83 -2.93 32.51
N ARG F 129 22.04 -2.06 31.53
CA ARG F 129 21.96 -0.62 31.71
C ARG F 129 20.54 -0.10 31.94
N THR F 130 19.58 -0.52 31.11
CA THR F 130 18.22 0.03 31.19
C THR F 130 17.29 -0.71 32.13
N SER F 131 17.81 -1.73 32.82
CA SER F 131 16.97 -2.58 33.66
C SER F 131 16.88 -2.15 35.13
N SER F 132 15.78 -2.58 35.76
CA SER F 132 15.54 -2.51 37.21
C SER F 132 16.58 -3.33 37.96
N GLU F 133 16.44 -3.49 39.27
CA GLU F 133 17.44 -4.23 40.04
C GLU F 133 17.53 -5.74 39.62
N ARG F 136 17.02 -9.69 37.43
CA ARG F 136 17.76 -10.96 37.41
C ARG F 136 18.76 -11.03 36.26
N THR F 137 20.05 -11.11 36.61
CA THR F 137 21.17 -11.06 35.64
C THR F 137 21.16 -12.10 34.52
N SER F 138 20.97 -13.36 34.89
CA SER F 138 21.02 -14.48 33.94
C SER F 138 20.03 -14.27 32.79
N THR F 139 18.95 -13.56 33.08
CA THR F 139 17.87 -13.36 32.12
C THR F 139 18.32 -12.36 31.07
N LEU F 140 18.93 -11.28 31.53
CA LEU F 140 19.45 -10.24 30.65
C LEU F 140 20.40 -10.87 29.64
N CYS F 141 21.34 -11.60 30.20
CA CYS F 141 22.38 -12.27 29.44
C CYS F 141 21.84 -13.32 28.47
N SER F 142 20.89 -14.12 28.93
CA SER F 142 20.35 -15.18 28.09
C SER F 142 19.56 -14.59 26.91
N GLU F 143 18.79 -13.54 27.18
CA GLU F 143 18.06 -12.85 26.12
C GLU F 143 19.03 -12.30 25.09
N ALA F 144 20.13 -11.74 25.61
CA ALA F 144 21.16 -11.17 24.75
C ALA F 144 21.83 -12.24 23.89
N TYR F 145 22.16 -13.38 24.52
CA TYR F 145 22.80 -14.50 23.83
C TYR F 145 21.94 -15.03 22.68
N ASN F 146 20.65 -15.24 22.94
CA ASN F 146 19.72 -15.79 21.95
C ASN F 146 19.55 -14.84 20.75
N ALA F 147 19.65 -13.55 21.03
CA ALA F 147 19.57 -12.48 20.02
C ALA F 147 20.81 -12.44 19.13
N THR F 148 21.92 -12.96 19.66
CA THR F 148 23.22 -12.84 19.00
C THR F 148 23.92 -14.19 18.75
N LEU F 149 24.77 -14.58 19.70
CA LEU F 149 25.62 -15.78 19.58
C LEU F 149 24.91 -17.13 19.34
N ALA F 150 23.74 -17.28 19.94
CA ALA F 150 23.00 -18.53 19.77
C ALA F 150 22.79 -18.84 18.29
N ASN F 151 22.60 -17.82 17.45
CA ASN F 151 22.38 -18.08 16.03
C ASN F 151 23.59 -18.69 15.31
N TYR F 152 24.63 -19.04 16.06
CA TYR F 152 25.85 -19.59 15.46
C TYR F 152 26.38 -20.83 16.17
N HIS F 153 25.69 -21.26 17.22
CA HIS F 153 26.07 -22.46 17.97
C HIS F 153 25.19 -23.68 17.63
N SER F 154 25.52 -24.83 18.23
CA SER F 154 24.71 -26.04 18.11
C SER F 154 23.66 -26.09 19.22
N TRP F 155 22.62 -26.90 19.00
CA TRP F 155 21.54 -27.08 19.97
C TRP F 155 22.09 -27.39 21.37
N ILE F 156 23.02 -28.33 21.45
CA ILE F 156 23.56 -28.73 22.75
C ILE F 156 24.33 -27.58 23.41
N VAL F 157 25.17 -26.89 22.63
CA VAL F 157 25.91 -25.73 23.11
C VAL F 157 24.95 -24.69 23.66
N ARG F 158 23.93 -24.31 22.88
CA ARG F 158 22.95 -23.33 23.32
C ARG F 158 22.39 -23.77 24.67
N GLN F 159 22.04 -25.05 24.75
CA GLN F 159 21.48 -25.61 25.96
C GLN F 159 22.51 -25.53 27.08
N ALA F 160 23.73 -25.98 26.79
CA ALA F 160 24.83 -25.95 27.76
C ALA F 160 25.16 -24.52 28.22
N VAL F 161 25.31 -23.62 27.25
CA VAL F 161 25.60 -22.22 27.52
C VAL F 161 24.49 -21.58 28.36
N THR F 162 23.23 -21.84 27.99
CA THR F 162 22.08 -21.23 28.65
C THR F 162 22.04 -21.64 30.12
N VAL F 163 22.51 -22.85 30.39
CA VAL F 163 22.54 -23.37 31.75
C VAL F 163 23.62 -22.67 32.57
N ALA F 164 24.79 -22.49 31.97
CA ALA F 164 25.91 -21.75 32.60
C ALA F 164 25.52 -20.34 33.07
N PHE F 165 24.63 -19.67 32.34
CA PHE F 165 24.20 -18.29 32.66
C PHE F 165 23.53 -18.16 34.01
N CYS F 166 22.95 -19.25 34.50
CA CYS F 166 22.25 -19.22 35.76
C CYS F 166 23.21 -18.94 36.90
N ALA F 167 24.48 -19.30 36.69
CA ALA F 167 25.51 -19.11 37.70
C ALA F 167 26.00 -17.67 37.73
N LEU F 168 25.30 -16.77 37.04
CA LEU F 168 25.74 -15.39 36.97
C LEU F 168 25.34 -14.63 38.21
N PRO F 169 26.28 -13.86 38.77
CA PRO F 169 26.06 -13.01 39.93
C PRO F 169 24.92 -12.01 39.69
N SER F 170 24.45 -11.38 40.76
CA SER F 170 23.35 -10.41 40.68
C SER F 170 23.73 -9.17 39.90
N ARG F 171 22.72 -8.37 39.57
CA ARG F 171 22.94 -7.09 38.91
C ARG F 171 23.91 -6.20 39.68
N LYS F 172 23.75 -6.15 41.00
CA LYS F 172 24.63 -5.35 41.83
C LYS F 172 26.09 -5.83 41.74
N VAL F 173 26.31 -7.15 41.76
CA VAL F 173 27.66 -7.70 41.67
C VAL F 173 28.30 -7.34 40.34
N PHE F 174 27.50 -7.28 39.28
CA PHE F 174 27.99 -6.86 37.96
C PHE F 174 28.43 -5.40 37.91
N LEU F 175 27.49 -4.51 38.22
CA LEU F 175 27.76 -3.08 38.20
C LEU F 175 28.94 -2.72 39.11
N GLU F 176 28.99 -3.32 40.29
CA GLU F 176 30.11 -3.12 41.19
C GLU F 176 31.43 -3.59 40.57
N ALA F 177 31.37 -4.66 39.79
CA ALA F 177 32.55 -5.23 39.15
C ALA F 177 33.17 -4.29 38.10
N MET F 178 32.40 -3.30 37.70
CA MET F 178 32.85 -2.30 36.74
C MET F 178 33.81 -1.26 37.36
N ASN F 179 33.99 -1.33 38.69
CA ASN F 179 34.95 -0.50 39.44
C ASN F 179 34.75 0.99 39.35
N MET F 180 33.53 1.42 39.03
CA MET F 180 33.17 2.82 39.08
C MET F 180 33.07 3.22 40.54
N GLU F 181 32.81 4.49 40.78
CA GLU F 181 32.69 4.97 42.14
C GLU F 181 31.39 4.48 42.77
N SER F 182 30.38 4.25 41.93
CA SER F 182 29.06 3.87 42.41
C SER F 182 28.27 3.12 41.35
N THR F 183 27.19 2.45 41.78
CA THR F 183 26.26 1.81 40.84
C THR F 183 25.64 2.79 39.83
N GLU F 184 25.17 3.93 40.32
CA GLU F 184 24.52 4.93 39.45
C GLU F 184 25.50 5.47 38.44
N GLN F 185 26.75 5.65 38.85
CA GLN F 185 27.77 6.15 37.94
C GLN F 185 28.06 5.16 36.81
N ALA F 186 28.18 3.89 37.17
CA ALA F 186 28.40 2.82 36.21
C ALA F 186 27.32 2.79 35.13
N VAL F 187 26.08 3.04 35.53
CA VAL F 187 24.99 3.02 34.58
C VAL F 187 25.10 4.21 33.66
N GLU F 188 25.55 5.33 34.21
CA GLU F 188 25.74 6.54 33.44
C GLU F 188 26.88 6.31 32.43
N MET F 189 27.96 5.72 32.94
CA MET F 189 29.12 5.34 32.14
C MET F 189 28.72 4.48 30.93
N LEU F 190 27.87 3.49 31.16
CA LEU F 190 27.41 2.60 30.09
C LEU F 190 26.61 3.36 29.04
N GLY F 191 25.82 4.33 29.48
CA GLY F 191 25.06 5.16 28.56
C GLY F 191 25.98 5.98 27.66
N GLU F 192 27.13 6.37 28.20
CA GLU F 192 28.13 7.12 27.44
C GLU F 192 28.92 6.23 26.46
N ALA F 193 29.29 5.03 26.91
CA ALA F 193 30.18 4.13 26.15
C ALA F 193 29.53 3.31 25.02
N LEU F 194 28.40 2.66 25.31
CA LEU F 194 27.82 1.74 24.33
C LEU F 194 27.59 2.31 22.93
N PRO F 195 27.16 3.57 22.80
CA PRO F 195 26.97 4.06 21.42
C PRO F 195 28.23 3.95 20.56
N PHE F 196 29.40 4.04 21.17
CA PHE F 196 30.65 3.85 20.42
C PHE F 196 30.79 2.39 20.03
N ILE F 197 30.54 1.50 20.99
CA ILE F 197 30.60 0.08 20.74
C ILE F 197 29.64 -0.27 19.65
N GLU F 198 28.47 0.34 19.72
CA GLU F 198 27.42 0.09 18.75
C GLU F 198 27.83 0.57 17.37
N HIS F 199 28.40 1.77 17.31
CA HIS F 199 28.87 2.33 16.06
C HIS F 199 29.95 1.42 15.45
N VAL F 200 30.85 0.94 16.30
CA VAL F 200 31.86 0.00 15.86
C VAL F 200 31.18 -1.23 15.28
N TYR F 201 30.19 -1.75 15.99
CA TYR F 201 29.48 -2.93 15.52
C TYR F 201 28.82 -2.69 14.15
N ASP F 202 28.12 -1.55 13.99
CA ASP F 202 27.43 -1.28 12.72
C ASP F 202 28.38 -1.19 11.54
N ILE F 203 29.46 -0.43 11.72
CA ILE F 203 30.47 -0.27 10.70
C ILE F 203 31.07 -1.63 10.37
N SER F 204 31.36 -2.40 11.41
CA SER F 204 31.92 -3.73 11.22
C SER F 204 30.96 -4.68 10.48
N GLN F 205 29.72 -4.68 10.93
CA GLN F 205 28.69 -5.48 10.32
C GLN F 205 28.42 -5.06 8.87
N LYS F 206 28.31 -3.76 8.61
CA LYS F 206 28.06 -3.28 7.26
C LYS F 206 29.19 -3.63 6.31
N LEU F 207 30.43 -3.43 6.77
CA LEU F 207 31.60 -3.72 5.95
C LEU F 207 31.59 -5.18 5.49
N TYR F 208 31.32 -6.08 6.43
CA TYR F 208 31.28 -7.51 6.13
C TYR F 208 30.14 -7.89 5.19
N ALA F 209 28.99 -7.25 5.36
CA ALA F 209 27.85 -7.48 4.47
C ALA F 209 28.17 -7.12 3.03
N GLU F 210 28.73 -5.93 2.81
CA GLU F 210 29.00 -5.45 1.46
C GLU F 210 30.02 -6.27 0.71
N HIS F 211 30.71 -7.17 1.41
CA HIS F 211 31.71 -8.01 0.78
C HIS F 211 31.40 -9.51 0.91
N SER F 212 30.18 -9.85 1.33
CA SER F 212 29.72 -11.22 1.52
C SER F 212 30.61 -12.04 2.43
N LEU F 213 30.85 -11.51 3.63
CA LEU F 213 31.76 -12.16 4.56
C LEU F 213 31.07 -12.58 5.86
N LEU F 214 29.78 -12.37 5.93
CA LEU F 214 29.06 -12.54 7.18
C LEU F 214 28.96 -13.99 7.68
N ASP F 215 29.19 -14.97 6.82
CA ASP F 215 29.09 -16.38 7.23
C ASP F 215 30.32 -17.20 6.89
N LEU F 216 31.47 -16.54 6.81
CA LEU F 216 32.76 -17.18 6.60
C LEU F 216 32.95 -18.38 7.52
N PRO F 217 33.44 -19.50 6.95
CA PRO F 217 33.75 -20.73 7.70
C PRO F 217 34.87 -20.56 8.72
N ASP G 8 19.11 28.63 58.46
CA ASP G 8 19.71 28.50 57.13
C ASP G 8 18.65 28.27 56.05
N PHE G 9 18.17 27.04 55.97
CA PHE G 9 17.25 26.61 54.93
C PHE G 9 15.79 26.92 55.30
N ASN G 10 14.96 27.20 54.28
CA ASN G 10 13.54 27.45 54.50
C ASN G 10 12.79 27.52 53.19
N LEU G 11 11.47 27.36 53.24
CA LEU G 11 10.68 27.13 52.03
C LEU G 11 10.47 28.37 51.17
N LYS G 12 10.55 29.55 51.78
CA LYS G 12 10.40 30.81 51.04
C LYS G 12 11.50 30.94 49.99
N VAL G 13 12.74 30.79 50.45
CA VAL G 13 13.93 30.77 49.59
C VAL G 13 13.83 29.69 48.52
N VAL G 14 13.24 28.54 48.88
CA VAL G 14 12.98 27.50 47.90
C VAL G 14 11.94 27.97 46.88
N LEU G 15 10.82 28.49 47.37
CA LEU G 15 9.71 28.84 46.48
C LEU G 15 10.05 30.05 45.64
N VAL G 16 10.98 30.89 46.09
CA VAL G 16 11.29 32.08 45.31
C VAL G 16 11.96 31.71 43.98
N SER G 17 12.57 30.54 43.89
CA SER G 17 13.08 30.05 42.60
C SER G 17 12.08 30.13 41.45
N PHE G 18 10.79 29.90 41.73
CA PHE G 18 9.78 29.90 40.67
C PHE G 18 9.32 31.28 40.19
N LYS G 19 9.47 32.29 41.04
CA LYS G 19 9.32 33.69 40.64
C LYS G 19 10.50 34.09 39.76
N GLN G 20 11.68 33.65 40.14
CA GLN G 20 12.91 33.98 39.43
C GLN G 20 13.01 33.35 38.04
N CYS G 21 12.35 32.22 37.83
CA CYS G 21 12.52 31.51 36.56
C CYS G 21 11.73 32.11 35.41
N LEU G 22 10.82 33.04 35.73
CA LEU G 22 9.94 33.64 34.72
C LEU G 22 10.57 34.89 34.08
N THR G 23 10.63 34.93 32.76
CA THR G 23 11.13 36.09 32.05
C THR G 23 9.96 36.99 31.67
N ASP G 24 10.23 38.25 31.32
CA ASP G 24 9.13 39.16 30.99
C ASP G 24 8.53 38.81 29.64
N LYS G 25 9.13 37.84 28.96
CA LYS G 25 8.58 37.28 27.73
C LYS G 25 7.73 36.04 27.99
N GLY G 26 7.53 35.71 29.25
CA GLY G 26 6.74 34.54 29.57
C GLY G 26 7.48 33.21 29.42
N GLU G 27 8.80 33.24 29.38
CA GLU G 27 9.56 31.99 29.30
C GLU G 27 9.82 31.44 30.69
N VAL G 28 10.03 30.13 30.76
CA VAL G 28 10.31 29.46 32.03
C VAL G 28 11.79 29.05 31.99
N LEU G 29 12.61 29.69 32.83
CA LEU G 29 14.03 29.40 32.82
C LEU G 29 14.34 28.09 33.56
N LEU G 30 15.08 27.22 32.89
CA LEU G 30 15.33 25.89 33.39
C LEU G 30 16.18 25.86 34.65
N ASP G 31 17.20 26.71 34.71
CA ASP G 31 18.13 26.67 35.83
C ASP G 31 17.44 26.94 37.17
N HIS G 32 16.52 27.91 37.21
CA HIS G 32 15.80 28.20 38.43
C HIS G 32 14.72 27.15 38.66
N TYR G 33 14.15 26.63 37.58
CA TYR G 33 13.18 25.54 37.69
C TYR G 33 13.80 24.33 38.40
N ILE G 34 14.96 23.92 37.91
CA ILE G 34 15.72 22.85 38.53
C ILE G 34 16.05 23.19 39.99
N ALA G 35 16.48 24.43 40.24
CA ALA G 35 16.88 24.82 41.59
C ALA G 35 15.69 24.84 42.55
N GLY G 36 14.53 25.25 42.06
CA GLY G 36 13.33 25.23 42.88
C GLY G 36 12.99 23.79 43.25
N TRP G 37 13.03 22.90 42.27
CA TRP G 37 12.71 21.51 42.54
C TRP G 37 13.71 20.89 43.52
N LYS G 38 14.99 21.25 43.40
CA LYS G 38 16.00 20.76 44.33
C LYS G 38 15.64 21.13 45.77
N GLY G 39 15.10 22.34 45.94
CA GLY G 39 14.68 22.80 47.26
C GLY G 39 13.48 22.02 47.74
N LEU G 40 12.54 21.76 46.84
CA LEU G 40 11.36 20.98 47.16
C LEU G 40 11.70 19.57 47.65
N VAL G 41 12.63 18.90 46.97
CA VAL G 41 13.09 17.57 47.38
C VAL G 41 13.64 17.61 48.80
N ARG G 42 14.45 18.62 49.06
CA ARG G 42 14.98 18.82 50.40
C ARG G 42 13.83 19.04 51.41
N PHE G 43 12.78 19.72 50.99
CA PHE G 43 11.64 19.92 51.88
C PHE G 43 10.90 18.59 52.13
N LEU G 44 10.62 17.86 51.06
CA LEU G 44 9.92 16.59 51.17
C LEU G 44 10.65 15.62 52.09
N ASN G 45 11.96 15.52 51.90
CA ASN G 45 12.78 14.62 52.69
C ASN G 45 12.82 14.96 54.17
N SER G 46 12.62 16.24 54.50
CA SER G 46 12.61 16.62 55.90
C SER G 46 11.34 16.11 56.60
N LEU G 47 10.46 15.44 55.86
CA LEU G 47 9.22 14.91 56.42
C LEU G 47 9.24 13.37 56.54
N GLY G 48 10.43 12.80 56.52
CA GLY G 48 10.62 11.36 56.67
C GLY G 48 10.74 10.66 55.35
N ALA G 49 10.23 9.44 55.29
CA ALA G 49 10.46 8.59 54.12
C ALA G 49 9.16 8.43 53.37
N VAL G 50 8.12 9.08 53.89
CA VAL G 50 6.81 9.00 53.29
C VAL G 50 6.81 9.43 51.83
N PHE G 51 7.63 10.42 51.50
CA PHE G 51 7.56 10.99 50.16
C PHE G 51 8.63 10.41 49.27
N SER G 52 9.46 9.55 49.84
CA SER G 52 10.62 9.01 49.13
C SER G 52 10.30 8.29 47.80
N PHE G 53 9.05 7.89 47.60
CA PHE G 53 8.69 7.24 46.34
C PHE G 53 8.52 8.30 45.24
N ILE G 54 8.40 9.55 45.67
CA ILE G 54 8.31 10.67 44.77
C ILE G 54 9.66 11.36 44.67
N SER G 55 10.20 11.67 45.84
CA SER G 55 11.47 12.39 45.99
C SER G 55 12.59 11.71 45.19
N LYS G 56 12.74 10.40 45.36
CA LYS G 56 13.79 9.63 44.68
C LYS G 56 13.57 9.67 43.16
N ASP G 57 12.31 9.72 42.74
CA ASP G 57 11.97 9.80 41.32
C ASP G 57 12.27 11.18 40.74
N VAL G 58 11.86 12.24 41.46
CA VAL G 58 12.13 13.61 41.03
C VAL G 58 13.63 13.82 40.87
N VAL G 59 14.40 13.38 41.85
CA VAL G 59 15.86 13.57 41.80
C VAL G 59 16.50 12.92 40.56
N ALA G 60 16.04 11.72 40.20
CA ALA G 60 16.58 11.08 39.01
C ALA G 60 16.29 11.91 37.77
N LYS G 61 15.14 12.57 37.76
CA LYS G 61 14.79 13.37 36.59
C LYS G 61 15.53 14.71 36.62
N LEU G 62 15.79 15.21 37.82
CA LEU G 62 16.58 16.41 37.96
C LEU G 62 17.99 16.15 37.43
N GLN G 63 18.55 14.97 37.71
CA GLN G 63 19.90 14.65 37.21
C GLN G 63 19.97 14.62 35.68
N ILE G 64 18.93 14.09 35.07
CA ILE G 64 18.83 14.05 33.62
C ILE G 64 18.86 15.44 33.02
N MET G 65 18.11 16.37 33.61
CA MET G 65 18.06 17.74 33.07
C MET G 65 19.39 18.46 33.27
N GLU G 66 20.00 18.24 34.44
CA GLU G 66 21.25 18.87 34.75
C GLU G 66 22.32 18.45 33.76
N ARG G 67 22.29 17.18 33.38
CA ARG G 67 23.25 16.68 32.41
C ARG G 67 22.96 17.28 31.05
N LEU G 68 21.68 17.41 30.71
CA LEU G 68 21.38 18.02 29.44
C LEU G 68 21.87 19.47 29.43
N ARG G 69 21.66 20.16 30.55
CA ARG G 69 21.97 21.58 30.64
C ARG G 69 23.47 21.83 30.67
N SER G 70 24.22 20.86 31.19
CA SER G 70 25.69 20.94 31.23
C SER G 70 26.29 20.47 29.92
N SER G 71 25.47 19.86 29.07
CA SER G 71 25.94 19.24 27.84
C SER G 71 26.49 20.25 26.84
N PRO G 72 27.11 19.77 25.75
CA PRO G 72 27.52 20.74 24.72
C PRO G 72 26.36 21.48 24.08
N GLN G 73 25.14 21.02 24.35
CA GLN G 73 23.93 21.60 23.78
C GLN G 73 23.27 22.58 24.74
N SER G 74 24.07 23.07 25.69
CA SER G 74 23.58 23.87 26.81
C SER G 74 22.65 25.03 26.45
N GLU G 75 22.94 25.72 25.36
CA GLU G 75 22.16 26.93 25.01
C GLU G 75 20.71 26.63 24.63
N HIS G 76 20.47 25.39 24.21
CA HIS G 76 19.14 24.99 23.76
C HIS G 76 18.28 24.68 24.98
N TYR G 77 18.92 24.37 26.11
CA TYR G 77 18.19 24.02 27.33
C TYR G 77 18.09 25.18 28.31
N THR G 78 18.03 26.39 27.76
CA THR G 78 18.01 27.63 28.52
C THR G 78 16.66 27.84 29.21
N SER G 79 15.59 27.55 28.48
CA SER G 79 14.24 27.66 29.01
C SER G 79 13.45 26.45 28.55
N LEU G 80 12.32 26.17 29.19
CA LEU G 80 11.46 25.11 28.70
C LEU G 80 11.15 25.34 27.22
N GLN G 81 10.86 26.59 26.87
CA GLN G 81 10.56 26.92 25.48
C GLN G 81 11.68 26.55 24.51
N SER G 82 12.92 26.88 24.83
CA SER G 82 13.99 26.63 23.87
C SER G 82 14.29 25.13 23.84
N MET G 83 14.04 24.45 24.94
CA MET G 83 14.17 22.99 24.98
C MET G 83 13.21 22.33 23.98
N VAL G 84 11.92 22.62 24.15
CA VAL G 84 10.87 22.09 23.30
C VAL G 84 11.16 22.32 21.82
N ALA G 85 11.43 23.58 21.46
CA ALA G 85 11.70 23.96 20.07
C ALA G 85 12.86 23.16 19.48
N TYR G 86 13.93 23.02 20.25
CA TYR G 86 15.13 22.31 19.78
C TYR G 86 14.88 20.82 19.65
N GLU G 87 14.37 20.19 20.71
CA GLU G 87 14.17 18.75 20.71
C GLU G 87 13.10 18.31 19.70
N VAL G 88 12.04 19.12 19.56
CA VAL G 88 10.99 18.76 18.62
C VAL G 88 11.48 18.91 17.19
N SER G 89 11.96 20.08 16.84
CA SER G 89 12.44 20.32 15.48
C SER G 89 13.61 19.43 15.04
N ASN G 90 14.42 18.93 15.98
CA ASN G 90 15.48 17.99 15.60
C ASN G 90 15.10 16.53 15.80
N LYS G 91 13.80 16.27 15.89
CA LYS G 91 13.28 14.93 16.04
C LYS G 91 14.04 14.17 17.14
N LEU G 92 14.08 14.76 18.33
CA LEU G 92 14.83 14.17 19.43
C LEU G 92 13.91 13.72 20.56
N VAL G 93 12.60 13.75 20.33
CA VAL G 93 11.64 13.30 21.34
C VAL G 93 10.65 12.28 20.78
N ASP G 94 10.41 11.19 21.52
CA ASP G 94 9.40 10.22 21.11
C ASP G 94 8.01 10.83 21.24
N ARG G 102 13.26 5.72 20.89
CA ARG G 102 14.70 5.97 20.79
C ARG G 102 15.25 7.00 21.79
N HIS G 103 14.40 7.86 22.31
CA HIS G 103 14.87 8.85 23.29
C HIS G 103 14.13 8.74 24.60
N PRO G 104 14.43 7.68 25.37
CA PRO G 104 13.66 7.46 26.59
C PRO G 104 13.91 8.53 27.64
N HIS G 105 14.97 9.33 27.42
CA HIS G 105 15.39 10.33 28.38
C HIS G 105 15.44 11.75 27.85
N SER G 106 14.63 12.06 26.84
CA SER G 106 14.59 13.41 26.30
C SER G 106 14.14 14.41 27.38
N GLY G 107 14.55 15.66 27.20
CA GLY G 107 14.20 16.73 28.13
C GLY G 107 12.70 16.93 28.22
N CYS G 108 12.05 16.90 27.05
CA CYS G 108 10.60 17.09 26.95
C CYS G 108 9.82 16.10 27.80
N ARG G 109 10.15 14.81 27.70
CA ARG G 109 9.35 13.83 28.42
C ARG G 109 9.72 13.83 29.89
N THR G 110 10.95 14.23 30.20
CA THR G 110 11.45 14.23 31.57
C THR G 110 10.83 15.37 32.39
N VAL G 111 10.77 16.56 31.79
CA VAL G 111 10.23 17.74 32.44
C VAL G 111 8.74 17.56 32.71
N LEU G 112 8.07 16.87 31.79
CA LEU G 112 6.64 16.60 31.89
C LEU G 112 6.32 15.94 33.25
N ARG G 113 7.13 14.98 33.67
CA ARG G 113 6.94 14.33 34.97
C ARG G 113 7.15 15.28 36.13
N LEU G 114 8.21 16.10 36.02
CA LEU G 114 8.51 17.13 37.00
C LEU G 114 7.34 18.10 37.04
N HIS G 115 6.86 18.40 35.84
CA HIS G 115 5.70 19.26 35.67
C HIS G 115 4.45 18.73 36.36
N ARG G 116 4.08 17.47 36.07
CA ARG G 116 2.92 16.83 36.69
C ARG G 116 3.05 16.79 38.19
N ALA G 117 4.25 16.42 38.66
CA ALA G 117 4.52 16.30 40.07
C ALA G 117 4.45 17.66 40.78
N LEU G 118 4.77 18.73 40.06
CA LEU G 118 4.72 20.10 40.62
C LEU G 118 3.27 20.52 40.84
N HIS G 119 2.42 20.17 39.89
CA HIS G 119 0.99 20.42 40.04
C HIS G 119 0.45 19.76 41.32
N TRP G 120 0.88 18.52 41.58
CA TRP G 120 0.49 17.88 42.81
C TRP G 120 0.97 18.71 43.98
N LEU G 121 2.26 19.03 43.93
CA LEU G 121 2.87 19.73 45.05
C LEU G 121 2.27 21.11 45.24
N GLN G 122 1.90 21.76 44.14
CA GLN G 122 1.26 23.05 44.26
C GLN G 122 -0.11 22.91 44.93
N LEU G 123 -0.94 22.01 44.40
CA LEU G 123 -2.29 21.82 44.95
C LEU G 123 -2.24 21.39 46.41
N PHE G 124 -1.27 20.53 46.75
CA PHE G 124 -1.10 20.09 48.13
C PHE G 124 -0.81 21.24 49.05
N LEU G 125 0.20 22.01 48.67
CA LEU G 125 0.63 23.14 49.47
C LEU G 125 -0.50 24.18 49.57
N ASP G 126 -1.25 24.39 48.49
CA ASP G 126 -2.32 25.37 48.57
C ASP G 126 -3.45 24.86 49.46
N GLY G 127 -3.61 23.54 49.49
CA GLY G 127 -4.64 22.97 50.34
C GLY G 127 -4.23 23.15 51.79
N LEU G 128 -2.98 22.83 52.07
CA LEU G 128 -2.43 22.99 53.40
C LEU G 128 -2.64 24.41 53.92
N ARG G 129 -2.54 25.37 52.99
CA ARG G 129 -2.59 26.76 53.35
C ARG G 129 -3.97 27.18 53.84
N THR G 130 -5.01 26.85 53.07
CA THR G 130 -6.33 27.37 53.40
C THR G 130 -7.12 26.47 54.33
N SER G 131 -6.52 25.38 54.79
CA SER G 131 -7.26 24.40 55.56
C SER G 131 -7.26 24.79 57.01
N SER G 132 -8.26 24.32 57.74
CA SER G 132 -8.38 24.52 59.18
C SER G 132 -7.16 23.98 59.94
N GLU G 133 -7.01 24.35 61.21
CA GLU G 133 -5.77 24.06 61.94
C GLU G 133 -5.50 22.58 62.10
N ASP G 134 -6.48 21.84 62.59
CA ASP G 134 -6.33 20.40 62.83
C ASP G 134 -6.67 19.56 61.60
N ALA G 135 -6.71 20.20 60.43
CA ALA G 135 -7.00 19.51 59.18
C ALA G 135 -6.10 18.30 58.93
N ARG G 136 -6.67 17.32 58.23
CA ARG G 136 -6.02 16.04 58.09
C ARG G 136 -5.09 16.03 56.89
N THR G 137 -3.80 15.98 57.22
CA THR G 137 -2.70 16.11 56.27
C THR G 137 -2.80 15.07 55.15
N SER G 138 -3.02 13.82 55.57
CA SER G 138 -3.11 12.69 54.66
C SER G 138 -4.25 12.83 53.62
N THR G 139 -5.30 13.55 54.01
CA THR G 139 -6.44 13.73 53.12
C THR G 139 -6.11 14.83 52.12
N LEU G 140 -5.53 15.92 52.62
CA LEU G 140 -5.12 17.05 51.79
C LEU G 140 -4.22 16.54 50.70
N CYS G 141 -3.22 15.78 51.11
CA CYS G 141 -2.29 15.23 50.16
C CYS G 141 -2.99 14.27 49.19
N SER G 142 -3.90 13.46 49.73
CA SER G 142 -4.56 12.48 48.88
C SER G 142 -5.49 13.15 47.86
N GLU G 143 -6.21 14.18 48.27
CA GLU G 143 -7.07 14.93 47.35
C GLU G 143 -6.27 15.55 46.18
N ALA G 144 -5.13 16.15 46.52
CA ALA G 144 -4.25 16.74 45.52
C ALA G 144 -3.65 15.67 44.61
N TYR G 145 -3.24 14.55 45.22
CA TYR G 145 -2.68 13.44 44.46
C TYR G 145 -3.68 12.91 43.44
N ASN G 146 -4.92 12.67 43.90
CA ASN G 146 -5.95 12.12 43.03
C ASN G 146 -6.29 13.09 41.89
N ALA G 147 -6.13 14.38 42.20
CA ALA G 147 -6.39 15.45 41.23
C ALA G 147 -5.35 15.47 40.11
N THR G 148 -4.15 14.97 40.38
CA THR G 148 -3.02 15.08 39.45
C THR G 148 -2.35 13.76 39.09
N LEU G 149 -1.33 13.42 39.87
CA LEU G 149 -0.44 12.30 39.60
C LEU G 149 -1.19 10.97 39.40
N ALA G 150 -2.28 10.79 40.14
CA ALA G 150 -3.09 9.57 40.08
C ALA G 150 -3.51 9.25 38.66
N ASN G 151 -3.75 10.29 37.86
CA ASN G 151 -4.17 10.14 36.47
C ASN G 151 -3.11 9.52 35.56
N TYR G 152 -1.96 9.15 36.13
CA TYR G 152 -0.86 8.59 35.36
C TYR G 152 -0.27 7.33 36.01
N HIS G 153 -0.79 6.93 37.17
CA HIS G 153 -0.34 5.72 37.88
C HIS G 153 -1.29 4.51 37.73
N SER G 154 -0.83 3.31 38.11
CA SER G 154 -1.68 2.11 38.06
C SER G 154 -2.46 1.93 39.37
N TRP G 155 -3.55 1.15 39.34
CA TRP G 155 -4.42 0.97 40.49
C TRP G 155 -3.66 0.64 41.78
N ILE G 156 -2.76 -0.33 41.69
CA ILE G 156 -2.03 -0.74 42.88
C ILE G 156 -1.12 0.39 43.36
N VAL G 157 -0.43 1.02 42.42
CA VAL G 157 0.42 2.16 42.74
C VAL G 157 -0.40 3.25 43.42
N ARG G 158 -1.53 3.62 42.80
CA ARG G 158 -2.41 4.66 43.37
C ARG G 158 -2.80 4.26 44.79
N GLN G 159 -3.22 3.00 44.97
CA GLN G 159 -3.61 2.49 46.29
C GLN G 159 -2.43 2.46 47.25
N ALA G 160 -1.30 1.94 46.78
CA ALA G 160 -0.10 1.87 47.59
C ALA G 160 0.33 3.27 48.02
N VAL G 161 0.35 4.19 47.05
CA VAL G 161 0.70 5.58 47.29
C VAL G 161 -0.26 6.22 48.31
N THR G 162 -1.55 5.97 48.12
CA THR G 162 -2.58 6.55 48.98
C THR G 162 -2.42 6.08 50.42
N VAL G 163 -1.95 4.84 50.58
CA VAL G 163 -1.77 4.25 51.90
C VAL G 163 -0.60 4.89 52.62
N ALA G 164 0.50 5.08 51.91
CA ALA G 164 1.66 5.74 52.48
C ALA G 164 1.33 7.11 53.11
N PHE G 165 0.36 7.83 52.53
CA PHE G 165 0.03 9.19 52.99
C PHE G 165 -0.47 9.29 54.42
N CYS G 166 -1.03 8.21 54.97
CA CYS G 166 -1.54 8.28 56.35
C CYS G 166 -0.43 8.50 57.36
N ALA G 167 0.79 8.14 56.99
CA ALA G 167 1.91 8.31 57.89
C ALA G 167 2.41 9.75 57.92
N LEU G 168 1.63 10.67 57.34
CA LEU G 168 2.03 12.06 57.26
C LEU G 168 1.78 12.81 58.56
N PRO G 169 2.74 13.66 58.96
CA PRO G 169 2.75 14.53 60.13
C PRO G 169 1.56 15.46 60.16
N SER G 170 1.32 16.11 61.29
CA SER G 170 0.22 17.06 61.41
C SER G 170 0.46 18.27 60.53
N ARG G 171 -0.58 19.07 60.35
CA ARG G 171 -0.45 20.34 59.66
C ARG G 171 0.64 21.21 60.33
N LYS G 172 0.65 21.29 61.65
CA LYS G 172 1.68 22.08 62.35
C LYS G 172 3.09 21.59 62.02
N VAL G 173 3.30 20.28 62.00
CA VAL G 173 4.63 19.74 61.71
C VAL G 173 5.06 20.16 60.30
N PHE G 174 4.11 20.21 59.37
CA PHE G 174 4.36 20.65 58.02
C PHE G 174 4.74 22.13 57.99
N LEU G 175 3.86 22.97 58.52
CA LEU G 175 4.11 24.42 58.56
C LEU G 175 5.44 24.73 59.26
N GLU G 176 5.72 24.04 60.35
CA GLU G 176 6.99 24.17 61.03
C GLU G 176 8.18 23.72 60.17
N ALA G 177 7.96 22.72 59.32
CA ALA G 177 9.01 22.20 58.45
C ALA G 177 9.45 23.24 57.44
N MET G 178 8.63 24.27 57.26
CA MET G 178 8.94 25.38 56.37
C MET G 178 9.94 26.38 56.95
N ASN G 179 10.22 26.25 58.24
CA ASN G 179 11.26 27.02 58.93
C ASN G 179 11.07 28.54 58.96
N MET G 180 9.82 29.00 58.86
CA MET G 180 9.52 30.42 59.05
C MET G 180 9.60 30.81 60.53
N GLU G 181 9.43 32.09 60.84
CA GLU G 181 9.48 32.57 62.23
C GLU G 181 8.26 32.11 63.02
N SER G 182 7.19 31.80 62.32
CA SER G 182 5.94 31.35 62.93
C SER G 182 5.12 30.50 61.96
N THR G 183 4.16 29.78 62.52
CA THR G 183 3.17 29.05 61.73
C THR G 183 2.38 30.02 60.85
N GLU G 184 1.97 31.15 61.44
CA GLU G 184 1.18 32.14 60.72
C GLU G 184 1.95 32.73 59.56
N GLN G 185 3.26 32.99 59.78
CA GLN G 185 4.12 33.59 58.75
C GLN G 185 4.22 32.66 57.55
N ALA G 186 4.41 31.37 57.84
CA ALA G 186 4.52 30.34 56.82
C ALA G 186 3.34 30.31 55.88
N VAL G 187 2.15 30.48 56.45
CA VAL G 187 0.92 30.46 55.68
C VAL G 187 0.79 31.69 54.77
N GLU G 188 1.19 32.84 55.30
CA GLU G 188 1.20 34.07 54.52
C GLU G 188 2.23 33.91 53.42
N MET G 189 3.40 33.40 53.80
CA MET G 189 4.47 33.09 52.87
C MET G 189 3.90 32.23 51.75
N LEU G 190 3.12 31.23 52.11
CA LEU G 190 2.54 30.36 51.10
C LEU G 190 1.64 31.17 50.15
N GLY G 191 0.90 32.14 50.68
CA GLY G 191 0.09 33.00 49.82
C GLY G 191 0.87 33.86 48.84
N GLU G 192 2.04 34.32 49.26
CA GLU G 192 2.86 35.12 48.36
C GLU G 192 3.49 34.20 47.31
N ALA G 193 3.93 33.02 47.72
CA ALA G 193 4.72 32.12 46.86
C ALA G 193 3.95 31.30 45.83
N LEU G 194 2.86 30.67 46.26
CA LEU G 194 2.13 29.76 45.39
C LEU G 194 1.71 30.33 44.03
N PRO G 195 1.30 31.62 43.96
CA PRO G 195 0.92 32.11 42.63
C PRO G 195 2.01 32.01 41.57
N PHE G 196 3.27 32.11 41.98
CA PHE G 196 4.38 32.01 41.04
C PHE G 196 4.49 30.59 40.54
N ILE G 197 4.36 29.65 41.47
CA ILE G 197 4.37 28.24 41.10
C ILE G 197 3.25 27.96 40.10
N GLU G 198 2.10 28.57 40.36
CA GLU G 198 0.91 28.38 39.54
C GLU G 198 1.09 28.95 38.14
N HIS G 199 1.67 30.15 38.09
CA HIS G 199 1.93 30.80 36.83
C HIS G 199 2.93 29.98 36.03
N VAL G 200 3.98 29.49 36.68
CA VAL G 200 4.94 28.62 36.02
C VAL G 200 4.24 27.37 35.49
N TYR G 201 3.40 26.78 36.32
CA TYR G 201 2.68 25.59 35.89
C TYR G 201 1.80 25.87 34.68
N ASP G 202 1.02 26.96 34.77
CA ASP G 202 0.06 27.32 33.72
C ASP G 202 0.77 27.51 32.41
N ILE G 203 1.87 28.24 32.44
CA ILE G 203 2.67 28.43 31.23
C ILE G 203 3.18 27.10 30.69
N SER G 204 3.73 26.27 31.56
CA SER G 204 4.24 24.96 31.14
C SER G 204 3.14 24.12 30.53
N GLN G 205 1.98 24.09 31.18
CA GLN G 205 0.84 23.30 30.72
C GLN G 205 0.43 23.69 29.30
N LYS G 206 0.37 25.00 29.06
CA LYS G 206 0.03 25.52 27.74
C LYS G 206 1.08 25.20 26.67
N LEU G 207 2.36 25.40 27.01
CA LEU G 207 3.47 25.12 26.09
C LEU G 207 3.43 23.67 25.62
N TYR G 208 3.22 22.76 26.57
CA TYR G 208 3.11 21.33 26.27
C TYR G 208 1.86 20.97 25.48
N ALA G 209 0.73 21.61 25.80
CA ALA G 209 -0.49 21.36 25.03
C ALA G 209 -0.28 21.71 23.56
N GLU G 210 0.25 22.90 23.31
CA GLU G 210 0.39 23.43 21.96
C GLU G 210 1.32 22.65 21.04
N HIS G 211 2.10 21.74 21.60
CA HIS G 211 3.04 20.95 20.80
C HIS G 211 2.64 19.48 20.88
N SER G 212 1.46 19.24 21.44
CA SER G 212 0.92 17.89 21.62
C SER G 212 1.90 17.02 22.41
N LEU G 213 2.30 17.50 23.59
CA LEU G 213 3.30 16.78 24.37
C LEU G 213 2.80 16.26 25.72
N LEU G 214 1.53 16.50 26.04
CA LEU G 214 1.04 16.21 27.39
C LEU G 214 1.06 14.72 27.74
N ASP G 215 1.18 13.85 26.73
CA ASP G 215 1.15 12.43 27.03
C ASP G 215 2.30 11.64 26.42
N LEU G 216 3.44 12.30 26.26
CA LEU G 216 4.69 11.66 25.85
C LEU G 216 5.02 10.41 26.68
N PRO G 217 5.48 9.36 26.01
CA PRO G 217 6.00 8.14 26.65
C PRO G 217 7.23 8.39 27.50
N PHE H 9 -19.51 -20.71 -27.64
CA PHE H 9 -18.38 -20.92 -28.52
C PHE H 9 -17.06 -20.88 -27.77
N ASN H 10 -16.11 -21.67 -28.23
CA ASN H 10 -14.78 -21.76 -27.63
C ASN H 10 -13.86 -22.55 -28.54
N LEU H 11 -12.56 -22.40 -28.35
CA LEU H 11 -11.62 -22.94 -29.32
C LEU H 11 -11.53 -24.47 -29.25
N LYS H 12 -11.82 -25.06 -28.09
CA LYS H 12 -11.75 -26.51 -27.95
C LYS H 12 -12.78 -27.16 -28.88
N VAL H 13 -14.01 -26.68 -28.83
CA VAL H 13 -15.10 -27.15 -29.69
C VAL H 13 -14.84 -27.00 -31.19
N VAL H 14 -14.18 -25.91 -31.56
CA VAL H 14 -13.85 -25.67 -32.94
C VAL H 14 -12.91 -26.76 -33.38
N LEU H 15 -11.88 -26.95 -32.59
CA LEU H 15 -10.77 -27.81 -32.94
C LEU H 15 -11.15 -29.29 -32.93
N VAL H 16 -12.25 -29.65 -32.27
CA VAL H 16 -12.69 -31.04 -32.25
C VAL H 16 -13.20 -31.46 -33.63
N SER H 17 -13.66 -30.50 -34.43
CA SER H 17 -14.04 -30.76 -35.80
C SER H 17 -12.98 -31.53 -36.55
N PHE H 18 -11.72 -31.24 -36.25
CA PHE H 18 -10.64 -31.93 -36.94
C PHE H 18 -10.38 -33.32 -36.38
N LYS H 19 -10.82 -33.58 -35.15
CA LYS H 19 -10.79 -34.95 -34.64
C LYS H 19 -11.90 -35.74 -35.33
N GLN H 20 -13.09 -35.13 -35.40
CA GLN H 20 -14.26 -35.75 -35.99
C GLN H 20 -14.10 -36.01 -37.49
N CYS H 21 -13.26 -35.27 -38.20
CA CYS H 21 -13.20 -35.45 -39.63
C CYS H 21 -12.39 -36.66 -40.05
N LEU H 22 -11.67 -37.28 -39.12
CA LEU H 22 -10.82 -38.42 -39.48
C LEU H 22 -11.53 -39.78 -39.41
N THR H 23 -11.45 -40.55 -40.49
CA THR H 23 -11.99 -41.90 -40.49
C THR H 23 -10.88 -42.91 -40.20
N ASP H 24 -11.24 -44.11 -39.79
CA ASP H 24 -10.22 -45.12 -39.49
C ASP H 24 -9.59 -45.70 -40.76
N LYS H 25 -10.04 -45.24 -41.92
CA LYS H 25 -9.38 -45.58 -43.17
C LYS H 25 -8.38 -44.46 -43.59
N GLY H 26 -8.23 -43.45 -42.75
CA GLY H 26 -7.33 -42.34 -43.02
C GLY H 26 -7.89 -41.28 -43.96
N GLU H 27 -9.21 -41.27 -44.14
CA GLU H 27 -9.82 -40.26 -44.98
C GLU H 27 -10.14 -39.02 -44.17
N VAL H 28 -10.19 -37.87 -44.84
CA VAL H 28 -10.54 -36.61 -44.19
C VAL H 28 -11.89 -36.14 -44.70
N LEU H 29 -12.88 -36.13 -43.83
CA LEU H 29 -14.24 -35.77 -44.21
C LEU H 29 -14.37 -34.26 -44.44
N LEU H 30 -14.93 -33.90 -45.58
CA LEU H 30 -15.03 -32.51 -45.97
C LEU H 30 -15.96 -31.71 -45.06
N ASP H 31 -17.08 -32.31 -44.63
CA ASP H 31 -18.08 -31.57 -43.86
C ASP H 31 -17.50 -31.05 -42.53
N HIS H 32 -16.66 -31.83 -41.88
CA HIS H 32 -16.06 -31.42 -40.62
C HIS H 32 -14.89 -30.50 -40.83
N TYR H 33 -14.15 -30.73 -41.91
CA TYR H 33 -13.07 -29.85 -42.31
C TYR H 33 -13.62 -28.42 -42.52
N ILE H 34 -14.71 -28.31 -43.28
CA ILE H 34 -15.37 -27.03 -43.49
C ILE H 34 -15.78 -26.43 -42.14
N ALA H 35 -16.34 -27.26 -41.27
CA ALA H 35 -16.83 -26.78 -39.98
C ALA H 35 -15.69 -26.36 -39.05
N GLY H 36 -14.57 -27.05 -39.13
CA GLY H 36 -13.41 -26.67 -38.34
C GLY H 36 -12.94 -25.31 -38.79
N TRP H 37 -12.83 -25.12 -40.09
CA TRP H 37 -12.37 -23.85 -40.62
C TRP H 37 -13.32 -22.71 -40.35
N LYS H 38 -14.63 -22.98 -40.46
CA LYS H 38 -15.65 -21.99 -40.14
C LYS H 38 -15.44 -21.49 -38.71
N GLY H 39 -15.06 -22.40 -37.84
CA GLY H 39 -14.79 -22.08 -36.45
C GLY H 39 -13.52 -21.28 -36.27
N LEU H 40 -12.45 -21.69 -36.96
CA LEU H 40 -11.19 -20.97 -36.92
C LEU H 40 -11.39 -19.53 -37.41
N VAL H 41 -12.21 -19.38 -38.45
CA VAL H 41 -12.58 -18.08 -38.97
C VAL H 41 -13.28 -17.22 -37.89
N ARG H 42 -14.25 -17.80 -37.19
CA ARG H 42 -14.97 -17.13 -36.09
C ARG H 42 -14.02 -16.68 -34.99
N PHE H 43 -13.02 -17.50 -34.72
CA PHE H 43 -11.98 -17.21 -33.75
C PHE H 43 -11.06 -16.08 -34.23
N LEU H 44 -10.54 -16.19 -35.46
CA LEU H 44 -9.67 -15.13 -36.00
C LEU H 44 -10.37 -13.78 -36.04
N ASN H 45 -11.64 -13.77 -36.46
CA ASN H 45 -12.39 -12.52 -36.51
C ASN H 45 -12.55 -11.88 -35.15
N SER H 46 -12.62 -12.70 -34.11
CA SER H 46 -12.76 -12.15 -32.77
C SER H 46 -11.47 -11.46 -32.30
N LEU H 47 -10.42 -11.50 -33.10
CA LEU H 47 -9.18 -10.82 -32.72
C LEU H 47 -8.96 -9.57 -33.54
N GLY H 48 -10.06 -9.04 -34.08
CA GLY H 48 -10.04 -7.82 -34.85
C GLY H 48 -9.99 -8.00 -36.36
N ALA H 49 -9.25 -7.13 -37.03
CA ALA H 49 -9.23 -7.10 -38.48
C ALA H 49 -7.86 -7.48 -38.98
N VAL H 50 -6.95 -7.70 -38.04
CA VAL H 50 -5.57 -8.02 -38.35
C VAL H 50 -5.48 -9.25 -39.27
N PHE H 51 -6.43 -10.17 -39.13
CA PHE H 51 -6.39 -11.42 -39.87
C PHE H 51 -7.33 -11.45 -41.07
N SER H 52 -8.11 -10.39 -41.27
CA SER H 52 -9.14 -10.40 -42.32
C SER H 52 -8.59 -10.64 -43.73
N PHE H 53 -7.29 -10.45 -43.93
CA PHE H 53 -6.73 -10.68 -45.26
C PHE H 53 -6.57 -12.18 -45.49
N ILE H 54 -6.63 -12.94 -44.40
CA ILE H 54 -6.60 -14.40 -44.45
C ILE H 54 -8.03 -14.91 -44.34
N SER H 55 -8.74 -14.40 -43.33
CA SER H 55 -10.11 -14.77 -43.05
C SER H 55 -11.10 -14.59 -44.22
N LYS H 56 -11.14 -13.40 -44.82
CA LYS H 56 -12.12 -13.13 -45.87
C LYS H 56 -11.92 -14.03 -47.08
N ASP H 57 -10.67 -14.39 -47.35
CA ASP H 57 -10.36 -15.26 -48.48
C ASP H 57 -10.77 -16.70 -48.17
N VAL H 58 -10.47 -17.14 -46.95
CA VAL H 58 -10.85 -18.48 -46.51
C VAL H 58 -12.38 -18.65 -46.60
N VAL H 59 -13.12 -17.65 -46.14
CA VAL H 59 -14.58 -17.70 -46.19
C VAL H 59 -15.04 -17.86 -47.62
N ALA H 60 -14.40 -17.12 -48.51
CA ALA H 60 -14.75 -17.21 -49.91
C ALA H 60 -14.47 -18.61 -50.43
N LYS H 61 -13.41 -19.22 -49.94
CA LYS H 61 -13.07 -20.56 -50.41
C LYS H 61 -13.96 -21.64 -49.76
N LEU H 62 -14.40 -21.41 -48.54
CA LEU H 62 -15.34 -22.33 -47.90
C LEU H 62 -16.64 -22.39 -48.70
N GLN H 63 -17.14 -21.23 -49.14
CA GLN H 63 -18.38 -21.21 -49.94
C GLN H 63 -18.22 -22.01 -51.20
N ILE H 64 -17.06 -21.96 -51.80
CA ILE H 64 -16.80 -22.78 -52.98
C ILE H 64 -16.97 -24.26 -52.63
N MET H 65 -16.42 -24.67 -51.50
CA MET H 65 -16.51 -26.07 -51.11
C MET H 65 -17.92 -26.49 -50.65
N GLU H 66 -18.60 -25.62 -49.91
CA GLU H 66 -19.95 -25.90 -49.46
C GLU H 66 -20.90 -26.09 -50.63
N ARG H 67 -20.70 -25.29 -51.68
CA ARG H 67 -21.54 -25.42 -52.86
C ARG H 67 -21.20 -26.69 -53.64
N LEU H 68 -19.93 -27.02 -53.78
CA LEU H 68 -19.58 -28.29 -54.45
C LEU H 68 -20.20 -29.45 -53.70
N ARG H 69 -20.14 -29.39 -52.37
CA ARG H 69 -20.63 -30.46 -51.54
C ARG H 69 -22.17 -30.53 -51.53
N SER H 70 -22.84 -29.40 -51.74
CA SER H 70 -24.31 -29.36 -51.77
C SER H 70 -24.85 -29.68 -53.15
N SER H 71 -23.97 -29.73 -54.13
CA SER H 71 -24.32 -29.93 -55.53
C SER H 71 -24.90 -31.32 -55.82
N PRO H 72 -25.39 -31.54 -57.05
CA PRO H 72 -25.80 -32.90 -57.43
C PRO H 72 -24.63 -33.89 -57.42
N GLN H 73 -23.41 -33.39 -57.27
CA GLN H 73 -22.21 -34.22 -57.21
C GLN H 73 -21.74 -34.48 -55.77
N SER H 74 -22.63 -34.24 -54.81
CA SER H 74 -22.33 -34.32 -53.39
C SER H 74 -21.62 -35.60 -52.94
N GLU H 75 -21.98 -36.77 -53.50
CA GLU H 75 -21.36 -38.01 -53.03
C GLU H 75 -19.82 -38.07 -53.27
N HIS H 76 -19.32 -37.31 -54.24
CA HIS H 76 -17.89 -37.27 -54.57
C HIS H 76 -17.08 -36.33 -53.67
N TYR H 77 -17.75 -35.37 -53.04
CA TYR H 77 -17.06 -34.39 -52.20
C TYR H 77 -17.17 -34.75 -50.74
N THR H 78 -17.24 -36.05 -50.52
CA THR H 78 -17.46 -36.59 -49.19
C THR H 78 -16.18 -36.52 -48.34
N SER H 79 -15.07 -36.84 -48.97
CA SER H 79 -13.78 -36.77 -48.31
C SER H 79 -12.82 -36.10 -49.30
N LEU H 80 -11.70 -35.57 -48.81
CA LEU H 80 -10.69 -35.01 -49.70
C LEU H 80 -10.27 -36.12 -50.69
N GLN H 81 -10.16 -37.33 -50.18
CA GLN H 81 -9.78 -38.46 -51.02
C GLN H 81 -10.73 -38.69 -52.21
N SER H 82 -12.03 -38.65 -51.98
CA SER H 82 -12.97 -38.92 -53.07
C SER H 82 -13.02 -37.72 -53.98
N MET H 83 -12.79 -36.54 -53.39
CA MET H 83 -12.73 -35.33 -54.18
C MET H 83 -11.60 -35.39 -55.21
N VAL H 84 -10.39 -35.66 -54.73
CA VAL H 84 -9.27 -35.77 -55.65
C VAL H 84 -9.55 -36.84 -56.73
N ALA H 85 -9.95 -38.03 -56.32
CA ALA H 85 -10.22 -39.10 -57.29
C ALA H 85 -11.21 -38.66 -58.35
N TYR H 86 -12.29 -37.99 -57.93
CA TYR H 86 -13.31 -37.58 -58.87
C TYR H 86 -12.85 -36.44 -59.80
N GLU H 87 -12.38 -35.34 -59.20
CA GLU H 87 -12.06 -34.15 -59.98
C GLU H 87 -10.89 -34.41 -60.94
N VAL H 88 -9.94 -35.22 -60.50
CA VAL H 88 -8.81 -35.56 -61.36
C VAL H 88 -9.16 -36.49 -62.51
N SER H 89 -9.76 -37.64 -62.20
CA SER H 89 -10.09 -38.65 -63.21
C SER H 89 -11.07 -38.12 -64.25
N ASN H 90 -11.85 -37.11 -63.87
CA ASN H 90 -12.77 -36.46 -64.81
C ASN H 90 -12.20 -35.19 -65.43
N LYS H 91 -10.88 -35.06 -65.34
CA LYS H 91 -10.17 -33.92 -65.89
C LYS H 91 -10.84 -32.59 -65.53
N LEU H 92 -11.05 -32.37 -64.24
CA LEU H 92 -11.80 -31.19 -63.80
C LEU H 92 -10.92 -30.20 -63.07
N VAL H 93 -9.62 -30.47 -63.03
CA VAL H 93 -8.69 -29.58 -62.34
C VAL H 93 -7.51 -29.14 -63.20
N ASP H 94 -7.23 -27.84 -63.20
CA ASP H 94 -6.11 -27.26 -63.93
C ASP H 94 -4.75 -27.61 -63.30
N MET H 95 -3.98 -28.44 -63.98
CA MET H 95 -2.66 -28.88 -63.49
C MET H 95 -1.48 -27.99 -63.97
N ASP H 96 -1.68 -27.24 -65.05
CA ASP H 96 -0.61 -26.44 -65.66
C ASP H 96 -1.06 -24.97 -65.68
N HIS H 97 -0.36 -24.12 -66.42
CA HIS H 97 -0.82 -22.74 -66.57
C HIS H 97 -1.03 -22.34 -68.04
N ARG H 102 -9.68 -23.06 -67.23
CA ARG H 102 -11.05 -23.48 -67.43
C ARG H 102 -11.73 -23.86 -66.11
N HIS H 103 -10.95 -24.29 -65.13
CA HIS H 103 -11.49 -24.64 -63.81
C HIS H 103 -10.84 -23.86 -62.66
N PRO H 104 -11.11 -22.55 -62.58
CA PRO H 104 -10.45 -21.69 -61.59
C PRO H 104 -10.92 -21.97 -60.18
N HIS H 105 -12.00 -22.71 -60.04
CA HIS H 105 -12.56 -22.94 -58.71
C HIS H 105 -12.74 -24.40 -58.37
N SER H 106 -11.88 -25.27 -58.91
CA SER H 106 -11.98 -26.69 -58.61
C SER H 106 -11.80 -26.90 -57.10
N GLY H 107 -12.39 -27.99 -56.60
CA GLY H 107 -12.27 -28.35 -55.19
C GLY H 107 -10.81 -28.56 -54.84
N CYS H 108 -10.11 -29.26 -55.72
CA CYS H 108 -8.70 -29.55 -55.51
C CYS H 108 -7.89 -28.29 -55.30
N ARG H 109 -8.06 -27.28 -56.15
CA ARG H 109 -7.19 -26.13 -55.97
C ARG H 109 -7.70 -25.29 -54.79
N THR H 110 -8.99 -25.39 -54.50
CA THR H 110 -9.57 -24.59 -53.44
C THR H 110 -9.16 -25.14 -52.08
N VAL H 111 -9.19 -26.45 -51.93
CA VAL H 111 -8.81 -27.04 -50.64
C VAL H 111 -7.31 -26.82 -50.39
N LEU H 112 -6.52 -26.82 -51.46
CA LEU H 112 -5.08 -26.57 -51.36
C LEU H 112 -4.74 -25.29 -50.60
N ARG H 113 -5.46 -24.22 -50.92
CA ARG H 113 -5.28 -22.94 -50.23
C ARG H 113 -5.69 -23.03 -48.78
N LEU H 114 -6.81 -23.70 -48.51
CA LEU H 114 -7.28 -23.93 -47.15
C LEU H 114 -6.24 -24.73 -46.35
N HIS H 115 -5.68 -25.72 -47.02
CA HIS H 115 -4.64 -26.56 -46.46
C HIS H 115 -3.40 -25.74 -46.03
N ARG H 116 -2.86 -24.92 -46.92
CA ARG H 116 -1.71 -24.05 -46.60
C ARG H 116 -2.02 -23.13 -45.46
N ALA H 117 -3.21 -22.54 -45.50
CA ALA H 117 -3.61 -21.62 -44.47
C ALA H 117 -3.76 -22.35 -43.13
N LEU H 118 -4.07 -23.64 -43.17
CA LEU H 118 -4.18 -24.45 -41.95
C LEU H 118 -2.80 -24.71 -41.34
N HIS H 119 -1.84 -25.02 -42.20
CA HIS H 119 -0.48 -25.25 -41.75
C HIS H 119 0.09 -24.04 -41.03
N TRP H 120 -0.19 -22.85 -41.55
CA TRP H 120 0.21 -21.62 -40.87
C TRP H 120 -0.45 -21.54 -39.50
N LEU H 121 -1.76 -21.74 -39.48
CA LEU H 121 -2.52 -21.63 -38.24
C LEU H 121 -2.10 -22.71 -37.24
N GLN H 122 -1.73 -23.89 -37.74
CA GLN H 122 -1.25 -24.95 -36.87
C GLN H 122 0.07 -24.53 -36.20
N LEU H 123 1.06 -24.15 -37.03
CA LEU H 123 2.38 -23.74 -36.57
C LEU H 123 2.27 -22.52 -35.70
N PHE H 124 1.37 -21.62 -36.03
CA PHE H 124 1.13 -20.48 -35.17
C PHE H 124 0.67 -20.94 -33.79
N LEU H 125 -0.39 -21.74 -33.73
CA LEU H 125 -0.94 -22.18 -32.44
C LEU H 125 0.02 -23.07 -31.64
N ASP H 126 0.80 -23.92 -32.31
CA ASP H 126 1.77 -24.77 -31.63
C ASP H 126 2.98 -23.97 -31.13
N GLY H 127 3.30 -22.88 -31.83
CA GLY H 127 4.38 -21.99 -31.44
C GLY H 127 3.99 -21.24 -30.20
N LEU H 128 2.76 -20.74 -30.18
CA LEU H 128 2.17 -20.09 -29.02
C LEU H 128 2.20 -21.01 -27.80
N ARG H 129 1.98 -22.29 -28.07
CA ARG H 129 1.87 -23.30 -27.02
C ARG H 129 3.19 -23.59 -26.34
N THR H 130 4.24 -23.81 -27.14
CA THR H 130 5.51 -24.26 -26.59
C THR H 130 6.45 -23.12 -26.21
N SER H 131 6.00 -21.88 -26.38
CA SER H 131 6.84 -20.70 -26.16
C SER H 131 6.76 -20.12 -24.75
N SER H 132 7.83 -19.45 -24.30
CA SER H 132 7.82 -18.72 -23.04
C SER H 132 6.85 -17.52 -23.03
N GLU H 133 6.64 -16.94 -21.86
CA GLU H 133 5.66 -15.88 -21.73
C GLU H 133 6.13 -14.61 -22.44
N ARG H 136 6.15 -12.89 -27.40
CA ARG H 136 5.61 -11.89 -28.32
C ARG H 136 4.74 -12.49 -29.44
N THR H 137 3.43 -12.21 -29.42
CA THR H 137 2.49 -12.82 -30.34
C THR H 137 2.87 -12.59 -31.79
N SER H 138 3.20 -11.34 -32.11
CA SER H 138 3.57 -10.95 -33.47
C SER H 138 4.79 -11.70 -34.02
N THR H 139 5.71 -12.08 -33.13
CA THR H 139 6.94 -12.72 -33.57
C THR H 139 6.64 -14.18 -33.95
N LEU H 140 5.86 -14.83 -33.10
CA LEU H 140 5.42 -16.20 -33.33
C LEU H 140 4.63 -16.31 -34.63
N CYS H 141 3.69 -15.39 -34.83
CA CYS H 141 2.86 -15.36 -36.03
C CYS H 141 3.73 -15.23 -37.29
N SER H 142 4.71 -14.35 -37.24
CA SER H 142 5.60 -14.14 -38.39
C SER H 142 6.50 -15.34 -38.67
N GLU H 143 7.03 -15.95 -37.61
CA GLU H 143 7.87 -17.13 -37.77
C GLU H 143 7.07 -18.22 -38.45
N ALA H 144 5.82 -18.37 -38.02
CA ALA H 144 4.91 -19.36 -38.60
C ALA H 144 4.58 -19.03 -40.05
N TYR H 145 4.30 -17.75 -40.30
CA TYR H 145 3.97 -17.28 -41.65
C TYR H 145 5.12 -17.60 -42.59
N ASN H 146 6.34 -17.27 -42.18
CA ASN H 146 7.53 -17.52 -42.99
C ASN H 146 7.74 -19.02 -43.22
N ALA H 147 7.31 -19.82 -42.24
CA ALA H 147 7.44 -21.27 -42.34
C ALA H 147 6.50 -21.84 -43.42
N THR H 148 5.40 -21.15 -43.66
CA THR H 148 4.36 -21.67 -44.54
C THR H 148 3.94 -20.70 -45.65
N LEU H 149 2.93 -19.88 -45.35
CA LEU H 149 2.28 -19.04 -46.35
C LEU H 149 3.23 -18.11 -47.16
N ALA H 150 4.27 -17.59 -46.52
CA ALA H 150 5.21 -16.69 -47.20
C ALA H 150 5.79 -17.30 -48.47
N ASN H 151 5.94 -18.62 -48.49
CA ASN H 151 6.45 -19.33 -49.67
C ASN H 151 5.52 -19.27 -50.90
N TYR H 152 4.37 -18.59 -50.78
CA TYR H 152 3.42 -18.55 -51.89
C TYR H 152 2.92 -17.13 -52.16
N HIS H 153 3.39 -16.18 -51.38
CA HIS H 153 3.04 -14.79 -51.59
C HIS H 153 4.17 -14.05 -52.28
N SER H 154 3.84 -12.83 -52.74
CA SER H 154 4.79 -11.99 -53.43
C SER H 154 5.57 -11.18 -52.41
N TRP H 155 6.74 -10.70 -52.84
CA TRP H 155 7.63 -9.91 -51.99
C TRP H 155 6.89 -8.76 -51.30
N ILE H 156 6.04 -8.06 -52.04
CA ILE H 156 5.30 -6.95 -51.44
C ILE H 156 4.28 -7.45 -50.40
N VAL H 157 3.52 -8.50 -50.76
CA VAL H 157 2.54 -9.10 -49.85
C VAL H 157 3.19 -9.57 -48.55
N ARG H 158 4.31 -10.29 -48.65
CA ARG H 158 5.02 -10.78 -47.48
C ARG H 158 5.29 -9.61 -46.54
N GLN H 159 5.79 -8.52 -47.13
CA GLN H 159 6.12 -7.32 -46.37
C GLN H 159 4.87 -6.70 -45.77
N ALA H 160 3.83 -6.58 -46.60
CA ALA H 160 2.57 -6.01 -46.19
C ALA H 160 1.95 -6.79 -45.03
N VAL H 161 1.88 -8.11 -45.21
CA VAL H 161 1.35 -9.02 -44.20
C VAL H 161 2.14 -8.94 -42.89
N THR H 162 3.47 -8.95 -43.00
CA THR H 162 4.35 -8.98 -41.82
C THR H 162 4.12 -7.76 -40.94
N VAL H 163 3.78 -6.64 -41.57
CA VAL H 163 3.58 -5.38 -40.88
C VAL H 163 2.28 -5.43 -40.08
N ALA H 164 1.23 -5.97 -40.70
CA ALA H 164 -0.05 -6.19 -40.03
C ALA H 164 0.07 -6.99 -38.73
N PHE H 165 1.02 -7.93 -38.70
CA PHE H 165 1.22 -8.80 -37.54
C PHE H 165 1.62 -8.07 -36.26
N CYS H 166 2.24 -6.90 -36.40
CA CYS H 166 2.66 -6.14 -35.23
C CYS H 166 1.44 -5.66 -34.46
N ALA H 167 0.31 -5.61 -35.15
CA ALA H 167 -0.96 -5.19 -34.55
C ALA H 167 -1.63 -6.31 -33.75
N LEU H 168 -0.90 -7.41 -33.52
CA LEU H 168 -1.49 -8.54 -32.77
C LEU H 168 -1.41 -8.34 -31.25
N PRO H 169 -2.50 -8.70 -30.55
CA PRO H 169 -2.60 -8.67 -29.08
C PRO H 169 -1.53 -9.52 -28.40
N SER H 170 -1.37 -9.38 -27.09
CA SER H 170 -0.39 -10.16 -26.34
C SER H 170 -0.77 -11.65 -26.30
N ARG H 171 0.18 -12.50 -25.91
CA ARG H 171 -0.09 -13.93 -25.73
C ARG H 171 -1.26 -14.17 -24.77
N LYS H 172 -1.30 -13.45 -23.67
CA LYS H 172 -2.37 -13.57 -22.69
C LYS H 172 -3.74 -13.28 -23.33
N VAL H 173 -3.81 -12.21 -24.12
CA VAL H 173 -5.07 -11.85 -24.76
C VAL H 173 -5.53 -12.94 -25.73
N PHE H 174 -4.55 -13.59 -26.36
CA PHE H 174 -4.82 -14.71 -27.25
C PHE H 174 -5.43 -15.91 -26.56
N LEU H 175 -4.74 -16.43 -25.56
CA LEU H 175 -5.22 -17.57 -24.78
C LEU H 175 -6.59 -17.26 -24.19
N GLU H 176 -6.76 -16.04 -23.69
CA GLU H 176 -8.04 -15.59 -23.18
C GLU H 176 -9.12 -15.62 -24.25
N ALA H 177 -8.72 -15.33 -25.49
CA ALA H 177 -9.66 -15.33 -26.61
C ALA H 177 -10.18 -16.73 -26.94
N MET H 178 -9.48 -17.75 -26.45
CA MET H 178 -9.90 -19.13 -26.67
C MET H 178 -11.06 -19.51 -25.79
N ASN H 179 -11.40 -18.63 -24.86
CA ASN H 179 -12.58 -18.79 -24.02
C ASN H 179 -12.52 -20.04 -23.15
N MET H 180 -11.30 -20.51 -22.85
CA MET H 180 -11.12 -21.61 -21.92
C MET H 180 -11.40 -21.15 -20.49
N GLU H 181 -11.37 -22.09 -19.55
CA GLU H 181 -11.65 -21.75 -18.16
C GLU H 181 -10.50 -20.94 -17.59
N SER H 182 -9.32 -21.15 -18.15
CA SER H 182 -8.11 -20.49 -17.67
C SER H 182 -7.05 -20.42 -18.76
N THR H 183 -6.03 -19.60 -18.52
CA THR H 183 -4.87 -19.53 -19.40
C THR H 183 -4.16 -20.88 -19.55
N GLU H 184 -3.87 -21.51 -18.42
CA GLU H 184 -3.13 -22.78 -18.39
C GLU H 184 -3.92 -23.90 -19.06
N GLN H 185 -5.24 -23.87 -18.89
CA GLN H 185 -6.11 -24.89 -19.48
C GLN H 185 -6.00 -24.77 -21.00
N ALA H 186 -6.03 -23.55 -21.50
CA ALA H 186 -5.90 -23.26 -22.92
C ALA H 186 -4.64 -23.87 -23.53
N VAL H 187 -3.55 -23.81 -22.79
CA VAL H 187 -2.25 -24.31 -23.24
C VAL H 187 -2.20 -25.84 -23.36
N GLU H 188 -2.80 -26.51 -22.39
CA GLU H 188 -2.94 -27.97 -22.38
C GLU H 188 -3.91 -28.38 -23.49
N MET H 189 -4.97 -27.58 -23.61
CA MET H 189 -5.97 -27.69 -24.68
C MET H 189 -5.31 -27.70 -26.06
N LEU H 190 -4.39 -26.76 -26.29
CA LEU H 190 -3.69 -26.72 -27.58
C LEU H 190 -2.90 -28.01 -27.74
N GLY H 191 -2.36 -28.50 -26.64
CA GLY H 191 -1.66 -29.77 -26.65
C GLY H 191 -2.58 -30.94 -26.96
N GLU H 192 -3.83 -30.88 -26.53
CA GLU H 192 -4.78 -31.95 -26.86
C GLU H 192 -5.25 -31.85 -28.30
N ALA H 193 -5.58 -30.65 -28.75
CA ALA H 193 -6.23 -30.47 -30.04
C ALA H 193 -5.28 -30.59 -31.23
N LEU H 194 -4.17 -29.86 -31.18
CA LEU H 194 -3.30 -29.75 -32.35
C LEU H 194 -2.87 -31.07 -33.03
N PRO H 195 -2.61 -32.14 -32.25
CA PRO H 195 -2.20 -33.37 -32.98
C PRO H 195 -3.23 -33.80 -34.02
N PHE H 196 -4.51 -33.49 -33.77
CA PHE H 196 -5.54 -33.83 -34.74
C PHE H 196 -5.41 -32.97 -35.97
N ILE H 197 -5.24 -31.67 -35.74
CA ILE H 197 -5.01 -30.73 -36.83
C ILE H 197 -3.80 -31.15 -37.60
N GLU H 198 -2.79 -31.61 -36.86
CA GLU H 198 -1.55 -32.02 -37.49
C GLU H 198 -1.76 -33.26 -38.36
N HIS H 199 -2.47 -34.24 -37.82
CA HIS H 199 -2.75 -35.48 -38.53
C HIS H 199 -3.51 -35.19 -39.83
N VAL H 200 -4.51 -34.31 -39.73
CA VAL H 200 -5.30 -33.89 -40.90
C VAL H 200 -4.37 -33.25 -41.93
N TYR H 201 -3.46 -32.39 -41.46
CA TYR H 201 -2.52 -31.76 -42.38
C TYR H 201 -1.65 -32.81 -43.10
N ASP H 202 -1.11 -33.74 -42.33
CA ASP H 202 -0.21 -34.75 -42.85
C ASP H 202 -0.90 -35.64 -43.86
N ILE H 203 -2.11 -36.10 -43.53
CA ILE H 203 -2.88 -36.92 -44.45
C ILE H 203 -3.16 -36.13 -45.71
N SER H 204 -3.59 -34.89 -45.53
CA SER H 204 -3.85 -34.02 -46.66
C SER H 204 -2.63 -33.77 -47.52
N GLN H 205 -1.51 -33.41 -46.88
CA GLN H 205 -0.28 -33.08 -47.60
C GLN H 205 0.17 -34.28 -48.40
N LYS H 206 0.12 -35.43 -47.76
CA LYS H 206 0.53 -36.66 -48.41
C LYS H 206 -0.43 -36.95 -49.56
N LEU H 207 -1.72 -36.75 -49.32
CA LEU H 207 -2.71 -36.95 -50.38
C LEU H 207 -2.41 -36.08 -51.61
N TYR H 208 -2.17 -34.79 -51.37
CA TYR H 208 -1.87 -33.84 -52.46
C TYR H 208 -0.53 -34.13 -53.13
N ALA H 209 0.46 -34.52 -52.33
CA ALA H 209 1.78 -34.86 -52.87
C ALA H 209 1.69 -36.02 -53.84
N GLU H 210 1.02 -37.10 -53.46
CA GLU H 210 0.97 -38.30 -54.30
C GLU H 210 0.28 -38.08 -55.65
N HIS H 211 -0.45 -36.99 -55.79
CA HIS H 211 -1.19 -36.76 -57.03
C HIS H 211 -0.61 -35.55 -57.74
N SER H 212 0.56 -35.10 -57.26
CA SER H 212 1.30 -34.00 -57.86
C SER H 212 0.41 -32.78 -58.02
N LEU H 213 -0.19 -32.39 -56.90
CA LEU H 213 -1.15 -31.30 -56.83
C LEU H 213 -0.66 -30.16 -55.96
N LEU H 214 0.57 -30.25 -55.45
CA LEU H 214 1.06 -29.30 -54.44
C LEU H 214 1.21 -27.87 -54.95
N ASP H 215 1.22 -27.71 -56.27
CA ASP H 215 1.39 -26.38 -56.84
C ASP H 215 0.33 -26.03 -57.87
N LEU H 216 -0.86 -26.60 -57.69
CA LEU H 216 -2.02 -26.27 -58.52
C LEU H 216 -2.16 -24.77 -58.63
N PRO H 217 -2.32 -24.28 -59.87
CA PRO H 217 -2.62 -22.87 -60.16
C PRO H 217 -4.00 -22.45 -59.65
#